data_7USK
# 
_entry.id   7USK 
# 
_audit_conform.dict_name       mmcif_pdbx.dic 
_audit_conform.dict_version    5.380 
_audit_conform.dict_location   http://mmcif.pdb.org/dictionaries/ascii/mmcif_pdbx.dic 
# 
loop_
_database_2.database_id 
_database_2.database_code 
_database_2.pdbx_database_accession 
_database_2.pdbx_DOI 
PDB   7USK         pdb_00007usk 10.2210/pdb7usk/pdb 
WWPDB D_1000264814 ?            ?                   
# 
_pdbx_database_status.status_code                     REL 
_pdbx_database_status.status_code_sf                  REL 
_pdbx_database_status.status_code_mr                  ? 
_pdbx_database_status.entry_id                        7USK 
_pdbx_database_status.recvd_initial_deposition_date   2022-04-25 
_pdbx_database_status.SG_entry                        N 
_pdbx_database_status.deposit_site                    RCSB 
_pdbx_database_status.process_site                    RCSB 
_pdbx_database_status.status_code_cs                  ? 
_pdbx_database_status.status_code_nmr_data            ? 
_pdbx_database_status.methods_development_category    ? 
_pdbx_database_status.pdb_format_compatible           Y 
# 
loop_
_audit_author.name 
_audit_author.pdbx_ordinal 
_audit_author.identifier_ORCID 
'Jayasinghe, T.D.' 1 0000-0003-3436-0795 
'Ronning, D.R.'    2 0000-0003-2583-8849 
# 
_citation.abstract                  ? 
_citation.abstract_id_CAS           ? 
_citation.book_id_ISBN              ? 
_citation.book_publisher            ? 
_citation.book_publisher_city       ? 
_citation.book_title                ? 
_citation.coordinate_linkage        ? 
_citation.country                   ? 
_citation.database_id_Medline       ? 
_citation.details                   ? 
_citation.id                        primary 
_citation.journal_abbrev            'J Control Release' 
_citation.journal_id_ASTM           ? 
_citation.journal_id_CSD            ? 
_citation.journal_id_ISSN           1873-4995 
_citation.journal_full              ? 
_citation.journal_issue             ? 
_citation.journal_volume            354 
_citation.language                  ? 
_citation.page_first                80 
_citation.page_last                 90 
_citation.title                     'Targeting BRD4 and PI3K signaling pathways for the treatment of medulloblastoma.' 
_citation.year                      2023 
_citation.database_id_CSD           ? 
_citation.pdbx_database_id_DOI      10.1016/j.jconrel.2022.12.055 
_citation.pdbx_database_id_PubMed   36599397 
_citation.pdbx_database_id_patent   ? 
_citation.unpublished_flag          ? 
# 
loop_
_citation_author.citation_id 
_citation_author.name 
_citation_author.ordinal 
_citation_author.identifier_ORCID 
primary 'Sethi, B.'        1 ? 
primary 'Kumar, V.'        2 ? 
primary 'Jayasinghe, T.D.' 3 ? 
primary 'Dong, Y.'         4 ? 
primary 'Ronning, D.R.'    5 ? 
primary 'Zhong, H.A.'      6 ? 
primary 'Coulter, D.W.'    7 ? 
primary 'Mahato, R.I.'     8 ? 
# 
_cell.angle_alpha                  90.000 
_cell.angle_alpha_esd              ? 
_cell.angle_beta                   90.000 
_cell.angle_beta_esd               ? 
_cell.angle_gamma                  90.000 
_cell.angle_gamma_esd              ? 
_cell.entry_id                     7USK 
_cell.details                      ? 
_cell.formula_units_Z              ? 
_cell.length_a                     59.785 
_cell.length_a_esd                 ? 
_cell.length_b                     73.054 
_cell.length_b_esd                 ? 
_cell.length_c                     32.309 
_cell.length_c_esd                 ? 
_cell.volume                       ? 
_cell.volume_esd                   ? 
_cell.Z_PDB                        4 
_cell.reciprocal_angle_alpha       ? 
_cell.reciprocal_angle_beta        ? 
_cell.reciprocal_angle_gamma       ? 
_cell.reciprocal_angle_alpha_esd   ? 
_cell.reciprocal_angle_beta_esd    ? 
_cell.reciprocal_angle_gamma_esd   ? 
_cell.reciprocal_length_a          ? 
_cell.reciprocal_length_b          ? 
_cell.reciprocal_length_c          ? 
_cell.reciprocal_length_a_esd      ? 
_cell.reciprocal_length_b_esd      ? 
_cell.reciprocal_length_c_esd      ? 
_cell.pdbx_unique_axis             ? 
_cell.pdbx_esd_method              ? 
# 
_symmetry.entry_id                         7USK 
_symmetry.cell_setting                     ? 
_symmetry.Int_Tables_number                18 
_symmetry.space_group_name_Hall            ? 
_symmetry.space_group_name_H-M             'P 21 21 2' 
_symmetry.pdbx_full_space_group_name_H-M   ? 
# 
loop_
_entity.id 
_entity.type 
_entity.src_method 
_entity.pdbx_description 
_entity.formula_weight 
_entity.pdbx_number_of_molecules 
_entity.pdbx_ec 
_entity.pdbx_mutation 
_entity.pdbx_fragment 
_entity.details 
1 polymer     man 'Bromodomain-containing protein 4' 12735.874 1   ? ? BD2 ? 
2 non-polymer syn 1,2-ETHANEDIOL                     62.068    4   ? ? ?   ? 
3 non-polymer syn 'DIMETHYL SULFOXIDE'               78.133    2   ? ? ?   ? 
4 water       nat water                              18.015    183 ? ? ?   ? 
# 
_entity_name_com.entity_id   1 
_entity_name_com.name        'Protein HUNK1' 
# 
_entity_poly.entity_id                      1 
_entity_poly.type                           'polypeptide(L)' 
_entity_poly.nstd_linkage                   no 
_entity_poly.nstd_monomer                   no 
_entity_poly.pdbx_seq_one_letter_code       
;GPMEQLKCCSGILKEMFAKKHAAYAWPFYKPVDVEALGLHDYCDIIKHPMDMSTIKSKLEAREYRDAQEFGADVRLMFSN
CYKYNPPDHEVVAMARKLQDVFEMRFAKM
;
_entity_poly.pdbx_seq_one_letter_code_can   
;GPMEQLKCCSGILKEMFAKKHAAYAWPFYKPVDVEALGLHDYCDIIKHPMDMSTIKSKLEAREYRDAQEFGADVRLMFSN
CYKYNPPDHEVVAMARKLQDVFEMRFAKM
;
_entity_poly.pdbx_strand_id                 A 
_entity_poly.pdbx_target_identifier         ? 
# 
loop_
_entity_poly_seq.entity_id 
_entity_poly_seq.num 
_entity_poly_seq.mon_id 
_entity_poly_seq.hetero 
1 1   GLY n 
1 2   PRO n 
1 3   MET n 
1 4   GLU n 
1 5   GLN n 
1 6   LEU n 
1 7   LYS n 
1 8   CYS n 
1 9   CYS n 
1 10  SER n 
1 11  GLY n 
1 12  ILE n 
1 13  LEU n 
1 14  LYS n 
1 15  GLU n 
1 16  MET n 
1 17  PHE n 
1 18  ALA n 
1 19  LYS n 
1 20  LYS n 
1 21  HIS n 
1 22  ALA n 
1 23  ALA n 
1 24  TYR n 
1 25  ALA n 
1 26  TRP n 
1 27  PRO n 
1 28  PHE n 
1 29  TYR n 
1 30  LYS n 
1 31  PRO n 
1 32  VAL n 
1 33  ASP n 
1 34  VAL n 
1 35  GLU n 
1 36  ALA n 
1 37  LEU n 
1 38  GLY n 
1 39  LEU n 
1 40  HIS n 
1 41  ASP n 
1 42  TYR n 
1 43  CYS n 
1 44  ASP n 
1 45  ILE n 
1 46  ILE n 
1 47  LYS n 
1 48  HIS n 
1 49  PRO n 
1 50  MET n 
1 51  ASP n 
1 52  MET n 
1 53  SER n 
1 54  THR n 
1 55  ILE n 
1 56  LYS n 
1 57  SER n 
1 58  LYS n 
1 59  LEU n 
1 60  GLU n 
1 61  ALA n 
1 62  ARG n 
1 63  GLU n 
1 64  TYR n 
1 65  ARG n 
1 66  ASP n 
1 67  ALA n 
1 68  GLN n 
1 69  GLU n 
1 70  PHE n 
1 71  GLY n 
1 72  ALA n 
1 73  ASP n 
1 74  VAL n 
1 75  ARG n 
1 76  LEU n 
1 77  MET n 
1 78  PHE n 
1 79  SER n 
1 80  ASN n 
1 81  CYS n 
1 82  TYR n 
1 83  LYS n 
1 84  TYR n 
1 85  ASN n 
1 86  PRO n 
1 87  PRO n 
1 88  ASP n 
1 89  HIS n 
1 90  GLU n 
1 91  VAL n 
1 92  VAL n 
1 93  ALA n 
1 94  MET n 
1 95  ALA n 
1 96  ARG n 
1 97  LYS n 
1 98  LEU n 
1 99  GLN n 
1 100 ASP n 
1 101 VAL n 
1 102 PHE n 
1 103 GLU n 
1 104 MET n 
1 105 ARG n 
1 106 PHE n 
1 107 ALA n 
1 108 LYS n 
1 109 MET n 
# 
_entity_src_gen.entity_id                          1 
_entity_src_gen.pdbx_src_id                        1 
_entity_src_gen.pdbx_alt_source_flag               sample 
_entity_src_gen.pdbx_seq_type                      'Biological sequence' 
_entity_src_gen.pdbx_beg_seq_num                   1 
_entity_src_gen.pdbx_end_seq_num                   109 
_entity_src_gen.gene_src_common_name               human 
_entity_src_gen.gene_src_genus                     ? 
_entity_src_gen.pdbx_gene_src_gene                 'BRD4, HUNK1' 
_entity_src_gen.gene_src_species                   ? 
_entity_src_gen.gene_src_strain                    ? 
_entity_src_gen.gene_src_tissue                    ? 
_entity_src_gen.gene_src_tissue_fraction           ? 
_entity_src_gen.gene_src_details                   ? 
_entity_src_gen.pdbx_gene_src_fragment             ? 
_entity_src_gen.pdbx_gene_src_scientific_name      'Homo sapiens' 
_entity_src_gen.pdbx_gene_src_ncbi_taxonomy_id     9606 
_entity_src_gen.pdbx_gene_src_variant              ? 
_entity_src_gen.pdbx_gene_src_cell_line            ? 
_entity_src_gen.pdbx_gene_src_atcc                 ? 
_entity_src_gen.pdbx_gene_src_organ                ? 
_entity_src_gen.pdbx_gene_src_organelle            ? 
_entity_src_gen.pdbx_gene_src_cell                 ? 
_entity_src_gen.pdbx_gene_src_cellular_location    ? 
_entity_src_gen.host_org_common_name               ? 
_entity_src_gen.pdbx_host_org_scientific_name      'Escherichia coli' 
_entity_src_gen.pdbx_host_org_ncbi_taxonomy_id     562 
_entity_src_gen.host_org_genus                     ? 
_entity_src_gen.pdbx_host_org_gene                 ? 
_entity_src_gen.pdbx_host_org_organ                ? 
_entity_src_gen.host_org_species                   ? 
_entity_src_gen.pdbx_host_org_tissue               ? 
_entity_src_gen.pdbx_host_org_tissue_fraction      ? 
_entity_src_gen.pdbx_host_org_strain               ? 
_entity_src_gen.pdbx_host_org_variant              ? 
_entity_src_gen.pdbx_host_org_cell_line            ? 
_entity_src_gen.pdbx_host_org_atcc                 ? 
_entity_src_gen.pdbx_host_org_culture_collection   ? 
_entity_src_gen.pdbx_host_org_cell                 ? 
_entity_src_gen.pdbx_host_org_organelle            ? 
_entity_src_gen.pdbx_host_org_cellular_location    ? 
_entity_src_gen.pdbx_host_org_vector_type          ? 
_entity_src_gen.pdbx_host_org_vector               ? 
_entity_src_gen.host_org_details                   ? 
_entity_src_gen.expression_system_id               ? 
_entity_src_gen.plasmid_name                       ? 
_entity_src_gen.plasmid_details                    ? 
_entity_src_gen.pdbx_description                   ? 
# 
_struct_ref.id                         1 
_struct_ref.db_name                    UNP 
_struct_ref.db_code                    BRD4_HUMAN 
_struct_ref.pdbx_db_accession          O60885 
_struct_ref.pdbx_db_isoform            ? 
_struct_ref.entity_id                  1 
_struct_ref.pdbx_seq_one_letter_code   
;EQLKCCSGILKEMFAKKHAAYAWPFYKPVDVEALGLHDYCDIIKHPMDMSTIKSKLEAREYRDAQEFGADVRLMFSNCYK
YNPPDHEVVAMARKLQDVFEMRFAKM
;
_struct_ref.pdbx_align_begin           352 
# 
_struct_ref_seq.align_id                      1 
_struct_ref_seq.ref_id                        1 
_struct_ref_seq.pdbx_PDB_id_code              7USK 
_struct_ref_seq.pdbx_strand_id                A 
_struct_ref_seq.seq_align_beg                 4 
_struct_ref_seq.pdbx_seq_align_beg_ins_code   ? 
_struct_ref_seq.seq_align_end                 109 
_struct_ref_seq.pdbx_seq_align_end_ins_code   ? 
_struct_ref_seq.pdbx_db_accession             O60885 
_struct_ref_seq.db_align_beg                  352 
_struct_ref_seq.pdbx_db_align_beg_ins_code    ? 
_struct_ref_seq.db_align_end                  457 
_struct_ref_seq.pdbx_db_align_end_ins_code    ? 
_struct_ref_seq.pdbx_auth_seq_align_beg       352 
_struct_ref_seq.pdbx_auth_seq_align_end       457 
# 
loop_
_struct_ref_seq_dif.align_id 
_struct_ref_seq_dif.pdbx_pdb_id_code 
_struct_ref_seq_dif.mon_id 
_struct_ref_seq_dif.pdbx_pdb_strand_id 
_struct_ref_seq_dif.seq_num 
_struct_ref_seq_dif.pdbx_pdb_ins_code 
_struct_ref_seq_dif.pdbx_seq_db_name 
_struct_ref_seq_dif.pdbx_seq_db_accession_code 
_struct_ref_seq_dif.db_mon_id 
_struct_ref_seq_dif.pdbx_seq_db_seq_num 
_struct_ref_seq_dif.details 
_struct_ref_seq_dif.pdbx_auth_seq_num 
_struct_ref_seq_dif.pdbx_ordinal 
1 7USK GLY A 1 ? UNP O60885 ? ? 'expression tag' 349 1 
1 7USK PRO A 2 ? UNP O60885 ? ? 'expression tag' 350 2 
1 7USK MET A 3 ? UNP O60885 ? ? 'expression tag' 351 3 
# 
loop_
_chem_comp.id 
_chem_comp.type 
_chem_comp.mon_nstd_flag 
_chem_comp.name 
_chem_comp.pdbx_synonyms 
_chem_comp.formula 
_chem_comp.formula_weight 
ALA 'L-peptide linking' y ALANINE              ?                 'C3 H7 N O2'     89.093  
ARG 'L-peptide linking' y ARGININE             ?                 'C6 H15 N4 O2 1' 175.209 
ASN 'L-peptide linking' y ASPARAGINE           ?                 'C4 H8 N2 O3'    132.118 
ASP 'L-peptide linking' y 'ASPARTIC ACID'      ?                 'C4 H7 N O4'     133.103 
CYS 'L-peptide linking' y CYSTEINE             ?                 'C3 H7 N O2 S'   121.158 
DMS non-polymer         . 'DIMETHYL SULFOXIDE' ?                 'C2 H6 O S'      78.133  
EDO non-polymer         . 1,2-ETHANEDIOL       'ETHYLENE GLYCOL' 'C2 H6 O2'       62.068  
GLN 'L-peptide linking' y GLUTAMINE            ?                 'C5 H10 N2 O3'   146.144 
GLU 'L-peptide linking' y 'GLUTAMIC ACID'      ?                 'C5 H9 N O4'     147.129 
GLY 'peptide linking'   y GLYCINE              ?                 'C2 H5 N O2'     75.067  
HIS 'L-peptide linking' y HISTIDINE            ?                 'C6 H10 N3 O2 1' 156.162 
HOH non-polymer         . WATER                ?                 'H2 O'           18.015  
ILE 'L-peptide linking' y ISOLEUCINE           ?                 'C6 H13 N O2'    131.173 
LEU 'L-peptide linking' y LEUCINE              ?                 'C6 H13 N O2'    131.173 
LYS 'L-peptide linking' y LYSINE               ?                 'C6 H15 N2 O2 1' 147.195 
MET 'L-peptide linking' y METHIONINE           ?                 'C5 H11 N O2 S'  149.211 
PHE 'L-peptide linking' y PHENYLALANINE        ?                 'C9 H11 N O2'    165.189 
PRO 'L-peptide linking' y PROLINE              ?                 'C5 H9 N O2'     115.130 
SER 'L-peptide linking' y SERINE               ?                 'C3 H7 N O3'     105.093 
THR 'L-peptide linking' y THREONINE            ?                 'C4 H9 N O3'     119.119 
TRP 'L-peptide linking' y TRYPTOPHAN           ?                 'C11 H12 N2 O2'  204.225 
TYR 'L-peptide linking' y TYROSINE             ?                 'C9 H11 N O3'    181.189 
VAL 'L-peptide linking' y VALINE               ?                 'C5 H11 N O2'    117.146 
# 
_exptl.absorpt_coefficient_mu     ? 
_exptl.absorpt_correction_T_max   ? 
_exptl.absorpt_correction_T_min   ? 
_exptl.absorpt_correction_type    ? 
_exptl.absorpt_process_details    ? 
_exptl.entry_id                   7USK 
_exptl.crystals_number            1 
_exptl.details                    ? 
_exptl.method                     'X-RAY DIFFRACTION' 
_exptl.method_details             ? 
# 
_exptl_crystal.colour                       ? 
_exptl_crystal.density_diffrn               ? 
_exptl_crystal.density_Matthews             2.77 
_exptl_crystal.density_method               ? 
_exptl_crystal.density_percent_sol          55.59 
_exptl_crystal.description                  ? 
_exptl_crystal.F_000                        ? 
_exptl_crystal.id                           1 
_exptl_crystal.preparation                  ? 
_exptl_crystal.size_max                     ? 
_exptl_crystal.size_mid                     ? 
_exptl_crystal.size_min                     ? 
_exptl_crystal.size_rad                     ? 
_exptl_crystal.colour_lustre                ? 
_exptl_crystal.colour_modifier              ? 
_exptl_crystal.colour_primary               ? 
_exptl_crystal.density_meas                 ? 
_exptl_crystal.density_meas_esd             ? 
_exptl_crystal.density_meas_gt              ? 
_exptl_crystal.density_meas_lt              ? 
_exptl_crystal.density_meas_temp            ? 
_exptl_crystal.density_meas_temp_esd        ? 
_exptl_crystal.density_meas_temp_gt         ? 
_exptl_crystal.density_meas_temp_lt         ? 
_exptl_crystal.pdbx_crystal_image_url       ? 
_exptl_crystal.pdbx_crystal_image_format    ? 
_exptl_crystal.pdbx_mosaicity               ? 
_exptl_crystal.pdbx_mosaicity_esd           ? 
_exptl_crystal.pdbx_mosaic_method           ? 
_exptl_crystal.pdbx_mosaic_block_size       ? 
_exptl_crystal.pdbx_mosaic_block_size_esd   ? 
# 
_exptl_crystal_grow.apparatus       ? 
_exptl_crystal_grow.atmosphere      ? 
_exptl_crystal_grow.crystal_id      1 
_exptl_crystal_grow.details         ? 
_exptl_crystal_grow.method          'VAPOR DIFFUSION, HANGING DROP' 
_exptl_crystal_grow.method_ref      ? 
_exptl_crystal_grow.pH              7.5 
_exptl_crystal_grow.pressure        ? 
_exptl_crystal_grow.pressure_esd    ? 
_exptl_crystal_grow.seeding         ? 
_exptl_crystal_grow.seeding_ref     ? 
_exptl_crystal_grow.temp            289.15 
_exptl_crystal_grow.temp_details    ? 
_exptl_crystal_grow.temp_esd        ? 
_exptl_crystal_grow.time            ? 
_exptl_crystal_grow.pdbx_details    '0.1 M HEPES pH 7.5, 28 % w/v PEG 3350' 
_exptl_crystal_grow.pdbx_pH_range   ? 
# 
_diffrn.ambient_environment              ? 
_diffrn.ambient_temp                     100 
_diffrn.ambient_temp_details             ? 
_diffrn.ambient_temp_esd                 ? 
_diffrn.crystal_id                       1 
_diffrn.crystal_support                  ? 
_diffrn.crystal_treatment                ? 
_diffrn.details                          ? 
_diffrn.id                               1 
_diffrn.ambient_pressure                 ? 
_diffrn.ambient_pressure_esd             ? 
_diffrn.ambient_pressure_gt              ? 
_diffrn.ambient_pressure_lt              ? 
_diffrn.ambient_temp_gt                  ? 
_diffrn.ambient_temp_lt                  ? 
_diffrn.pdbx_serial_crystal_experiment   N 
# 
_diffrn_detector.details                      ? 
_diffrn_detector.detector                     CCD 
_diffrn_detector.diffrn_id                    1 
_diffrn_detector.type                         'MARMOSAIC 225 mm CCD' 
_diffrn_detector.area_resol_mean              ? 
_diffrn_detector.dtime                        ? 
_diffrn_detector.pdbx_frames_total            ? 
_diffrn_detector.pdbx_collection_time_total   ? 
_diffrn_detector.pdbx_collection_date         2021-12-11 
_diffrn_detector.pdbx_frequency               ? 
# 
_diffrn_radiation.collimation                      ? 
_diffrn_radiation.diffrn_id                        1 
_diffrn_radiation.filter_edge                      ? 
_diffrn_radiation.inhomogeneity                    ? 
_diffrn_radiation.monochromator                    ? 
_diffrn_radiation.polarisn_norm                    ? 
_diffrn_radiation.polarisn_ratio                   ? 
_diffrn_radiation.probe                            ? 
_diffrn_radiation.type                             ? 
_diffrn_radiation.xray_symbol                      ? 
_diffrn_radiation.wavelength_id                    1 
_diffrn_radiation.pdbx_monochromatic_or_laue_m_l   M 
_diffrn_radiation.pdbx_wavelength_list             ? 
_diffrn_radiation.pdbx_wavelength                  ? 
_diffrn_radiation.pdbx_diffrn_protocol             'SINGLE WAVELENGTH' 
_diffrn_radiation.pdbx_analyzer                    ? 
_diffrn_radiation.pdbx_scattering_type             x-ray 
# 
_diffrn_radiation_wavelength.id           1 
_diffrn_radiation_wavelength.wavelength   0.98 
_diffrn_radiation_wavelength.wt           1.0 
# 
_diffrn_source.current                     ? 
_diffrn_source.details                     ? 
_diffrn_source.diffrn_id                   1 
_diffrn_source.power                       ? 
_diffrn_source.size                        ? 
_diffrn_source.source                      SYNCHROTRON 
_diffrn_source.target                      ? 
_diffrn_source.type                        'APS BEAMLINE 21-ID-D' 
_diffrn_source.voltage                     ? 
_diffrn_source.take-off_angle              ? 
_diffrn_source.pdbx_wavelength_list        0.98 
_diffrn_source.pdbx_wavelength             ? 
_diffrn_source.pdbx_synchrotron_beamline   21-ID-D 
_diffrn_source.pdbx_synchrotron_site       APS 
# 
_reflns.B_iso_Wilson_estimate                          ? 
_reflns.entry_id                                       7USK 
_reflns.data_reduction_details                         ? 
_reflns.data_reduction_method                          ? 
_reflns.d_resolution_high                              1.22 
_reflns.d_resolution_low                               19.45 
_reflns.details                                        ? 
_reflns.limit_h_max                                    ? 
_reflns.limit_h_min                                    ? 
_reflns.limit_k_max                                    ? 
_reflns.limit_k_min                                    ? 
_reflns.limit_l_max                                    ? 
_reflns.limit_l_min                                    ? 
_reflns.number_all                                     ? 
_reflns.number_obs                                     41150 
_reflns.observed_criterion                             ? 
_reflns.observed_criterion_F_max                       ? 
_reflns.observed_criterion_F_min                       ? 
_reflns.observed_criterion_I_max                       ? 
_reflns.observed_criterion_I_min                       ? 
_reflns.observed_criterion_sigma_F                     ? 
_reflns.observed_criterion_sigma_I                     ? 
_reflns.percent_possible_obs                           95.77 
_reflns.R_free_details                                 ? 
_reflns.Rmerge_F_all                                   ? 
_reflns.Rmerge_F_obs                                   ? 
_reflns.Friedel_coverage                               ? 
_reflns.number_gt                                      ? 
_reflns.threshold_expression                           ? 
_reflns.pdbx_redundancy                                4.8 
_reflns.pdbx_Rmerge_I_obs                              0.077 
_reflns.pdbx_Rmerge_I_all                              ? 
_reflns.pdbx_Rsym_value                                ? 
_reflns.pdbx_netI_over_av_sigmaI                       ? 
_reflns.pdbx_netI_over_sigmaI                          37.9 
_reflns.pdbx_res_netI_over_av_sigmaI_2                 ? 
_reflns.pdbx_res_netI_over_sigmaI_2                    ? 
_reflns.pdbx_chi_squared                               ? 
_reflns.pdbx_scaling_rejects                           ? 
_reflns.pdbx_d_res_high_opt                            ? 
_reflns.pdbx_d_res_low_opt                             ? 
_reflns.pdbx_d_res_opt_method                          ? 
_reflns.phase_calculation_details                      ? 
_reflns.pdbx_Rrim_I_all                                ? 
_reflns.pdbx_Rpim_I_all                                0.036 
_reflns.pdbx_d_opt                                     ? 
_reflns.pdbx_number_measured_all                       ? 
_reflns.pdbx_diffrn_id                                 1 
_reflns.pdbx_ordinal                                   1 
_reflns.pdbx_CC_half                                   0.999 
_reflns.pdbx_CC_star                                   ? 
_reflns.pdbx_R_split                                   ? 
_reflns.pdbx_aniso_diffraction_limit_axis_1_ortho[1]   ? 
_reflns.pdbx_aniso_diffraction_limit_axis_1_ortho[2]   ? 
_reflns.pdbx_aniso_diffraction_limit_axis_1_ortho[3]   ? 
_reflns.pdbx_aniso_diffraction_limit_axis_2_ortho[1]   ? 
_reflns.pdbx_aniso_diffraction_limit_axis_2_ortho[2]   ? 
_reflns.pdbx_aniso_diffraction_limit_axis_2_ortho[3]   ? 
_reflns.pdbx_aniso_diffraction_limit_axis_3_ortho[1]   ? 
_reflns.pdbx_aniso_diffraction_limit_axis_3_ortho[2]   ? 
_reflns.pdbx_aniso_diffraction_limit_axis_3_ortho[3]   ? 
_reflns.pdbx_aniso_diffraction_limit_1                 ? 
_reflns.pdbx_aniso_diffraction_limit_2                 ? 
_reflns.pdbx_aniso_diffraction_limit_3                 ? 
_reflns.pdbx_aniso_B_tensor_eigenvector_1_ortho[1]     ? 
_reflns.pdbx_aniso_B_tensor_eigenvector_1_ortho[2]     ? 
_reflns.pdbx_aniso_B_tensor_eigenvector_1_ortho[3]     ? 
_reflns.pdbx_aniso_B_tensor_eigenvector_2_ortho[1]     ? 
_reflns.pdbx_aniso_B_tensor_eigenvector_2_ortho[2]     ? 
_reflns.pdbx_aniso_B_tensor_eigenvector_2_ortho[3]     ? 
_reflns.pdbx_aniso_B_tensor_eigenvector_3_ortho[1]     ? 
_reflns.pdbx_aniso_B_tensor_eigenvector_3_ortho[2]     ? 
_reflns.pdbx_aniso_B_tensor_eigenvector_3_ortho[3]     ? 
_reflns.pdbx_aniso_B_tensor_eigenvalue_1               ? 
_reflns.pdbx_aniso_B_tensor_eigenvalue_2               ? 
_reflns.pdbx_aniso_B_tensor_eigenvalue_3               ? 
_reflns.pdbx_orthogonalization_convention              ? 
_reflns.pdbx_percent_possible_ellipsoidal              ? 
_reflns.pdbx_percent_possible_spherical                ? 
_reflns.pdbx_percent_possible_ellipsoidal_anomalous    ? 
_reflns.pdbx_percent_possible_spherical_anomalous      ? 
_reflns.pdbx_redundancy_anomalous                      ? 
_reflns.pdbx_CC_half_anomalous                         ? 
_reflns.pdbx_absDiff_over_sigma_anomalous              ? 
_reflns.pdbx_percent_possible_anomalous                ? 
_reflns.pdbx_observed_signal_threshold                 ? 
_reflns.pdbx_signal_type                               ? 
_reflns.pdbx_signal_details                            ? 
_reflns.pdbx_signal_software_id                        ? 
_reflns.pdbx_CC_split_method                           ? 
# 
_reflns_shell.d_res_high                                    1.22 
_reflns_shell.d_res_low                                     1.264 
_reflns_shell.meanI_over_sigI_all                           ? 
_reflns_shell.meanI_over_sigI_obs                           ? 
_reflns_shell.number_measured_all                           ? 
_reflns_shell.number_measured_obs                           ? 
_reflns_shell.number_possible                               ? 
_reflns_shell.number_unique_all                             ? 
_reflns_shell.number_unique_obs                             4226 
_reflns_shell.percent_possible_all                          ? 
_reflns_shell.percent_possible_obs                          ? 
_reflns_shell.Rmerge_F_all                                  ? 
_reflns_shell.Rmerge_F_obs                                  ? 
_reflns_shell.Rmerge_I_all                                  ? 
_reflns_shell.Rmerge_I_obs                                  ? 
_reflns_shell.meanI_over_sigI_gt                            ? 
_reflns_shell.meanI_over_uI_all                             ? 
_reflns_shell.meanI_over_uI_gt                              ? 
_reflns_shell.number_measured_gt                            ? 
_reflns_shell.number_unique_gt                              ? 
_reflns_shell.percent_possible_gt                           ? 
_reflns_shell.Rmerge_F_gt                                   ? 
_reflns_shell.Rmerge_I_gt                                   ? 
_reflns_shell.pdbx_redundancy                               ? 
_reflns_shell.pdbx_Rsym_value                               ? 
_reflns_shell.pdbx_chi_squared                              ? 
_reflns_shell.pdbx_netI_over_sigmaI_all                     ? 
_reflns_shell.pdbx_netI_over_sigmaI_obs                     ? 
_reflns_shell.pdbx_Rrim_I_all                               ? 
_reflns_shell.pdbx_Rpim_I_all                               ? 
_reflns_shell.pdbx_rejects                                  ? 
_reflns_shell.pdbx_ordinal                                  1 
_reflns_shell.pdbx_diffrn_id                                1 
_reflns_shell.pdbx_CC_half                                  0.832 
_reflns_shell.pdbx_CC_star                                  ? 
_reflns_shell.pdbx_R_split                                  ? 
_reflns_shell.pdbx_percent_possible_ellipsoidal             ? 
_reflns_shell.pdbx_percent_possible_spherical               ? 
_reflns_shell.pdbx_percent_possible_ellipsoidal_anomalous   ? 
_reflns_shell.pdbx_percent_possible_spherical_anomalous     ? 
_reflns_shell.pdbx_redundancy_anomalous                     ? 
_reflns_shell.pdbx_CC_half_anomalous                        ? 
_reflns_shell.pdbx_absDiff_over_sigma_anomalous             ? 
_reflns_shell.pdbx_percent_possible_anomalous               ? 
# 
_refine.aniso_B[1][1]                            ? 
_refine.aniso_B[1][2]                            ? 
_refine.aniso_B[1][3]                            ? 
_refine.aniso_B[2][2]                            ? 
_refine.aniso_B[2][3]                            ? 
_refine.aniso_B[3][3]                            ? 
_refine.B_iso_max                                54.590 
_refine.B_iso_mean                               20.2620 
_refine.B_iso_min                                11.760 
_refine.correlation_coeff_Fo_to_Fc               ? 
_refine.correlation_coeff_Fo_to_Fc_free          ? 
_refine.details                                  ? 
_refine.diff_density_max                         ? 
_refine.diff_density_max_esd                     ? 
_refine.diff_density_min                         ? 
_refine.diff_density_min_esd                     ? 
_refine.diff_density_rms                         ? 
_refine.diff_density_rms_esd                     ? 
_refine.entry_id                                 7USK 
_refine.pdbx_refine_id                           'X-RAY DIFFRACTION' 
_refine.ls_abs_structure_details                 ? 
_refine.ls_abs_structure_Flack                   ? 
_refine.ls_abs_structure_Flack_esd               ? 
_refine.ls_abs_structure_Rogers                  ? 
_refine.ls_abs_structure_Rogers_esd              ? 
_refine.ls_d_res_high                            1.2200 
_refine.ls_d_res_low                             19.45 
_refine.ls_extinction_coef                       ? 
_refine.ls_extinction_coef_esd                   ? 
_refine.ls_extinction_expression                 ? 
_refine.ls_extinction_method                     ? 
_refine.ls_goodness_of_fit_all                   ? 
_refine.ls_goodness_of_fit_all_esd               ? 
_refine.ls_goodness_of_fit_obs                   ? 
_refine.ls_goodness_of_fit_obs_esd               ? 
_refine.ls_hydrogen_treatment                    ? 
_refine.ls_matrix_type                           ? 
_refine.ls_number_constraints                    ? 
_refine.ls_number_parameters                     ? 
_refine.ls_number_reflns_all                     ? 
_refine.ls_number_reflns_obs                     41150 
_refine.ls_number_reflns_R_free                  2000 
_refine.ls_number_reflns_R_work                  39265 
_refine.ls_number_restraints                     ? 
_refine.ls_percent_reflns_obs                    95.5200 
_refine.ls_percent_reflns_R_free                 4.8500 
_refine.ls_R_factor_all                          ? 
_refine.ls_R_factor_obs                          0.2136 
_refine.ls_R_factor_R_free                       0.2320 
_refine.ls_R_factor_R_free_error                 ? 
_refine.ls_R_factor_R_free_error_details         ? 
_refine.ls_R_factor_R_work                       0.2127 
_refine.ls_R_Fsqd_factor_obs                     ? 
_refine.ls_R_I_factor_obs                        ? 
_refine.ls_redundancy_reflns_all                 ? 
_refine.ls_redundancy_reflns_obs                 ? 
_refine.ls_restrained_S_all                      ? 
_refine.ls_restrained_S_obs                      ? 
_refine.ls_shift_over_esd_max                    ? 
_refine.ls_shift_over_esd_mean                   ? 
_refine.ls_structure_factor_coef                 ? 
_refine.ls_weighting_details                     ? 
_refine.ls_weighting_scheme                      ? 
_refine.ls_wR_factor_all                         ? 
_refine.ls_wR_factor_obs                         ? 
_refine.ls_wR_factor_R_free                      ? 
_refine.ls_wR_factor_R_work                      ? 
_refine.occupancy_max                            ? 
_refine.occupancy_min                            ? 
_refine.solvent_model_details                    'FLAT BULK SOLVENT MODEL' 
_refine.solvent_model_param_bsol                 ? 
_refine.solvent_model_param_ksol                 ? 
_refine.pdbx_R_complete                          ? 
_refine.ls_R_factor_gt                           ? 
_refine.ls_goodness_of_fit_gt                    ? 
_refine.ls_goodness_of_fit_ref                   ? 
_refine.ls_shift_over_su_max                     ? 
_refine.ls_shift_over_su_max_lt                  ? 
_refine.ls_shift_over_su_mean                    ? 
_refine.ls_shift_over_su_mean_lt                 ? 
_refine.pdbx_ls_sigma_I                          ? 
_refine.pdbx_ls_sigma_F                          1.380 
_refine.pdbx_ls_sigma_Fsqd                       ? 
_refine.pdbx_data_cutoff_high_absF               ? 
_refine.pdbx_data_cutoff_high_rms_absF           ? 
_refine.pdbx_data_cutoff_low_absF                ? 
_refine.pdbx_isotropic_thermal_model             ? 
_refine.pdbx_ls_cross_valid_method               THROUGHOUT 
_refine.pdbx_method_to_determine_struct          'MOLECULAR REPLACEMENT' 
_refine.pdbx_starting_model                      5UF0 
_refine.pdbx_stereochemistry_target_values       ML 
_refine.pdbx_R_Free_selection_details            ? 
_refine.pdbx_stereochem_target_val_spec_case     ? 
_refine.pdbx_overall_ESU_R                       ? 
_refine.pdbx_overall_ESU_R_Free                  ? 
_refine.pdbx_solvent_vdw_probe_radii             1.1100 
_refine.pdbx_solvent_ion_probe_radii             ? 
_refine.pdbx_solvent_shrinkage_radii             0.9000 
_refine.pdbx_real_space_R                        ? 
_refine.pdbx_density_correlation                 ? 
_refine.pdbx_pd_number_of_powder_patterns        ? 
_refine.pdbx_pd_number_of_points                 ? 
_refine.pdbx_pd_meas_number_of_points            ? 
_refine.pdbx_pd_proc_ls_prof_R_factor            ? 
_refine.pdbx_pd_proc_ls_prof_wR_factor           ? 
_refine.pdbx_pd_Marquardt_correlation_coeff      ? 
_refine.pdbx_pd_Fsqrd_R_factor                   ? 
_refine.pdbx_pd_ls_matrix_band_width             ? 
_refine.pdbx_overall_phase_error                 21.7100 
_refine.pdbx_overall_SU_R_free_Cruickshank_DPI   ? 
_refine.pdbx_overall_SU_R_free_Blow_DPI          ? 
_refine.pdbx_overall_SU_R_Blow_DPI               ? 
_refine.pdbx_TLS_residual_ADP_flag               ? 
_refine.pdbx_diffrn_id                           1 
_refine.overall_SU_B                             ? 
_refine.overall_SU_ML                            0.1100 
_refine.overall_SU_R_Cruickshank_DPI             ? 
_refine.overall_SU_R_free                        ? 
_refine.overall_FOM_free_R_set                   ? 
_refine.overall_FOM_work_R_set                   ? 
_refine.pdbx_average_fsc_overall                 ? 
_refine.pdbx_average_fsc_work                    ? 
_refine.pdbx_average_fsc_free                    ? 
# 
_refine_hist.pdbx_refine_id                   'X-RAY DIFFRACTION' 
_refine_hist.cycle_id                         final 
_refine_hist.details                          ? 
_refine_hist.d_res_high                       1.2200 
_refine_hist.d_res_low                        19.45 
_refine_hist.number_atoms_solvent             183 
_refine_hist.number_atoms_total               1086 
_refine_hist.number_reflns_all                ? 
_refine_hist.number_reflns_obs                ? 
_refine_hist.number_reflns_R_free             ? 
_refine_hist.number_reflns_R_work             ? 
_refine_hist.R_factor_all                     ? 
_refine_hist.R_factor_obs                     ? 
_refine_hist.R_factor_R_free                  ? 
_refine_hist.R_factor_R_work                  ? 
_refine_hist.pdbx_number_residues_total       108 
_refine_hist.pdbx_B_iso_mean_ligand           30.87 
_refine_hist.pdbx_B_iso_mean_solvent          28.32 
_refine_hist.pdbx_number_atoms_protein        879 
_refine_hist.pdbx_number_atoms_nucleic_acid   0 
_refine_hist.pdbx_number_atoms_ligand         24 
_refine_hist.pdbx_number_atoms_lipid          ? 
_refine_hist.pdbx_number_atoms_carb           ? 
_refine_hist.pdbx_pseudo_atom_details         ? 
# 
loop_
_refine_ls_shell.pdbx_refine_id 
_refine_ls_shell.d_res_high 
_refine_ls_shell.d_res_low 
_refine_ls_shell.number_reflns_all 
_refine_ls_shell.number_reflns_obs 
_refine_ls_shell.number_reflns_R_free 
_refine_ls_shell.number_reflns_R_work 
_refine_ls_shell.percent_reflns_obs 
_refine_ls_shell.percent_reflns_R_free 
_refine_ls_shell.R_factor_all 
_refine_ls_shell.R_factor_obs 
_refine_ls_shell.R_factor_R_free 
_refine_ls_shell.R_factor_R_free_error 
_refine_ls_shell.R_factor_R_work 
_refine_ls_shell.redundancy_reflns_all 
_refine_ls_shell.redundancy_reflns_obs 
_refine_ls_shell.wR_factor_all 
_refine_ls_shell.wR_factor_obs 
_refine_ls_shell.wR_factor_R_free 
_refine_ls_shell.wR_factor_R_work 
_refine_ls_shell.pdbx_R_complete 
_refine_ls_shell.pdbx_total_number_of_bins_used 
_refine_ls_shell.pdbx_phase_error 
_refine_ls_shell.pdbx_fsc_work 
_refine_ls_shell.pdbx_fsc_free 
'X-RAY DIFFRACTION' 1.2200 1.2500 . . 140 2763 96.0000  . . . 0.2539 0.0000 0.2539 . . . . . . . . . . . 
'X-RAY DIFFRACTION' 1.2500 1.2800 . . 147 2882 100.0000 . . . 0.2530 0.0000 0.2417 . . . . . . . . . . . 
'X-RAY DIFFRACTION' 1.2800 1.3200 . . 147 2869 100.0000 . . . 0.2271 0.0000 0.2317 . . . . . . . . . . . 
'X-RAY DIFFRACTION' 1.3200 1.3600 . . 148 2910 100.0000 . . . 0.2640 0.0000 0.2231 . . . . . . . . . . . 
'X-RAY DIFFRACTION' 1.3600 1.4100 . . 148 2898 100.0000 . . . 0.2214 0.0000 0.2107 . . . . . . . . . . . 
'X-RAY DIFFRACTION' 1.4100 1.4700 . . 148 2897 99.0000  . . . 0.2280 0.0000 0.2102 . . . . . . . . . . . 
'X-RAY DIFFRACTION' 1.4700 1.5300 . . 146 2874 99.0000  . . . 0.2394 0.0000 0.2063 . . . . . . . . . . . 
'X-RAY DIFFRACTION' 1.5300 1.6100 . . 146 2883 99.0000  . . . 0.2209 0.0000 0.2014 . . . . . . . . . . . 
'X-RAY DIFFRACTION' 1.6100 1.7200 . . 148 2894 99.0000  . . . 0.2078 0.0000 0.2041 . . . . . . . . . . . 
'X-RAY DIFFRACTION' 1.7200 1.8500 . . 149 2910 99.0000  . . . 0.2270 0.0000 0.2004 . . . . . . . . . . . 
'X-RAY DIFFRACTION' 1.8500 2.0300 . . 148 2941 99.0000  . . . 0.2286 0.0000 0.2047 . . . . . . . . . . . 
'X-RAY DIFFRACTION' 2.0300 2.3300 . . 151 2946 99.0000  . . . 0.2171 0.0000 0.1929 . . . . . . . . . . . 
'X-RAY DIFFRACTION' 2.3300 2.9300 . . 146 2878 96.0000  . . . 0.2333 0.0000 0.2050 . . . . . . . . . . . 
'X-RAY DIFFRACTION' 2.9300 19.45  . . 88  1720 55.0000  . . . 0.2553 0.0000 0.2568 . . . . . . . . . . . 
# 
_struct.entry_id                     7USK 
_struct.title                        'BRD4-BD2 Ligand free' 
_struct.pdbx_model_details           ? 
_struct.pdbx_formula_weight          ? 
_struct.pdbx_formula_weight_method   ? 
_struct.pdbx_model_type_details      ? 
_struct.pdbx_CASP_flag               N 
# 
_struct_keywords.entry_id        7USK 
_struct_keywords.text            'Acetyllysine binding pocket, TRANSCRIPTION' 
_struct_keywords.pdbx_keywords   TRANSCRIPTION 
# 
loop_
_struct_asym.id 
_struct_asym.pdbx_blank_PDB_chainid_flag 
_struct_asym.pdbx_modified 
_struct_asym.entity_id 
_struct_asym.details 
A N N 1 ? 
B N N 2 ? 
C N N 2 ? 
D N N 3 ? 
E N N 3 ? 
F N N 2 ? 
G N N 2 ? 
H N N 4 ? 
# 
loop_
_struct_conf.conf_type_id 
_struct_conf.id 
_struct_conf.pdbx_PDB_helix_id 
_struct_conf.beg_label_comp_id 
_struct_conf.beg_label_asym_id 
_struct_conf.beg_label_seq_id 
_struct_conf.pdbx_beg_PDB_ins_code 
_struct_conf.end_label_comp_id 
_struct_conf.end_label_asym_id 
_struct_conf.end_label_seq_id 
_struct_conf.pdbx_end_PDB_ins_code 
_struct_conf.beg_auth_comp_id 
_struct_conf.beg_auth_asym_id 
_struct_conf.beg_auth_seq_id 
_struct_conf.end_auth_comp_id 
_struct_conf.end_auth_asym_id 
_struct_conf.end_auth_seq_id 
_struct_conf.pdbx_PDB_helix_class 
_struct_conf.details 
_struct_conf.pdbx_PDB_helix_length 
HELX_P HELX_P1 AA1 GLY A 1  ? PHE A 17  ? GLY A 349 PHE A 365 1 ? 17 
HELX_P HELX_P2 AA2 ALA A 18 ? LYS A 20  ? ALA A 366 LYS A 368 5 ? 3  
HELX_P HELX_P3 AA3 HIS A 21 ? TRP A 26  ? HIS A 369 TRP A 374 1 ? 6  
HELX_P HELX_P4 AA4 PRO A 27 ? TYR A 29  ? PRO A 375 TYR A 377 5 ? 3  
HELX_P HELX_P5 AA5 ASP A 41 ? ILE A 46  ? ASP A 389 ILE A 394 1 ? 6  
HELX_P HELX_P6 AA6 ASP A 51 ? ALA A 61  ? ASP A 399 ALA A 409 1 ? 11 
HELX_P HELX_P7 AA7 ASP A 66 ? ASN A 85  ? ASP A 414 ASN A 433 1 ? 20 
HELX_P HELX_P8 AA8 HIS A 89 ? LYS A 108 ? HIS A 437 LYS A 456 1 ? 20 
# 
_struct_conf_type.id          HELX_P 
_struct_conf_type.criteria    ? 
_struct_conf_type.reference   ? 
# 
_atom_sites.entry_id                    7USK 
_atom_sites.Cartn_transf_matrix[1][1]   ? 
_atom_sites.Cartn_transf_matrix[1][2]   ? 
_atom_sites.Cartn_transf_matrix[1][3]   ? 
_atom_sites.Cartn_transf_matrix[2][1]   ? 
_atom_sites.Cartn_transf_matrix[2][2]   ? 
_atom_sites.Cartn_transf_matrix[2][3]   ? 
_atom_sites.Cartn_transf_matrix[3][1]   ? 
_atom_sites.Cartn_transf_matrix[3][2]   ? 
_atom_sites.Cartn_transf_matrix[3][3]   ? 
_atom_sites.Cartn_transf_vector[1]      ? 
_atom_sites.Cartn_transf_vector[2]      ? 
_atom_sites.Cartn_transf_vector[3]      ? 
_atom_sites.fract_transf_matrix[1][1]   -0.00547587 
_atom_sites.fract_transf_matrix[1][2]   -0.01448567 
_atom_sites.fract_transf_matrix[1][3]   -0.00632241 
_atom_sites.fract_transf_matrix[2][1]   0.01235856 
_atom_sites.fract_transf_matrix[2][2]   -0.00230816 
_atom_sites.fract_transf_matrix[2][3]   -0.00541544 
_atom_sites.fract_transf_matrix[3][1]   0.00863112 
_atom_sites.fract_transf_matrix[3][2]   -0.01457014 
_atom_sites.fract_transf_matrix[3][3]   0.02590713 
_atom_sites.fract_transf_vector[1]      -0.321939 
_atom_sites.fract_transf_vector[2]      0.031415 
_atom_sites.fract_transf_vector[3]      -0.338870 
_atom_sites.solution_primary            ? 
_atom_sites.solution_secondary          ? 
_atom_sites.solution_hydrogens          ? 
_atom_sites.special_details             ? 
# 
loop_
_atom_type.symbol 
C 
N 
O 
S 
# 
loop_
_atom_site.group_PDB 
_atom_site.id 
_atom_site.type_symbol 
_atom_site.label_atom_id 
_atom_site.label_alt_id 
_atom_site.label_comp_id 
_atom_site.label_asym_id 
_atom_site.label_entity_id 
_atom_site.label_seq_id 
_atom_site.pdbx_PDB_ins_code 
_atom_site.Cartn_x 
_atom_site.Cartn_y 
_atom_site.Cartn_z 
_atom_site.occupancy 
_atom_site.B_iso_or_equiv 
_atom_site.pdbx_formal_charge 
_atom_site.auth_seq_id 
_atom_site.auth_comp_id 
_atom_site.auth_asym_id 
_atom_site.auth_atom_id 
_atom_site.pdbx_PDB_model_num 
ATOM   1    N N   . GLY A 1 1   ? -13.177 -0.181  19.992  1.00 35.32 ? 349 GLY A N   1 
ATOM   2    C CA  . GLY A 1 1   ? -11.827 -0.430  20.460  1.00 33.81 ? 349 GLY A CA  1 
ATOM   3    C C   . GLY A 1 1   ? -10.917 -0.838  19.322  1.00 31.79 ? 349 GLY A C   1 
ATOM   4    O O   . GLY A 1 1   ? -11.271 -0.641  18.160  1.00 32.65 ? 349 GLY A O   1 
ATOM   5    N N   . PRO A 1 2   ? -9.750  -1.402  19.652  1.00 32.40 ? 350 PRO A N   1 
ATOM   6    C CA  . PRO A 1 2   ? -8.837  -1.871  18.595  1.00 30.78 ? 350 PRO A CA  1 
ATOM   7    C C   . PRO A 1 2   ? -9.511  -2.763  17.569  1.00 27.15 ? 350 PRO A C   1 
ATOM   8    O O   . PRO A 1 2   ? -9.231  -2.642  16.367  1.00 24.84 ? 350 PRO A O   1 
ATOM   9    C CB  . PRO A 1 2   ? -7.757  -2.621  19.388  1.00 33.18 ? 350 PRO A CB  1 
ATOM   10   C CG  . PRO A 1 2   ? -7.756  -1.944  20.731  1.00 33.11 ? 350 PRO A CG  1 
ATOM   11   C CD  . PRO A 1 2   ? -9.197  -1.614  21.002  1.00 36.16 ? 350 PRO A CD  1 
ATOM   12   N N   . MET A 1 3   ? -10.401 -3.655  18.015  1.00 26.99 ? 351 MET A N   1 
ATOM   13   C CA  . MET A 1 3   ? -11.157 -4.493  17.092  1.00 29.83 ? 351 MET A CA  1 
ATOM   14   C C   . MET A 1 3   ? -11.925 -3.644  16.086  1.00 31.81 ? 351 MET A C   1 
ATOM   15   O O   . MET A 1 3   ? -11.919 -3.938  14.883  1.00 26.73 ? 351 MET A O   1 
ATOM   16   C CB  . MET A 1 3   ? -12.113 -5.388  17.884  1.00 34.61 ? 351 MET A CB  1 
ATOM   17   C CG  . MET A 1 3   ? -13.172 -6.091  17.050  1.00 38.23 ? 351 MET A CG  1 
ATOM   18   S SD  . MET A 1 3   ? -14.267 -7.120  18.056  1.00 54.59 ? 351 MET A SD  1 
ATOM   19   C CE  . MET A 1 3   ? -14.715 -8.403  16.886  1.00 33.58 ? 351 MET A CE  1 
ATOM   20   N N   . GLU A 1 4   ? -12.576 -2.577  16.562  1.00 27.47 ? 352 GLU A N   1 
ATOM   21   C CA  . GLU A 1 4   ? -13.329 -1.691  15.679  1.00 28.73 ? 352 GLU A CA  1 
ATOM   22   C C   . GLU A 1 4   ? -12.405 -0.944  14.724  1.00 24.12 ? 352 GLU A C   1 
ATOM   23   O O   . GLU A 1 4   ? -12.720 -0.795  13.538  1.00 23.05 ? 352 GLU A O   1 
ATOM   24   C CB  . GLU A 1 4   ? -14.124 -0.683  16.514  1.00 34.12 ? 352 GLU A CB  1 
ATOM   25   C CG  . GLU A 1 4   ? -15.140 -1.294  17.470  1.00 37.40 ? 352 GLU A CG  1 
ATOM   26   C CD  . GLU A 1 4   ? -16.204 -2.109  16.766  1.00 46.16 ? 352 GLU A CD  1 
ATOM   27   O OE1 . GLU A 1 4   ? -16.799 -1.600  15.790  1.00 47.31 ? 352 GLU A OE1 1 
ATOM   28   O OE2 . GLU A 1 4   ? -16.449 -3.258  17.191  1.00 50.67 ? 352 GLU A OE2 1 
ATOM   29   N N   . GLN A 1 5   ? -11.279 -0.441  15.233  1.00 25.04 ? 353 GLN A N   1 
ATOM   30   C CA  . GLN A 1 5   ? -10.338 0.284   14.384  1.00 25.96 ? 353 GLN A CA  1 
ATOM   31   C C   . GLN A 1 5   ? -9.800  -0.612  13.280  1.00 19.55 ? 353 GLN A C   1 
ATOM   32   O O   . GLN A 1 5   ? -9.693  -0.192  12.116  1.00 19.51 ? 353 GLN A O   1 
ATOM   33   C CB  . GLN A 1 5   ? -9.184  0.806   15.235  1.00 27.52 ? 353 GLN A CB  1 
ATOM   34   C CG  . GLN A 1 5   ? -9.610  1.791   16.307  1.00 30.48 ? 353 GLN A CG  1 
ATOM   35   C CD  . GLN A 1 5   ? -9.513  3.227   15.843  1.00 35.20 ? 353 GLN A CD  1 
ATOM   36   O OE1 . GLN A 1 5   ? -8.427  3.809   15.820  1.00 37.26 ? 353 GLN A OE1 1 
ATOM   37   N NE2 . GLN A 1 5   ? -10.649 3.810   15.478  1.00 36.58 ? 353 GLN A NE2 1 
ATOM   38   N N   . LEU A 1 6   ? -9.475  -1.860  13.620  1.00 18.07 ? 354 LEU A N   1 
ATOM   39   C CA  . LEU A 1 6   ? -8.950  -2.784  12.622  1.00 18.04 ? 354 LEU A CA  1 
ATOM   40   C C   . LEU A 1 6   ? -10.004 -3.157  11.589  1.00 17.41 ? 354 LEU A C   1 
ATOM   41   O O   . LEU A 1 6   ? -9.666  -3.368  10.418  1.00 16.91 ? 354 LEU A O   1 
ATOM   42   C CB  . LEU A 1 6   ? -8.354  -4.021  13.294  1.00 18.74 ? 354 LEU A CB  1 
ATOM   43   C CG  . LEU A 1 6   ? -7.098  -3.751  14.123  1.00 17.80 ? 354 LEU A CG  1 
ATOM   44   C CD1 . LEU A 1 6   ? -6.729  -4.979  14.948  1.00 19.58 ? 354 LEU A CD1 1 
ATOM   45   C CD2 . LEU A 1 6   ? -5.938  -3.315  13.228  1.00 20.21 ? 354 LEU A CD2 1 
ATOM   46   N N   . LYS A 1 7   ? -11.280 -3.229  11.990  1.00 19.15 ? 355 LYS A N   1 
ATOM   47   C CA  . LYS A 1 7   ? -12.335 -3.466  11.010  1.00 19.21 ? 355 LYS A CA  1 
ATOM   48   C C   . LYS A 1 7   ? -12.426 -2.310  10.019  1.00 15.89 ? 355 LYS A C   1 
ATOM   49   O O   . LYS A 1 7   ? -12.603 -2.531  8.817   1.00 17.29 ? 355 LYS A O   1 
ATOM   50   C CB  . LYS A 1 7   ? -13.670 -3.722  11.711  1.00 23.02 ? 355 LYS A CB  1 
ATOM   51   C CG  . LYS A 1 7   ? -13.755 -5.091  12.380  1.00 30.30 ? 355 LYS A CG  1 
ATOM   52   C CD  . LYS A 1 7   ? -13.932 -6.188  11.335  1.00 34.06 ? 355 LYS A CD  1 
ATOM   53   C CE  . LYS A 1 7   ? -13.053 -7.403  11.611  1.00 34.47 ? 355 LYS A CE  1 
ATOM   54   N NZ  . LYS A 1 7   ? -11.628 -7.185  11.225  1.00 28.87 ? 355 LYS A NZ  1 
ATOM   55   N N   . CYS A 1 8   ? -12.277 -1.080  10.507  1.00 16.62 ? 356 CYS A N   1 
ATOM   56   C CA  A CYS A 1 8   ? -12.241 0.066   9.603   0.44 18.05 ? 356 CYS A CA  1 
ATOM   57   C CA  B CYS A 1 8   ? -12.233 0.078   9.617   0.56 18.04 ? 356 CYS A CA  1 
ATOM   58   C C   . CYS A 1 8   ? -11.054 -0.018  8.653   1.00 15.79 ? 356 CYS A C   1 
ATOM   59   O O   . CYS A 1 8   ? -11.192 0.263   7.457   1.00 15.65 ? 356 CYS A O   1 
ATOM   60   C CB  A CYS A 1 8   ? -12.201 1.367   10.398  0.44 18.90 ? 356 CYS A CB  1 
ATOM   61   C CB  B CYS A 1 8   ? -12.148 1.358   10.453  0.56 18.91 ? 356 CYS A CB  1 
ATOM   62   S SG  A CYS A 1 8   ? -13.730 1.717   11.261  0.44 21.43 ? 356 CYS A SG  1 
ATOM   63   S SG  B CYS A 1 8   ? -12.053 2.916   9.534   0.56 23.19 ? 356 CYS A SG  1 
ATOM   64   N N   . CYS A 1 9   ? -9.884  -0.419  9.162   1.00 14.84 ? 357 CYS A N   1 
ATOM   65   C CA  . CYS A 1 9   ? -8.716  -0.584  8.302   1.00 13.83 ? 357 CYS A CA  1 
ATOM   66   C C   . CYS A 1 9   ? -8.986  -1.598  7.202   1.00 14.08 ? 357 CYS A C   1 
ATOM   67   O O   . CYS A 1 9   ? -8.620  -1.383  6.039   1.00 13.40 ? 357 CYS A O   1 
ATOM   68   C CB  . CYS A 1 9   ? -7.511  -1.017  9.135   1.00 15.64 ? 357 CYS A CB  1 
ATOM   69   S SG  . CYS A 1 9   ? -6.905  0.246   10.271  1.00 17.19 ? 357 CYS A SG  1 
ATOM   70   N N   . SER A 1 10  ? -9.623  -2.717  7.547   1.00 14.87 ? 358 SER A N   1 
ATOM   71   C CA  . SER A 1 10  ? -9.967  -3.701  6.529   1.00 15.57 ? 358 SER A CA  1 
ATOM   72   C C   . SER A 1 10  ? -10.886 -3.100  5.478   1.00 14.83 ? 358 SER A C   1 
ATOM   73   O O   . SER A 1 10  ? -10.726 -3.371  4.284   1.00 14.45 ? 358 SER A O   1 
ATOM   74   C CB  . SER A 1 10  ? -10.633 -4.919  7.170   1.00 18.22 ? 358 SER A CB  1 
ATOM   75   O OG  A SER A 1 10  ? -11.243 -5.739  6.189   0.00 19.39 ? 358 SER A OG  1 
ATOM   76   N N   . GLY A 1 11  ? -11.859 -2.291  5.907   1.00 14.52 ? 359 GLY A N   1 
ATOM   77   C CA  . GLY A 1 11  ? -12.737 -1.633  4.953   1.00 15.36 ? 359 GLY A CA  1 
ATOM   78   C C   . GLY A 1 11  ? -12.013 -0.646  4.052   1.00 12.37 ? 359 GLY A C   1 
ATOM   79   O O   . GLY A 1 11  ? -12.318 -0.545  2.862   1.00 13.40 ? 359 GLY A O   1 
ATOM   80   N N   . ILE A 1 12  ? -11.041 0.091   4.595   1.00 13.51 ? 360 ILE A N   1 
ATOM   81   C CA  . ILE A 1 12  ? -10.266 1.013   3.764   1.00 13.91 ? 360 ILE A CA  1 
ATOM   82   C C   . ILE A 1 12  ? -9.483  0.239   2.715   1.00 12.58 ? 360 ILE A C   1 
ATOM   83   O O   . ILE A 1 12  ? -9.458  0.599   1.533   1.00 13.01 ? 360 ILE A O   1 
ATOM   84   C CB  . ILE A 1 12  ? -9.342  1.875   4.641   1.00 14.10 ? 360 ILE A CB  1 
ATOM   85   C CG1 . ILE A 1 12  ? -10.158 2.815   5.525   1.00 14.72 ? 360 ILE A CG1 1 
ATOM   86   C CG2 . ILE A 1 12  ? -8.354  2.662   3.774   1.00 16.12 ? 360 ILE A CG2 1 
ATOM   87   C CD1 . ILE A 1 12  ? -9.330  3.539   6.582   1.00 17.57 ? 360 ILE A CD1 1 
ATOM   88   N N   . LEU A 1 13  ? -8.834  -0.846  3.136   1.00 13.02 ? 361 LEU A N   1 
ATOM   89   C CA  . LEU A 1 13  ? -8.057  -1.632  2.186   1.00 13.06 ? 361 LEU A CA  1 
ATOM   90   C C   . LEU A 1 13  ? -8.964  -2.264  1.141   1.00 12.96 ? 361 LEU A C   1 
ATOM   91   O O   . LEU A 1 13  ? -8.605  -2.341  -0.038  1.00 13.62 ? 361 LEU A O   1 
ATOM   92   C CB  . LEU A 1 13  ? -7.224  -2.691  2.906   1.00 14.77 ? 361 LEU A CB  1 
ATOM   93   C CG  . LEU A 1 13  ? -6.174  -3.392  2.045   1.00 14.73 ? 361 LEU A CG  1 
ATOM   94   C CD1 . LEU A 1 13  ? -5.062  -2.437  1.661   1.00 15.54 ? 361 LEU A CD1 1 
ATOM   95   C CD2 . LEU A 1 13  ? -5.606  -4.580  2.787   1.00 16.25 ? 361 LEU A CD2 1 
ATOM   96   N N   . LYS A 1 14  ? -10.163 -2.697  1.555   1.00 14.11 ? 362 LYS A N   1 
ATOM   97   C CA  . LYS A 1 14  ? -11.117 -3.240  0.597   1.00 14.82 ? 362 LYS A CA  1 
ATOM   98   C C   . LYS A 1 14  ? -11.473 -2.206  -0.463  1.00 14.55 ? 362 LYS A C   1 
ATOM   99   O O   . LYS A 1 14  ? -11.533 -2.531  -1.655  1.00 14.26 ? 362 LYS A O   1 
ATOM   100  C CB  . LYS A 1 14  ? -12.380 -3.731  1.308   1.00 15.91 ? 362 LYS A CB  1 
ATOM   101  C CG  . LYS A 1 14  ? -13.480 -4.171  0.349   1.00 18.48 ? 362 LYS A CG  1 
ATOM   102  C CD  . LYS A 1 14  ? -14.708 -4.703  1.073   1.00 23.26 ? 362 LYS A CD  1 
ATOM   103  C CE  . LYS A 1 14  ? -15.799 -5.078  0.072   1.00 25.96 ? 362 LYS A CE  1 
ATOM   104  N NZ  . LYS A 1 14  ? -17.160 -4.969  0.670   1.00 32.45 ? 362 LYS A NZ  1 
ATOM   105  N N   . GLU A 1 15  ? -11.687 -0.954  -0.059  1.00 13.68 ? 363 GLU A N   1 
ATOM   106  C CA  . GLU A 1 15  ? -11.932 0.080   -1.058  1.00 13.81 ? 363 GLU A CA  1 
ATOM   107  C C   . GLU A 1 15  ? -10.725 0.268   -1.965  1.00 12.93 ? 363 GLU A C   1 
ATOM   108  O O   . GLU A 1 15  ? -10.878 0.437   -3.181  1.00 13.32 ? 363 GLU A O   1 
ATOM   109  C CB  . GLU A 1 15  ? -12.337 1.409   -0.421  1.00 14.54 ? 363 GLU A CB  1 
ATOM   110  C CG  . GLU A 1 15  ? -12.573 2.460   -1.511  1.00 15.81 ? 363 GLU A CG  1 
ATOM   111  C CD  . GLU A 1 15  ? -13.160 3.776   -1.056  1.00 15.25 ? 363 GLU A CD  1 
ATOM   112  O OE1 . GLU A 1 15  ? -13.686 3.883   0.073   1.00 18.02 ? 363 GLU A OE1 1 
ATOM   113  O OE2 . GLU A 1 15  ? -13.117 4.721   -1.863  1.00 16.97 ? 363 GLU A OE2 1 
ATOM   114  N N   . MET A 1 16  ? -9.513  0.219   -1.402  1.00 12.81 ? 364 MET A N   1 
ATOM   115  C CA  . MET A 1 16  ? -8.333  0.368   -2.251  1.00 12.98 ? 364 MET A CA  1 
ATOM   116  C C   . MET A 1 16  ? -8.212  -0.720  -3.304  1.00 13.08 ? 364 MET A C   1 
ATOM   117  O O   . MET A 1 16  ? -7.629  -0.480  -4.365  1.00 13.30 ? 364 MET A O   1 
ATOM   118  C CB  . MET A 1 16  ? -7.018  0.567   -1.480  1.00 15.42 ? 364 MET A CB  1 
ATOM   119  C CG  . MET A 1 16  ? -7.024  1.703   -0.495  1.00 13.90 ? 364 MET A CG  1 
ATOM   120  S SD  . MET A 1 16  ? -5.760  1.629   0.794   1.00 14.12 ? 364 MET A SD  1 
ATOM   121  C CE  . MET A 1 16  ? -4.279  1.609   -0.213  1.00 16.03 ? 364 MET A CE  1 
ATOM   122  N N   . PHE A 1 17  ? -8.746  -1.918  -3.030  1.00 13.56 ? 365 PHE A N   1 
ATOM   123  C CA  . PHE A 1 17  ? -8.784  -3.022  -3.982  1.00 13.94 ? 365 PHE A CA  1 
ATOM   124  C C   . PHE A 1 17  ? -9.974  -2.960  -4.934  1.00 14.64 ? 365 PHE A C   1 
ATOM   125  O O   . PHE A 1 17  ? -10.066 -3.816  -5.815  1.00 17.22 ? 365 PHE A O   1 
ATOM   126  C CB  . PHE A 1 17  ? -8.864  -4.365  -3.233  1.00 14.61 ? 365 PHE A CB  1 
ATOM   127  C CG  . PHE A 1 17  ? -7.533  -4.974  -2.873  1.00 14.32 ? 365 PHE A CG  1 
ATOM   128  C CD1 . PHE A 1 17  ? -6.681  -5.432  -3.855  1.00 15.78 ? 365 PHE A CD1 1 
ATOM   129  C CD2 . PHE A 1 17  ? -7.165  -5.136  -1.543  1.00 15.68 ? 365 PHE A CD2 1 
ATOM   130  C CE1 . PHE A 1 17  ? -5.474  -6.011  -3.522  1.00 14.94 ? 365 PHE A CE1 1 
ATOM   131  C CE2 . PHE A 1 17  ? -5.961  -5.712  -1.211  1.00 15.73 ? 365 PHE A CE2 1 
ATOM   132  C CZ  . PHE A 1 17  ? -5.117  -6.156  -2.201  1.00 16.44 ? 365 PHE A CZ  1 
ATOM   133  N N   . ALA A 1 18  ? -10.870 -1.991  -4.798  1.00 14.73 ? 366 ALA A N   1 
ATOM   134  C CA  . ALA A 1 18  ? -12.128 -2.006  -5.535  1.00 16.70 ? 366 ALA A CA  1 
ATOM   135  C C   . ALA A 1 18  ? -11.951 -1.549  -6.982  1.00 15.34 ? 366 ALA A C   1 
ATOM   136  O O   . ALA A 1 18  ? -11.016 -0.828  -7.331  1.00 15.32 ? 366 ALA A O   1 
ATOM   137  C CB  . ALA A 1 18  ? -13.141 -1.111  -4.835  1.00 18.12 ? 366 ALA A CB  1 
ATOM   138  N N   . LYS A 1 19  ? -12.911 -1.948  -7.823  1.00 17.39 ? 367 LYS A N   1 
ATOM   139  C CA  . LYS A 1 19  ? -12.845 -1.634  -9.248  1.00 16.73 ? 367 LYS A CA  1 
ATOM   140  C C   . LYS A 1 19  ? -12.762 -0.125  -9.471  1.00 16.48 ? 367 LYS A C   1 
ATOM   141  O O   . LYS A 1 19  ? -12.083 0.338   -10.390 1.00 17.31 ? 367 LYS A O   1 
ATOM   142  C CB  . LYS A 1 19  ? -14.092 -2.204  -9.932  1.00 23.10 ? 367 LYS A CB  1 
ATOM   143  C CG  . LYS A 1 19  ? -14.095 -2.204  -11.463 1.00 25.78 ? 367 LYS A CG  1 
ATOM   144  C CD  . LYS A 1 19  ? -12.704 -2.158  -12.069 1.00 30.22 ? 367 LYS A CD  1 
ATOM   145  C CE  . LYS A 1 19  ? -12.724 -2.569  -13.535 1.00 33.42 ? 367 LYS A CE  1 
ATOM   146  N NZ  . LYS A 1 19  ? -13.538 -1.624  -14.360 1.00 35.16 ? 367 LYS A NZ  1 
ATOM   147  N N   . LYS A 1 20  ? -13.427 0.653   -8.621  1.00 16.40 ? 368 LYS A N   1 
ATOM   148  C CA  . LYS A 1 20  ? -13.451 2.107   -8.750  1.00 16.35 ? 368 LYS A CA  1 
ATOM   149  C C   . LYS A 1 20  ? -12.053 2.720   -8.849  1.00 15.12 ? 368 LYS A C   1 
ATOM   150  O O   . LYS A 1 20  ? -11.859 3.726   -9.540  1.00 16.84 ? 368 LYS A O   1 
ATOM   151  C CB  . LYS A 1 20  ? -14.216 2.679   -7.553  1.00 21.49 ? 368 LYS A CB  1 
ATOM   152  C CG  . LYS A 1 20  ? -13.921 4.112   -7.210  1.00 24.25 ? 368 LYS A CG  1 
ATOM   153  C CD  . LYS A 1 20  ? -14.722 4.586   -6.003  1.00 22.72 ? 368 LYS A CD  1 
ATOM   154  C CE  . LYS A 1 20  ? -15.253 5.972   -6.244  1.00 21.07 ? 368 LYS A CE  1 
ATOM   155  N NZ  . LYS A 1 20  ? -16.332 6.305   -5.288  1.00 20.91 ? 368 LYS A NZ  1 
ATOM   156  N N   . HIS A 1 21  ? -11.076 2.152   -8.138  1.00 14.75 ? 369 HIS A N   1 
ATOM   157  C CA  . HIS A 1 21  ? -9.718  2.683   -8.075  1.00 13.82 ? 369 HIS A CA  1 
ATOM   158  C C   . HIS A 1 21  ? -8.720  1.855   -8.875  1.00 14.67 ? 369 HIS A C   1 
ATOM   159  O O   . HIS A 1 21  ? -7.523  2.150   -8.849  1.00 13.19 ? 369 HIS A O   1 
ATOM   160  C CB  . HIS A 1 21  ? -9.254  2.788   -6.617  1.00 13.87 ? 369 HIS A CB  1 
ATOM   161  C CG  . HIS A 1 21  ? -10.168 3.597   -5.751  1.00 13.97 ? 369 HIS A CG  1 
ATOM   162  N ND1 . HIS A 1 21  ? -10.371 4.947   -5.946  1.00 13.91 ? 369 HIS A ND1 1 
ATOM   163  C CD2 . HIS A 1 21  ? -10.934 3.250   -4.684  1.00 14.54 ? 369 HIS A CD2 1 
ATOM   164  C CE1 . HIS A 1 21  ? -11.217 5.395   -5.035  1.00 14.51 ? 369 HIS A CE1 1 
ATOM   165  N NE2 . HIS A 1 21  ? -11.575 4.387   -4.258  1.00 14.17 ? 369 HIS A NE2 1 
ATOM   166  N N   . ALA A 1 22  ? -9.187  0.841   -9.599  1.00 14.35 ? 370 ALA A N   1 
ATOM   167  C CA  . ALA A 1 22  ? -8.281  -0.165  -10.150 1.00 15.55 ? 370 ALA A CA  1 
ATOM   168  C C   . ALA A 1 22  ? -7.348  0.395   -11.220 1.00 14.37 ? 370 ALA A C   1 
ATOM   169  O O   . ALA A 1 22  ? -6.251  -0.134  -11.410 1.00 15.20 ? 370 ALA A O   1 
ATOM   170  C CB  . ALA A 1 22  ? -9.078  -1.352  -10.691 1.00 16.56 ? 370 ALA A CB  1 
ATOM   171  N N   . ALA A 1 23  ? -7.751  1.453   -11.928 1.00 14.48 ? 371 ALA A N   1 
ATOM   172  C CA  . ALA A 1 23  ? -6.901  1.990   -12.984 1.00 15.64 ? 371 ALA A CA  1 
ATOM   173  C C   . ALA A 1 23  ? -5.601  2.573   -12.450 1.00 16.02 ? 371 ALA A C   1 
ATOM   174  O O   . ALA A 1 23  ? -4.621  2.652   -13.201 1.00 16.39 ? 371 ALA A O   1 
ATOM   175  C CB  . ALA A 1 23  ? -7.646  3.035   -13.813 1.00 16.09 ? 371 ALA A CB  1 
ATOM   176  N N   . TYR A 1 24  ? -5.568  2.993   -11.184 1.00 15.01 ? 372 TYR A N   1 
ATOM   177  C CA  . TYR A 1 24  ? -4.348  3.510   -10.588 1.00 14.51 ? 372 TYR A CA  1 
ATOM   178  C C   . TYR A 1 24  ? -3.857  2.709   -9.390  1.00 14.63 ? 372 TYR A C   1 
ATOM   179  O O   . TYR A 1 24  ? -2.699  2.877   -9.002  1.00 15.27 ? 372 TYR A O   1 
ATOM   180  C CB  . TYR A 1 24  ? -4.487  5.001   -10.218 1.00 15.62 ? 372 TYR A CB  1 
ATOM   181  C CG  . TYR A 1 24  ? -5.824  5.377   -9.615  1.00 14.79 ? 372 TYR A CG  1 
ATOM   182  C CD1 . TYR A 1 24  ? -6.913  5.698   -10.427 1.00 15.24 ? 372 TYR A CD1 1 
ATOM   183  C CD2 . TYR A 1 24  ? -6.000  5.434   -8.231  1.00 14.95 ? 372 TYR A CD2 1 
ATOM   184  C CE1 . TYR A 1 24  ? -8.140  6.049   -9.886  1.00 16.17 ? 372 TYR A CE1 1 
ATOM   185  C CE2 . TYR A 1 24  ? -7.228  5.778   -7.682  1.00 14.95 ? 372 TYR A CE2 1 
ATOM   186  C CZ  . TYR A 1 24  ? -8.294  6.087   -8.514  1.00 14.09 ? 372 TYR A CZ  1 
ATOM   187  O OH  . TYR A 1 24  ? -9.517  6.435   -7.985  1.00 16.34 ? 372 TYR A OH  1 
ATOM   188  N N   . ALA A 1 25  ? -4.669  1.813   -8.829  1.00 13.70 ? 373 ALA A N   1 
ATOM   189  C CA  . ALA A 1 25  ? -4.229  1.024   -7.686  1.00 13.66 ? 373 ALA A CA  1 
ATOM   190  C C   . ALA A 1 25  ? -3.479  -0.245  -8.072  1.00 13.84 ? 373 ALA A C   1 
ATOM   191  O O   . ALA A 1 25  ? -2.722  -0.773  -7.249  1.00 13.08 ? 373 ALA A O   1 
ATOM   192  C CB  . ALA A 1 25  ? -5.438  0.649   -6.839  1.00 14.05 ? 373 ALA A CB  1 
ATOM   193  N N   . TRP A 1 26  ? -3.656  -0.735  -9.303  1.00 14.04 ? 374 TRP A N   1 
ATOM   194  C CA  . TRP A 1 26  ? -3.147  -2.059  -9.638  1.00 13.93 ? 374 TRP A CA  1 
ATOM   195  C C   . TRP A 1 26  ? -1.641  -2.240  -9.424  1.00 13.89 ? 374 TRP A C   1 
ATOM   196  O O   . TRP A 1 26  ? -1.247  -3.366  -9.076  1.00 14.89 ? 374 TRP A O   1 
ATOM   197  C CB  . TRP A 1 26  ? -3.561  -2.485  -11.058 1.00 15.18 ? 374 TRP A CB  1 
ATOM   198  C CG  . TRP A 1 26  ? -2.918  -1.677  -12.163 1.00 16.66 ? 374 TRP A CG  1 
ATOM   199  C CD1 . TRP A 1 26  ? -3.429  -0.586  -12.791 1.00 17.02 ? 374 TRP A CD1 1 
ATOM   200  C CD2 . TRP A 1 26  ? -1.620  -1.895  -12.732 1.00 17.46 ? 374 TRP A CD2 1 
ATOM   201  N NE1 . TRP A 1 26  ? -2.539  -0.118  -13.739 1.00 17.24 ? 374 TRP A NE1 1 
ATOM   202  C CE2 . TRP A 1 26  ? -1.414  -0.897  -13.707 1.00 17.38 ? 374 TRP A CE2 1 
ATOM   203  C CE3 . TRP A 1 26  ? -0.604  -2.826  -12.502 1.00 17.83 ? 374 TRP A CE3 1 
ATOM   204  C CZ2 . TRP A 1 26  ? -0.248  -0.820  -14.466 1.00 20.01 ? 374 TRP A CZ2 1 
ATOM   205  C CZ3 . TRP A 1 26  ? 0.554   -2.747  -13.258 1.00 22.70 ? 374 TRP A CZ3 1 
ATOM   206  C CH2 . TRP A 1 26  ? 0.723   -1.750  -14.223 1.00 22.77 ? 374 TRP A CH2 1 
ATOM   207  N N   . PRO A 1 27  ? -0.764  -1.241  -9.590  1.00 13.12 ? 375 PRO A N   1 
ATOM   208  C CA  . PRO A 1 27  ? 0.662   -1.513  -9.339  1.00 15.00 ? 375 PRO A CA  1 
ATOM   209  C C   . PRO A 1 27  ? 0.964   -1.907  -7.909  1.00 13.75 ? 375 PRO A C   1 
ATOM   210  O O   . PRO A 1 27  ? 2.052   -2.434  -7.654  1.00 13.79 ? 375 PRO A O   1 
ATOM   211  C CB  . PRO A 1 27  ? 1.356   -0.195  -9.705  1.00 15.22 ? 375 PRO A CB  1 
ATOM   212  C CG  . PRO A 1 27  ? 0.427   0.476   -10.632 1.00 15.69 ? 375 PRO A CG  1 
ATOM   213  C CD  . PRO A 1 27  ? -0.947  0.131   -10.107 1.00 14.11 ? 375 PRO A CD  1 
ATOM   214  N N   . PHE A 1 28  ? 0.044   -1.671  -6.976  1.00 12.46 ? 376 PHE A N   1 
ATOM   215  C CA  . PHE A 1 28  ? 0.269   -1.884  -5.556  1.00 13.22 ? 376 PHE A CA  1 
ATOM   216  C C   . PHE A 1 28  ? -0.401  -3.142  -5.044  1.00 12.84 ? 376 PHE A C   1 
ATOM   217  O O   . PHE A 1 28  ? -0.277  -3.458  -3.865  1.00 13.25 ? 376 PHE A O   1 
ATOM   218  C CB  . PHE A 1 28  ? -0.160  -0.624  -4.793  1.00 13.63 ? 376 PHE A CB  1 
ATOM   219  C CG  . PHE A 1 28  ? 0.433   0.604   -5.402  1.00 13.50 ? 376 PHE A CG  1 
ATOM   220  C CD1 . PHE A 1 28  ? 1.792   0.850   -5.267  1.00 14.19 ? 376 PHE A CD1 1 
ATOM   221  C CD2 . PHE A 1 28  ? -0.312  1.435   -6.225  1.00 14.21 ? 376 PHE A CD2 1 
ATOM   222  C CE1 . PHE A 1 28  ? 2.394   1.933   -5.891  1.00 14.16 ? 376 PHE A CE1 1 
ATOM   223  C CE2 . PHE A 1 28  ? 0.285   2.518   -6.856  1.00 15.92 ? 376 PHE A CE2 1 
ATOM   224  C CZ  . PHE A 1 28  ? 1.642   2.764   -6.682  1.00 15.50 ? 376 PHE A CZ  1 
ATOM   225  N N   . TYR A 1 29  ? -1.073  -3.896  -5.909  1.00 13.07 ? 377 TYR A N   1 
ATOM   226  C CA  . TYR A 1 29  ? -1.848  -5.040  -5.444  1.00 14.17 ? 377 TYR A CA  1 
ATOM   227  C C   . TYR A 1 29  ? -0.966  -6.149  -4.886  1.00 14.68 ? 377 TYR A C   1 
ATOM   228  O O   . TYR A 1 29  ? -1.354  -6.816  -3.921  1.00 15.67 ? 377 TYR A O   1 
ATOM   229  C CB  . TYR A 1 29  ? -2.677  -5.622  -6.584  1.00 15.07 ? 377 TYR A CB  1 
ATOM   230  C CG  . TYR A 1 29  ? -3.903  -4.865  -7.018  1.00 14.61 ? 377 TYR A CG  1 
ATOM   231  C CD1 . TYR A 1 29  ? -4.413  -3.796  -6.292  1.00 13.47 ? 377 TYR A CD1 1 
ATOM   232  C CD2 . TYR A 1 29  ? -4.569  -5.248  -8.176  1.00 15.87 ? 377 TYR A CD2 1 
ATOM   233  C CE1 . TYR A 1 29  ? -5.564  -3.132  -6.719  1.00 14.74 ? 377 TYR A CE1 1 
ATOM   234  C CE2 . TYR A 1 29  ? -5.696  -4.601  -8.603  1.00 16.06 ? 377 TYR A CE2 1 
ATOM   235  C CZ  . TYR A 1 29  ? -6.195  -3.550  -7.878  1.00 13.80 ? 377 TYR A CZ  1 
ATOM   236  O OH  . TYR A 1 29  ? -7.337  -2.932  -8.331  1.00 16.33 ? 377 TYR A OH  1 
ATOM   237  N N   . LYS A 1 30  ? 0.178   -6.401  -5.505  1.00 14.98 ? 378 LYS A N   1 
ATOM   238  C CA  . LYS A 1 30  ? 0.981   -7.586  -5.248  1.00 16.25 ? 378 LYS A CA  1 
ATOM   239  C C   . LYS A 1 30  ? 2.416   -7.177  -4.985  1.00 14.07 ? 378 LYS A C   1 
ATOM   240  O O   . LYS A 1 30  ? 2.839   -6.091  -5.391  1.00 14.54 ? 378 LYS A O   1 
ATOM   241  C CB  . LYS A 1 30  ? 0.951   -8.498  -6.485  1.00 19.50 ? 378 LYS A CB  1 
ATOM   242  C CG  . LYS A 1 30  ? -0.411  -9.113  -6.753  1.00 24.36 ? 378 LYS A CG  1 
ATOM   243  C CD  . LYS A 1 30  ? -0.297  -10.343 -7.639  1.00 33.67 ? 378 LYS A CD  1 
ATOM   244  C CE  . LYS A 1 30  ? -1.660  -10.955 -7.912  1.00 39.10 ? 378 LYS A CE  1 
ATOM   245  N NZ  . LYS A 1 30  ? -1.577  -12.067 -8.897  1.00 47.15 ? 378 LYS A NZ  1 
ATOM   246  N N   . PRO A 1 31  ? 3.206   -8.042  -4.339  1.00 14.39 ? 379 PRO A N   1 
ATOM   247  C CA  . PRO A 1 31  ? 4.618   -7.708  -4.124  1.00 14.99 ? 379 PRO A CA  1 
ATOM   248  C C   . PRO A 1 31  ? 5.304   -7.399  -5.444  1.00 14.63 ? 379 PRO A C   1 
ATOM   249  O O   . PRO A 1 31  ? 5.025   -8.026  -6.469  1.00 16.31 ? 379 PRO A O   1 
ATOM   250  C CB  . PRO A 1 31  ? 5.197   -8.984  -3.502  1.00 16.60 ? 379 PRO A CB  1 
ATOM   251  C CG  . PRO A 1 31  ? 4.045   -9.673  -2.897  1.00 17.74 ? 379 PRO A CG  1 
ATOM   252  C CD  . PRO A 1 31  ? 2.852   -9.348  -3.755  1.00 16.73 ? 379 PRO A CD  1 
ATOM   253  N N   . VAL A 1 32  ? 6.199   -6.412  -5.413  1.00 13.93 ? 380 VAL A N   1 
ATOM   254  C CA  . VAL A 1 32  ? 7.034   -6.129  -6.577  1.00 15.16 ? 380 VAL A CA  1 
ATOM   255  C C   . VAL A 1 32  ? 7.816   -7.383  -6.946  1.00 17.57 ? 380 VAL A C   1 
ATOM   256  O O   . VAL A 1 32  ? 8.410   -8.039  -6.085  1.00 17.75 ? 380 VAL A O   1 
ATOM   257  C CB  . VAL A 1 32  ? 7.973   -4.954  -6.266  1.00 14.35 ? 380 VAL A CB  1 
ATOM   258  C CG1 . VAL A 1 32  ? 8.984   -4.740  -7.406  1.00 17.78 ? 380 VAL A CG1 1 
ATOM   259  C CG2 . VAL A 1 32  ? 7.171   -3.675  -5.984  1.00 16.32 ? 380 VAL A CG2 1 
ATOM   260  N N   . ASP A 1 33  ? 7.812   -7.728  -8.236  1.00 17.94 ? 381 ASP A N   1 
ATOM   261  C CA  . ASP A 1 33  ? 8.516   -8.913  -8.736  1.00 21.90 ? 381 ASP A CA  1 
ATOM   262  C C   . ASP A 1 33  ? 9.929   -8.501  -9.129  1.00 17.25 ? 381 ASP A C   1 
ATOM   263  O O   . ASP A 1 33  ? 10.155  -7.966  -10.221 1.00 19.32 ? 381 ASP A O   1 
ATOM   264  C CB  . ASP A 1 33  ? 7.764   -9.509  -9.920  1.00 21.80 ? 381 ASP A CB  1 
ATOM   265  C CG  . ASP A 1 33  ? 8.480   -10.709 -10.537 1.00 21.00 ? 381 ASP A CG  1 
ATOM   266  O OD1 . ASP A 1 33  ? 9.491   -11.176 -9.972  1.00 23.10 ? 381 ASP A OD1 1 
ATOM   267  O OD2 . ASP A 1 33  ? 8.009   -11.179 -11.590 1.00 28.07 ? 381 ASP A OD2 1 
ATOM   268  N N   . VAL A 1 34  ? 10.897  -8.780  -8.265  1.00 19.41 ? 382 VAL A N   1 
ATOM   269  C CA  . VAL A 1 34  ? 12.253  -8.300  -8.502  1.00 20.08 ? 382 VAL A CA  1 
ATOM   270  C C   . VAL A 1 34  ? 12.979  -9.122  -9.564  1.00 23.79 ? 382 VAL A C   1 
ATOM   271  O O   . VAL A 1 34  ? 14.133  -8.836  -9.895  1.00 22.15 ? 382 VAL A O   1 
ATOM   272  C CB  . VAL A 1 34  ? 13.058  -8.187  -7.197  1.00 24.60 ? 382 VAL A CB  1 
ATOM   273  C CG1 . VAL A 1 34  ? 12.317  -7.299  -6.207  1.00 23.11 ? 382 VAL A CG1 1 
ATOM   274  C CG2 . VAL A 1 34  ? 13.298  -9.561  -6.606  1.00 28.48 ? 382 VAL A CG2 1 
ATOM   275  N N   . GLU A 1 35  ? 12.306  -10.134 -10.112 1.00 20.18 ? 383 GLU A N   1 
ATOM   276  C CA  . GLU A 1 35  ? 12.842  -10.866 -11.254 1.00 22.02 ? 383 GLU A CA  1 
ATOM   277  C C   . GLU A 1 35  ? 12.359  -10.314 -12.587 1.00 22.29 ? 383 GLU A C   1 
ATOM   278  O O   . GLU A 1 35  ? 12.860  -10.739 -13.634 1.00 22.65 ? 383 GLU A O   1 
ATOM   279  C CB  . GLU A 1 35  ? 12.495  -12.357 -11.153 1.00 25.92 ? 383 GLU A CB  1 
ATOM   280  C CG  . GLU A 1 35  ? 13.091  -13.059 -9.946  1.00 31.72 ? 383 GLU A CG  1 
ATOM   281  C CD  . GLU A 1 35  ? 14.193  -14.023 -10.328 1.00 37.80 ? 383 GLU A CD  1 
ATOM   282  O OE1 . GLU A 1 35  ? 15.093  -13.621 -11.094 1.00 41.20 ? 383 GLU A OE1 1 
ATOM   283  O OE2 . GLU A 1 35  ? 14.154  -15.186 -9.876  1.00 38.49 ? 383 GLU A OE2 1 
ATOM   284  N N   . ALA A 1 36  ? 11.417  -9.375  -12.583 1.00 20.62 ? 384 ALA A N   1 
ATOM   285  C CA  . ALA A 1 36  ? 10.905  -8.811  -13.817 1.00 20.56 ? 384 ALA A CA  1 
ATOM   286  C C   . ALA A 1 36  ? 11.903  -7.825  -14.420 1.00 19.04 ? 384 ALA A C   1 
ATOM   287  O O   . ALA A 1 36  ? 12.746  -7.241  -13.731 1.00 17.02 ? 384 ALA A O   1 
ATOM   288  C CB  . ALA A 1 36  ? 9.573   -8.104  -13.575 1.00 21.30 ? 384 ALA A CB  1 
ATOM   289  N N   . LEU A 1 37  ? 11.779  -7.631  -15.729 1.00 18.45 ? 385 LEU A N   1 
ATOM   290  C CA  . LEU A 1 37  ? 12.740  -6.809  -16.445 1.00 18.73 ? 385 LEU A CA  1 
ATOM   291  C C   . LEU A 1 37  ? 12.633  -5.370  -15.954 1.00 17.28 ? 385 LEU A C   1 
ATOM   292  O O   . LEU A 1 37  ? 11.535  -4.813  -15.857 1.00 20.38 ? 385 LEU A O   1 
ATOM   293  C CB  . LEU A 1 37  ? 12.458  -6.870  -17.945 1.00 20.02 ? 385 LEU A CB  1 
ATOM   294  C CG  . LEU A 1 37  ? 13.360  -6.006  -18.835 1.00 19.41 ? 385 LEU A CG  1 
ATOM   295  C CD1 . LEU A 1 37  ? 14.794  -6.519  -18.796 1.00 18.21 ? 385 LEU A CD1 1 
ATOM   296  C CD2 . LEU A 1 37  ? 12.850  -5.948  -20.269 1.00 22.66 ? 385 LEU A CD2 1 
ATOM   297  N N   . GLY A 1 38  ? 13.777  -4.775  -15.629 1.00 16.59 ? 386 GLY A N   1 
ATOM   298  C CA  . GLY A 1 38  ? 13.854  -3.430  -15.107 1.00 17.39 ? 386 GLY A CA  1 
ATOM   299  C C   . GLY A 1 38  ? 13.949  -3.334  -13.599 1.00 17.30 ? 386 GLY A C   1 
ATOM   300  O O   . GLY A 1 38  ? 14.303  -2.265  -13.088 1.00 19.49 ? 386 GLY A O   1 
ATOM   301  N N   . LEU A 1 39  ? 13.656  -4.411  -12.871 1.00 15.10 ? 387 LEU A N   1 
ATOM   302  C CA  . LEU A 1 39  ? 13.547  -4.364  -11.415 1.00 15.52 ? 387 LEU A CA  1 
ATOM   303  C C   . LEU A 1 39  ? 14.709  -5.048  -10.706 1.00 15.19 ? 387 LEU A C   1 
ATOM   304  O O   . LEU A 1 39  ? 14.630  -5.303  -9.495  1.00 16.63 ? 387 LEU A O   1 
ATOM   305  C CB  . LEU A 1 39  ? 12.203  -4.940  -10.969 1.00 16.64 ? 387 LEU A CB  1 
ATOM   306  C CG  . LEU A 1 39  ? 11.041  -4.019  -11.341 1.00 15.91 ? 387 LEU A CG  1 
ATOM   307  C CD1 . LEU A 1 39  ? 9.693   -4.718  -11.202 1.00 19.80 ? 387 LEU A CD1 1 
ATOM   308  C CD2 . LEU A 1 39  ? 11.078  -2.764  -10.464 1.00 18.97 ? 387 LEU A CD2 1 
ATOM   309  N N   . HIS A 1 40  ? 15.803  -5.323  -11.430 1.00 15.69 ? 388 HIS A N   1 
ATOM   310  C CA  . HIS A 1 40  ? 16.957  -6.024  -10.871 1.00 16.43 ? 388 HIS A CA  1 
ATOM   311  C C   . HIS A 1 40  ? 17.661  -5.222  -9.784  1.00 16.97 ? 388 HIS A C   1 
ATOM   312  O O   . HIS A 1 40  ? 18.454  -5.790  -9.027  1.00 18.65 ? 388 HIS A O   1 
ATOM   313  C CB  . HIS A 1 40  ? 17.961  -6.330  -11.986 1.00 16.55 ? 388 HIS A CB  1 
ATOM   314  C CG  . HIS A 1 40  ? 18.424  -5.105  -12.697 1.00 16.31 ? 388 HIS A CG  1 
ATOM   315  N ND1 . HIS A 1 40  ? 17.730  -4.553  -13.750 1.00 17.30 ? 388 HIS A ND1 1 
ATOM   316  C CD2 . HIS A 1 40  ? 19.479  -4.287  -12.469 1.00 16.61 ? 388 HIS A CD2 1 
ATOM   317  C CE1 . HIS A 1 40  ? 18.343  -3.454  -14.147 1.00 17.81 ? 388 HIS A CE1 1 
ATOM   318  N NE2 . HIS A 1 40  ? 19.407  -3.270  -13.388 1.00 18.00 ? 388 HIS A NE2 1 
ATOM   319  N N   . ASP A 1 41  ? 17.410  -3.917  -9.705  1.00 16.10 ? 389 ASP A N   1 
ATOM   320  C CA  . ASP A 1 41  ? 18.021  -3.052  -8.709  1.00 16.36 ? 389 ASP A CA  1 
ATOM   321  C C   . ASP A 1 41  ? 17.064  -2.679  -7.584  1.00 15.76 ? 389 ASP A C   1 
ATOM   322  O O   . ASP A 1 41  ? 17.440  -1.888  -6.715  1.00 17.76 ? 389 ASP A O   1 
ATOM   323  C CB  . ASP A 1 41  ? 18.557  -1.780  -9.373  1.00 19.13 ? 389 ASP A CB  1 
ATOM   324  C CG  . ASP A 1 41  ? 17.476  -0.979  -10.078 1.00 19.41 ? 389 ASP A CG  1 
ATOM   325  O OD1 . ASP A 1 41  ? 16.336  -1.474  -10.239 1.00 18.26 ? 389 ASP A OD1 1 
ATOM   326  O OD2 . ASP A 1 41  ? 17.773  0.159   -10.497 1.00 27.41 ? 389 ASP A OD2 1 
ATOM   327  N N   . TYR A 1 42  ? 15.846  -3.231  -7.581  1.00 15.03 ? 390 TYR A N   1 
ATOM   328  C CA  . TYR A 1 42  ? 14.856  -2.846  -6.581  1.00 14.40 ? 390 TYR A CA  1 
ATOM   329  C C   . TYR A 1 42  ? 15.364  -3.116  -5.169  1.00 17.39 ? 390 TYR A C   1 
ATOM   330  O O   . TYR A 1 42  ? 15.271  -2.255  -4.286  1.00 17.28 ? 390 TYR A O   1 
ATOM   331  C CB  . TYR A 1 42  ? 13.542  -3.577  -6.853  1.00 15.19 ? 390 TYR A CB  1 
ATOM   332  C CG  . TYR A 1 42  ? 12.376  -2.988  -6.086  1.00 13.73 ? 390 TYR A CG  1 
ATOM   333  C CD1 . TYR A 1 42  ? 11.778  -1.812  -6.504  1.00 13.71 ? 390 TYR A CD1 1 
ATOM   334  C CD2 . TYR A 1 42  ? 11.899  -3.596  -4.926  1.00 14.65 ? 390 TYR A CD2 1 
ATOM   335  C CE1 . TYR A 1 42  ? 10.712  -1.260  -5.797  1.00 13.89 ? 390 TYR A CE1 1 
ATOM   336  C CE2 . TYR A 1 42  ? 10.846  -3.052  -4.215  1.00 15.98 ? 390 TYR A CE2 1 
ATOM   337  C CZ  . TYR A 1 42  ? 10.256  -1.892  -4.653  1.00 13.01 ? 390 TYR A CZ  1 
ATOM   338  O OH  . TYR A 1 42  ? 9.198   -1.362  -3.916  1.00 13.60 ? 390 TYR A OH  1 
ATOM   339  N N   . CYS A 1 43  ? 15.939  -4.293  -4.939  1.00 19.50 ? 391 CYS A N   1 
ATOM   340  C CA  . CYS A 1 43  ? 16.331  -4.622  -3.574  1.00 23.41 ? 391 CYS A CA  1 
ATOM   341  C C   . CYS A 1 43  ? 17.609  -3.910  -3.132  1.00 22.82 ? 391 CYS A C   1 
ATOM   342  O O   . CYS A 1 43  ? 17.907  -3.894  -1.932  1.00 25.37 ? 391 CYS A O   1 
ATOM   343  C CB  . CYS A 1 43  ? 16.361  -6.141  -3.362  1.00 30.69 ? 391 CYS A CB  1 
ATOM   344  S SG  . CYS A 1 43  ? 14.698  -6.870  -3.135  1.00 43.94 ? 391 CYS A SG  1 
ATOM   345  N N   . ASP A 1 44  ? 18.339  -3.278  -4.054  1.00 19.84 ? 392 ASP A N   1 
ATOM   346  C CA  . ASP A 1 44  ? 19.431  -2.390  -3.662  1.00 23.51 ? 392 ASP A CA  1 
ATOM   347  C C   . ASP A 1 44  ? 18.904  -1.095  -3.063  1.00 22.81 ? 392 ASP A C   1 
ATOM   348  O O   . ASP A 1 44  ? 19.600  -0.446  -2.274  1.00 25.36 ? 392 ASP A O   1 
ATOM   349  C CB  . ASP A 1 44  ? 20.292  -2.042  -4.879  1.00 24.21 ? 392 ASP A CB  1 
ATOM   350  C CG  . ASP A 1 44  ? 21.030  -3.239  -5.438  1.00 28.96 ? 392 ASP A CG  1 
ATOM   351  O OD1 . ASP A 1 44  ? 21.380  -4.144  -4.651  1.00 29.48 ? 392 ASP A OD1 1 
ATOM   352  O OD2 . ASP A 1 44  ? 21.245  -3.270  -6.668  1.00 29.78 ? 392 ASP A OD2 1 
ATOM   353  N N   . ILE A 1 45  ? 17.686  -0.708  -3.431  1.00 18.37 ? 393 ILE A N   1 
ATOM   354  C CA  . ILE A 1 45  ? 17.136  0.595   -3.088  1.00 19.54 ? 393 ILE A CA  1 
ATOM   355  C C   . ILE A 1 45  ? 16.093  0.488   -1.985  1.00 17.79 ? 393 ILE A C   1 
ATOM   356  O O   . ILE A 1 45  ? 16.052  1.323   -1.081  1.00 21.56 ? 393 ILE A O   1 
ATOM   357  C CB  . ILE A 1 45  ? 16.548  1.215   -4.374  1.00 19.00 ? 393 ILE A CB  1 
ATOM   358  C CG1 . ILE A 1 45  ? 17.667  1.352   -5.415  1.00 22.20 ? 393 ILE A CG1 1 
ATOM   359  C CG2 . ILE A 1 45  ? 15.892  2.559   -4.089  1.00 22.22 ? 393 ILE A CG2 1 
ATOM   360  C CD1 . ILE A 1 45  ? 17.214  1.693   -6.799  1.00 25.41 ? 393 ILE A CD1 1 
ATOM   361  N N   . ILE A 1 46  ? 15.275  -0.556  -2.034  1.00 16.63 ? 394 ILE A N   1 
ATOM   362  C CA  . ILE A 1 46  ? 14.126  -0.717  -1.153  1.00 15.96 ? 394 ILE A CA  1 
ATOM   363  C C   . ILE A 1 46  ? 14.450  -1.818  -0.151  1.00 18.38 ? 394 ILE A C   1 
ATOM   364  O O   . ILE A 1 46  ? 14.480  -3.005  -0.496  1.00 19.79 ? 394 ILE A O   1 
ATOM   365  C CB  . ILE A 1 46  ? 12.847  -1.030  -1.946  1.00 16.06 ? 394 ILE A CB  1 
ATOM   366  C CG1 . ILE A 1 46  ? 12.494  0.135   -2.879  1.00 15.11 ? 394 ILE A CG1 1 
ATOM   367  C CG2 . ILE A 1 46  ? 11.683  -1.368  -0.996  1.00 15.20 ? 394 ILE A CG2 1 
ATOM   368  C CD1 . ILE A 1 46  ? 12.484  1.491   -2.208  1.00 16.57 ? 394 ILE A CD1 1 
ATOM   369  N N   . LYS A 1 47  ? 14.671  -1.425  1.100   1.00 17.63 ? 395 LYS A N   1 
ATOM   370  C CA  . LYS A 1 47  ? 15.029  -2.398  2.122   1.00 21.07 ? 395 LYS A CA  1 
ATOM   371  C C   . LYS A 1 47  ? 13.818  -3.138  2.686   1.00 18.94 ? 395 LYS A C   1 
ATOM   372  O O   . LYS A 1 47  ? 13.955  -4.272  3.154   1.00 18.89 ? 395 LYS A O   1 
ATOM   373  C CB  . LYS A 1 47  ? 15.813  -1.716  3.246   1.00 26.43 ? 395 LYS A CB  1 
ATOM   374  C CG  . LYS A 1 47  ? 17.028  -0.932  2.763   1.00 30.46 ? 395 LYS A CG  1 
ATOM   375  C CD  . LYS A 1 47  ? 18.245  -1.162  3.650   1.00 39.22 ? 395 LYS A CD  1 
ATOM   376  C CE  . LYS A 1 47  ? 18.919  -2.492  3.339   1.00 40.78 ? 395 LYS A CE  1 
ATOM   377  N NZ  . LYS A 1 47  ? 20.251  -2.611  4.000   1.00 44.03 ? 395 LYS A NZ  1 
ATOM   378  N N   . HIS A 1 48  ? 12.630  -2.533  2.645   1.00 16.72 ? 396 HIS A N   1 
ATOM   379  C CA  . HIS A 1 48  ? 11.421  -3.116  3.237   1.00 17.03 ? 396 HIS A CA  1 
ATOM   380  C C   . HIS A 1 48  ? 10.257  -3.050  2.263   1.00 15.68 ? 396 HIS A C   1 
ATOM   381  O O   . HIS A 1 48  ? 9.409   -2.154  2.353   1.00 14.77 ? 396 HIS A O   1 
ATOM   382  C CB  . HIS A 1 48  ? 11.083  -2.447  4.569   1.00 18.79 ? 396 HIS A CB  1 
ATOM   383  C CG  . HIS A 1 48  ? 12.120  -2.677  5.620   1.00 22.99 ? 396 HIS A CG  1 
ATOM   384  N ND1 . HIS A 1 48  ? 12.955  -1.682  6.076   1.00 26.13 ? 396 HIS A ND1 1 
ATOM   385  C CD2 . HIS A 1 48  ? 12.464  -3.800  6.293   1.00 20.06 ? 396 HIS A CD2 1 
ATOM   386  C CE1 . HIS A 1 48  ? 13.772  -2.182  6.989   1.00 26.43 ? 396 HIS A CE1 1 
ATOM   387  N NE2 . HIS A 1 48  ? 13.491  -3.464  7.142   1.00 26.94 ? 396 HIS A NE2 1 
ATOM   388  N N   . PRO A 1 49  ? 10.173  -3.997  1.333   1.00 14.22 ? 397 PRO A N   1 
ATOM   389  C CA  . PRO A 1 49  ? 9.068   -3.989  0.366   1.00 14.62 ? 397 PRO A CA  1 
ATOM   390  C C   . PRO A 1 49  ? 7.726   -4.161  1.066   1.00 13.62 ? 397 PRO A C   1 
ATOM   391  O O   . PRO A 1 49  ? 7.623   -4.811  2.101   1.00 14.94 ? 397 PRO A O   1 
ATOM   392  C CB  . PRO A 1 49  ? 9.378   -5.194  -0.530  1.00 15.45 ? 397 PRO A CB  1 
ATOM   393  C CG  . PRO A 1 49  ? 10.887  -5.363  -0.417  1.00 19.16 ? 397 PRO A CG  1 
ATOM   394  C CD  . PRO A 1 49  ? 11.175  -5.041  1.028   1.00 16.63 ? 397 PRO A CD  1 
ATOM   395  N N   . MET A 1 50  ? 6.683   -3.583  0.481   1.00 13.34 ? 398 MET A N   1 
ATOM   396  C CA  . MET A 1 50  ? 5.342   -3.730  1.030   1.00 12.68 ? 398 MET A CA  1 
ATOM   397  C C   . MET A 1 50  ? 4.337   -3.532  -0.091  1.00 12.18 ? 398 MET A C   1 
ATOM   398  O O   . MET A 1 50  ? 4.595   -2.796  -1.044  1.00 13.16 ? 398 MET A O   1 
ATOM   399  C CB  . MET A 1 50  ? 5.103   -2.764  2.203   1.00 13.33 ? 398 MET A CB  1 
ATOM   400  C CG  . MET A 1 50  ? 3.745   -2.956  2.835   1.00 14.43 ? 398 MET A CG  1 
ATOM   401  S SD  . MET A 1 50  ? 3.500   -4.585  3.545   1.00 14.84 ? 398 MET A SD  1 
ATOM   402  C CE  . MET A 1 50  ? 5.002   -4.966  4.442   1.00 15.11 ? 398 MET A CE  1 
ATOM   403  N N   . ASP A 1 51  ? 3.198   -4.213  0.015   1.00 12.88 ? 399 ASP A N   1 
ATOM   404  C CA  . ASP A 1 51  ? 2.165   -4.199  -1.014  1.00 12.61 ? 399 ASP A CA  1 
ATOM   405  C C   . ASP A 1 51  ? 0.836   -4.522  -0.343  1.00 12.13 ? 399 ASP A C   1 
ATOM   406  O O   . ASP A 1 51  ? 0.784   -4.996  0.797   1.00 12.39 ? 399 ASP A O   1 
ATOM   407  C CB  . ASP A 1 51  ? 2.466   -5.242  -2.092  1.00 12.97 ? 399 ASP A CB  1 
ATOM   408  C CG  . ASP A 1 51  ? 2.318   -6.634  -1.560  1.00 12.90 ? 399 ASP A CG  1 
ATOM   409  O OD1 . ASP A 1 51  ? 3.288   -7.118  -0.942  1.00 14.58 ? 399 ASP A OD1 1 
ATOM   410  O OD2 . ASP A 1 51  ? 1.211   -7.206  -1.675  1.00 14.92 ? 399 ASP A OD2 1 
ATOM   411  N N   . MET A 1 52  ? -0.244  -4.293  -1.084  1.00 11.76 ? 400 MET A N   1 
ATOM   412  C CA  . MET A 1 52  ? -1.602  -4.398  -0.539  1.00 12.35 ? 400 MET A CA  1 
ATOM   413  C C   . MET A 1 52  ? -1.975  -5.820  -0.153  1.00 12.70 ? 400 MET A C   1 
ATOM   414  O O   . MET A 1 52  ? -2.694  -6.014  0.833   1.00 12.75 ? 400 MET A O   1 
ATOM   415  C CB  . MET A 1 52  ? -2.583  -3.830  -1.556  1.00 12.26 ? 400 MET A CB  1 
ATOM   416  C CG  . MET A 1 52  ? -2.483  -2.322  -1.677  1.00 11.94 ? 400 MET A CG  1 
ATOM   417  S SD  . MET A 1 52  ? -3.472  -1.655  -3.027  1.00 13.13 ? 400 MET A SD  1 
ATOM   418  C CE  . MET A 1 52  ? -5.104  -2.297  -2.690  1.00 13.86 ? 400 MET A CE  1 
ATOM   419  N N   . SER A 1 53  ? -1.517  -6.822  -0.910  1.00 13.14 ? 401 SER A N   1 
ATOM   420  C CA  . SER A 1 53  ? -1.863  -8.199  -0.562  1.00 14.44 ? 401 SER A CA  1 
ATOM   421  C C   . SER A 1 53  ? -1.160  -8.632  0.716   1.00 14.61 ? 401 SER A C   1 
ATOM   422  O O   . SER A 1 53  ? -1.732  -9.365  1.529   1.00 14.92 ? 401 SER A O   1 
ATOM   423  C CB  . SER A 1 53  ? -1.536  -9.148  -1.716  1.00 15.30 ? 401 SER A CB  1 
ATOM   424  O OG  . SER A 1 53  ? -2.419  -8.948  -2.804  1.00 19.78 ? 401 SER A OG  1 
ATOM   425  N N   . THR A 1 54  ? 0.072   -8.175  0.913   1.00 13.30 ? 402 THR A N   1 
ATOM   426  C CA  . THR A 1 54  ? 0.764   -8.453  2.165   1.00 14.30 ? 402 THR A CA  1 
ATOM   427  C C   . THR A 1 54  ? 0.078   -7.765  3.337   1.00 13.99 ? 402 THR A C   1 
ATOM   428  O O   . THR A 1 54  ? -0.079  -8.364  4.410   1.00 14.57 ? 402 THR A O   1 
ATOM   429  C CB  . THR A 1 54  ? 2.226   -8.034  2.043   1.00 14.44 ? 402 THR A CB  1 
ATOM   430  O OG1 . THR A 1 54  ? 2.844   -8.799  0.999   1.00 15.38 ? 402 THR A OG1 1 
ATOM   431  C CG2 . THR A 1 54  ? 2.982   -8.282  3.347   1.00 15.71 ? 402 THR A CG2 1 
ATOM   432  N N   . ILE A 1 55  ? -0.353  -6.515  3.153   1.00 13.85 ? 403 ILE A N   1 
ATOM   433  C CA  . ILE A 1 55  ? -1.099  -5.827  4.203   1.00 12.93 ? 403 ILE A CA  1 
ATOM   434  C C   . ILE A 1 55  ? -2.374  -6.585  4.530   1.00 12.42 ? 403 ILE A C   1 
ATOM   435  O O   . ILE A 1 55  ? -2.723  -6.763  5.703   1.00 13.21 ? 403 ILE A O   1 
ATOM   436  C CB  . ILE A 1 55  ? -1.379  -4.370  3.793   1.00 13.01 ? 403 ILE A CB  1 
ATOM   437  C CG1 . ILE A 1 55  ? -0.064  -3.610  3.653   1.00 12.88 ? 403 ILE A CG1 1 
ATOM   438  C CG2 . ILE A 1 55  ? -2.277  -3.684  4.824   1.00 13.18 ? 403 ILE A CG2 1 
ATOM   439  C CD1 . ILE A 1 55  ? -0.199  -2.239  3.020   1.00 14.65 ? 403 ILE A CD1 1 
ATOM   440  N N   . LYS A 1 56  ? -3.077  -7.072  3.506   1.00 13.23 ? 404 LYS A N   1 
ATOM   441  C CA  . LYS A 1 56  ? -4.301  -7.830  3.737   1.00 14.11 ? 404 LYS A CA  1 
ATOM   442  C C   . LYS A 1 56  ? -4.021  -9.095  4.542   1.00 14.21 ? 404 LYS A C   1 
ATOM   443  O O   . LYS A 1 56  ? -4.765  -9.420  5.477   1.00 15.20 ? 404 LYS A O   1 
ATOM   444  C CB  . LYS A 1 56  ? -4.944  -8.181  2.394   1.00 14.31 ? 404 LYS A CB  1 
ATOM   445  C CG  . LYS A 1 56  ? -6.284  -8.904  2.513   1.00 17.42 ? 404 LYS A CG  1 
ATOM   446  C CD  . LYS A 1 56  ? -6.923  -9.063  1.142   1.00 22.84 ? 404 LYS A CD  1 
ATOM   447  C CE  . LYS A 1 56  ? -8.174  -9.920  1.203   1.00 28.48 ? 404 LYS A CE  1 
ATOM   448  N NZ  . LYS A 1 56  ? -9.220  -9.279  2.034   1.00 31.50 ? 404 LYS A NZ  1 
ATOM   449  N N   . SER A 1 57  ? -2.956  -9.819  4.196   1.00 13.94 ? 405 SER A N   1 
ATOM   450  C CA  . SER A 1 57  ? -2.603  -11.033 4.932   1.00 15.81 ? 405 SER A CA  1 
ATOM   451  C C   . SER A 1 57  ? -2.235  -10.718 6.375   1.00 14.91 ? 405 SER A C   1 
ATOM   452  O O   . SER A 1 57  ? -2.551  -11.493 7.292   1.00 16.04 ? 405 SER A O   1 
ATOM   453  C CB  . SER A 1 57  ? -1.460  -11.767 4.226   1.00 16.91 ? 405 SER A CB  1 
ATOM   454  O OG  . SER A 1 57  ? -0.229  -11.099 4.412   1.00 23.45 ? 405 SER A OG  1 
ATOM   455  N N   . LYS A 1 58  ? -1.580  -9.588  6.606   1.00 14.15 ? 406 LYS A N   1 
ATOM   456  C CA  . LYS A 1 58  ? -1.239  -9.203  7.967   1.00 15.71 ? 406 LYS A CA  1 
ATOM   457  C C   . LYS A 1 58  ? -2.481  -8.848  8.776   1.00 14.69 ? 406 LYS A C   1 
ATOM   458  O O   . LYS A 1 58  ? -2.582  -9.222  9.951   1.00 15.38 ? 406 LYS A O   1 
ATOM   459  C CB  . LYS A 1 58  ? -0.191  -8.087  7.962   1.00 14.73 ? 406 LYS A CB  1 
ATOM   460  C CG  . LYS A 1 58  ? 1.160   -8.574  7.453   1.00 15.69 ? 406 LYS A CG  1 
ATOM   461  C CD  . LYS A 1 58  ? 2.172   -7.477  7.216   1.00 18.92 ? 406 LYS A CD  1 
ATOM   462  C CE  . LYS A 1 58  ? 2.772   -6.978  8.506   1.00 21.19 ? 406 LYS A CE  1 
ATOM   463  N NZ  . LYS A 1 58  ? 3.938   -6.086  8.249   1.00 19.76 ? 406 LYS A NZ  1 
ATOM   464  N N   . LEU A 1 59  ? -3.450  -8.148  8.170   1.00 14.36 ? 407 LEU A N   1 
ATOM   465  C CA  . LEU A 1 59  ? -4.734  -7.940  8.844   1.00 15.66 ? 407 LEU A CA  1 
ATOM   466  C C   . LEU A 1 59  ? -5.411  -9.266  9.170   1.00 15.46 ? 407 LEU A C   1 
ATOM   467  O O   . LEU A 1 59  ? -5.947  -9.448  10.273  1.00 16.38 ? 407 LEU A O   1 
ATOM   468  C CB  . LEU A 1 59  ? -5.663  -7.091  7.971   1.00 14.63 ? 407 LEU A CB  1 
ATOM   469  C CG  . LEU A 1 59  ? -5.414  -5.582  7.928   1.00 14.66 ? 407 LEU A CG  1 
ATOM   470  C CD1 . LEU A 1 59  ? -6.150  -4.942  6.759   1.00 16.98 ? 407 LEU A CD1 1 
ATOM   471  C CD2 . LEU A 1 59  ? -5.851  -4.930  9.232   1.00 15.24 ? 407 LEU A CD2 1 
ATOM   472  N N   . GLU A 1 60  ? -5.399  -10.209 8.226   1.00 16.69 ? 408 GLU A N   1 
ATOM   473  C CA  . GLU A 1 60  ? -6.070  -11.486 8.453   1.00 18.35 ? 408 GLU A CA  1 
ATOM   474  C C   . GLU A 1 60  ? -5.422  -12.270 9.585   1.00 18.16 ? 408 GLU A C   1 
ATOM   475  O O   . GLU A 1 60  ? -6.119  -12.928 10.367  1.00 18.52 ? 408 GLU A O   1 
ATOM   476  C CB  . GLU A 1 60  ? -6.131  -12.302 7.162   1.00 21.41 ? 408 GLU A CB  1 
ATOM   477  C CG  . GLU A 1 60  ? -7.227  -11.816 6.234   1.00 26.10 ? 408 GLU A CG  1 
ATOM   478  C CD  . GLU A 1 60  ? -7.136  -12.358 4.825   1.00 30.93 ? 408 GLU A CD  1 
ATOM   479  O OE1 . GLU A 1 60  ? -6.097  -12.953 4.471   1.00 33.19 ? 408 GLU A OE1 1 
ATOM   480  O OE2 . GLU A 1 60  ? -8.109  -12.164 4.064   1.00 34.78 ? 408 GLU A OE2 1 
ATOM   481  N N   . ALA A 1 61  ? -4.101  -12.195 9.699   1.00 17.23 ? 409 ALA A N   1 
ATOM   482  C CA  . ALA A 1 61  ? -3.358  -12.833 10.778  1.00 17.29 ? 409 ALA A CA  1 
ATOM   483  C C   . ALA A 1 61  ? -3.339  -11.998 12.048  1.00 17.54 ? 409 ALA A C   1 
ATOM   484  O O   . ALA A 1 61  ? -2.720  -12.415 13.041  1.00 17.37 ? 409 ALA A O   1 
ATOM   485  C CB  . ALA A 1 61  ? -1.927  -13.103 10.317  1.00 18.33 ? 409 ALA A CB  1 
ATOM   486  N N   . ARG A 1 62  ? -3.994  -10.841 12.041  1.00 16.96 ? 410 ARG A N   1 
ATOM   487  C CA  . ARG A 1 62  ? -4.101  -9.970  13.213  1.00 16.68 ? 410 ARG A CA  1 
ATOM   488  C C   . ARG A 1 62  ? -2.748  -9.444  13.674  1.00 16.12 ? 410 ARG A C   1 
ATOM   489  O O   . ARG A 1 62  ? -2.547  -9.154  14.859  1.00 17.24 ? 410 ARG A O   1 
ATOM   490  C CB  . ARG A 1 62  ? -4.895  -10.616 14.350  1.00 18.14 ? 410 ARG A CB  1 
ATOM   491  C CG  . ARG A 1 62  ? -6.289  -11.028 13.904  1.00 22.49 ? 410 ARG A CG  1 
ATOM   492  C CD  . ARG A 1 62  ? -6.967  -11.842 14.974  1.00 23.00 ? 410 ARG A CD  1 
ATOM   493  N NE  . ARG A 1 62  ? -7.493  -10.953 15.996  1.00 27.14 ? 410 ARG A NE  1 
ATOM   494  C CZ  . ARG A 1 62  ? -8.139  -11.359 17.077  1.00 24.64 ? 410 ARG A CZ  1 
ATOM   495  N NH1 . ARG A 1 62  ? -8.367  -12.643 17.302  1.00 26.22 ? 410 ARG A NH1 1 
ATOM   496  N NH2 . ARG A 1 62  ? -8.555  -10.455 17.957  1.00 22.07 ? 410 ARG A NH2 1 
ATOM   497  N N   . GLU A 1 63  ? -1.819  -9.285  12.730  1.00 15.32 ? 411 GLU A N   1 
ATOM   498  C CA  . GLU A 1 63  ? -0.491  -8.807  13.088  1.00 15.80 ? 411 GLU A CA  1 
ATOM   499  C C   . GLU A 1 63  ? -0.524  -7.347  13.533  1.00 15.26 ? 411 GLU A C   1 
ATOM   500  O O   . GLU A 1 63  ? 0.230   -6.946  14.434  1.00 16.83 ? 411 GLU A O   1 
ATOM   501  C CB  . GLU A 1 63  ? 0.481   -9.003  11.922  1.00 15.32 ? 411 GLU A CB  1 
ATOM   502  C CG  . GLU A 1 63  ? 1.877   -8.553  12.275  1.00 16.82 ? 411 GLU A CG  1 
ATOM   503  C CD  . GLU A 1 63  ? 2.963   -9.108  11.369  1.00 16.53 ? 411 GLU A CD  1 
ATOM   504  O OE1 . GLU A 1 63  ? 2.673   -9.946  10.485  1.00 17.48 ? 411 GLU A OE1 1 
ATOM   505  O OE2 . GLU A 1 63  ? 4.124   -8.706  11.573  1.00 17.79 ? 411 GLU A OE2 1 
ATOM   506  N N   . TYR A 1 64  ? -1.386  -6.532  12.923  1.00 14.93 ? 412 TYR A N   1 
ATOM   507  C CA  . TYR A 1 64  ? -1.487  -5.145  13.338  1.00 15.96 ? 412 TYR A CA  1 
ATOM   508  C C   . TYR A 1 64  ? -2.291  -5.072  14.624  1.00 16.54 ? 412 TYR A C   1 
ATOM   509  O O   . TYR A 1 64  ? -3.425  -5.562  14.697  1.00 16.21 ? 412 TYR A O   1 
ATOM   510  C CB  . TYR A 1 64  ? -2.170  -4.296  12.266  1.00 13.72 ? 412 TYR A CB  1 
ATOM   511  C CG  . TYR A 1 64  ? -1.492  -4.336  10.910  1.00 13.12 ? 412 TYR A CG  1 
ATOM   512  C CD1 . TYR A 1 64  ? -0.153  -3.954  10.752  1.00 15.19 ? 412 TYR A CD1 1 
ATOM   513  C CD2 . TYR A 1 64  ? -2.182  -4.778  9.790   1.00 13.79 ? 412 TYR A CD2 1 
ATOM   514  C CE1 . TYR A 1 64  ? 0.464   -3.999  9.501   1.00 14.65 ? 412 TYR A CE1 1 
ATOM   515  C CE2 . TYR A 1 64  ? -1.576  -4.827  8.551   1.00 13.64 ? 412 TYR A CE2 1 
ATOM   516  C CZ  . TYR A 1 64  ? -0.267  -4.435  8.407   1.00 13.76 ? 412 TYR A CZ  1 
ATOM   517  O OH  . TYR A 1 64  ? 0.283   -4.496  7.146   1.00 14.20 ? 412 TYR A OH  1 
ATOM   518  N N   . ARG A 1 65  ? -1.716  -4.434  15.633  1.00 15.75 ? 413 ARG A N   1 
ATOM   519  C CA  . ARG A 1 65  ? -2.420  -4.321  16.899  1.00 16.40 ? 413 ARG A CA  1 
ATOM   520  C C   . ARG A 1 65  ? -3.370  -3.136  16.928  1.00 17.36 ? 413 ARG A C   1 
ATOM   521  O O   . ARG A 1 65  ? -4.267  -3.096  17.777  1.00 19.09 ? 413 ARG A O   1 
ATOM   522  C CB  . ARG A 1 65  ? -1.417  -4.253  18.052  1.00 17.62 ? 413 ARG A CB  1 
ATOM   523  C CG  . ARG A 1 65  ? -0.562  -5.498  18.168  1.00 18.26 ? 413 ARG A CG  1 
ATOM   524  C CD  . ARG A 1 65  ? 0.199   -5.545  19.490  1.00 18.16 ? 413 ARG A CD  1 
ATOM   525  N NE  . ARG A 1 65  ? -0.719  -5.647  20.617  1.00 19.94 ? 413 ARG A NE  1 
ATOM   526  C CZ  . ARG A 1 65  ? -0.488  -5.156  21.827  1.00 19.65 ? 413 ARG A CZ  1 
ATOM   527  N NH1 . ARG A 1 65  ? 0.646   -4.539  22.119  1.00 21.60 ? 413 ARG A NH1 1 
ATOM   528  N NH2 . ARG A 1 65  ? -1.421  -5.286  22.769  1.00 20.19 ? 413 ARG A NH2 1 
ATOM   529  N N   . ASP A 1 66  ? -3.206  -2.189  16.009  1.00 18.31 ? 414 ASP A N   1 
ATOM   530  C CA  . ASP A 1 66  ? -3.994  -0.964  15.981  1.00 18.53 ? 414 ASP A CA  1 
ATOM   531  C C   . ASP A 1 66  ? -3.894  -0.312  14.608  1.00 16.00 ? 414 ASP A C   1 
ATOM   532  O O   . ASP A 1 66  ? -3.112  -0.731  13.752  1.00 16.16 ? 414 ASP A O   1 
ATOM   533  C CB  . ASP A 1 66  ? -3.652  -0.024  17.149  1.00 22.20 ? 414 ASP A CB  1 
ATOM   534  C CG  . ASP A 1 66  ? -2.262  0.595   17.044  1.00 24.94 ? 414 ASP A CG  1 
ATOM   535  O OD1 . ASP A 1 66  ? -1.716  0.801   15.939  1.00 25.90 ? 414 ASP A OD1 1 
ATOM   536  O OD2 . ASP A 1 66  ? -1.705  0.903   18.120  1.00 32.77 ? 414 ASP A OD2 1 
ATOM   537  N N   . ALA A 1 67  ? -4.707  0.724   14.408  1.00 16.44 ? 415 ALA A N   1 
ATOM   538  C CA  . ALA A 1 67  ? -4.755  1.368   13.101  1.00 15.49 ? 415 ALA A CA  1 
ATOM   539  C C   . ALA A 1 67  ? -3.433  2.027   12.745  1.00 17.31 ? 415 ALA A C   1 
ATOM   540  O O   . ALA A 1 67  ? -3.054  2.060   11.570  1.00 15.73 ? 415 ALA A O   1 
ATOM   541  C CB  . ALA A 1 67  ? -5.888  2.390   13.061  1.00 18.46 ? 415 ALA A CB  1 
ATOM   542  N N   . GLN A 1 68  ? -2.724  2.580   13.733  1.00 18.84 ? 416 GLN A N   1 
ATOM   543  C CA  . GLN A 1 68  ? -1.459  3.243   13.425  1.00 20.96 ? 416 GLN A CA  1 
ATOM   544  C C   . GLN A 1 68  ? -0.459  2.273   12.803  1.00 18.65 ? 416 GLN A C   1 
ATOM   545  O O   . GLN A 1 68  ? 0.253   2.630   11.857  1.00 19.69 ? 416 GLN A O   1 
ATOM   546  C CB  . GLN A 1 68  ? -0.877  3.945   14.658  1.00 25.16 ? 416 GLN A CB  1 
ATOM   547  C CG  . GLN A 1 68  ? -1.824  4.881   15.417  1.00 31.78 ? 416 GLN A CG  1 
ATOM   548  C CD  . GLN A 1 68  ? -2.591  5.880   14.543  1.00 32.33 ? 416 GLN A CD  1 
ATOM   549  O OE1 . GLN A 1 68  ? -2.169  6.237   13.441  1.00 33.41 ? 416 GLN A OE1 1 
ATOM   550  N NE2 . GLN A 1 68  ? -3.741  6.322   15.041  1.00 36.44 ? 416 GLN A NE2 1 
ATOM   551  N N   . GLU A 1 69  ? -0.404  1.038   13.304  1.00 19.68 ? 417 GLU A N   1 
ATOM   552  C CA  . GLU A 1 69  ? 0.501   0.041   12.738  1.00 18.91 ? 417 GLU A CA  1 
ATOM   553  C C   . GLU A 1 69  ? 0.138   -0.319  11.299  1.00 18.23 ? 417 GLU A C   1 
ATOM   554  O O   . GLU A 1 69  ? 1.021   -0.443  10.441  1.00 17.67 ? 417 GLU A O   1 
ATOM   555  C CB  . GLU A 1 69  ? 0.528   -1.200  13.625  1.00 20.45 ? 417 GLU A CB  1 
ATOM   556  C CG  . GLU A 1 69  ? 1.832   -1.937  13.518  1.00 21.03 ? 417 GLU A CG  1 
ATOM   557  C CD  . GLU A 1 69  ? 1.889   -3.187  14.375  1.00 23.46 ? 417 GLU A CD  1 
ATOM   558  O OE1 . GLU A 1 69  ? 1.020   -3.389  15.255  1.00 20.48 ? 417 GLU A OE1 1 
ATOM   559  O OE2 . GLU A 1 69  ? 2.790   -4.004  14.114  1.00 25.50 ? 417 GLU A OE2 1 
ATOM   560  N N   . PHE A 1 70  ? -1.154  -0.516  11.027  1.00 15.76 ? 418 PHE A N   1 
ATOM   561  C CA  . PHE A 1 70  ? -1.623  -0.741  9.663   1.00 15.17 ? 418 PHE A CA  1 
ATOM   562  C C   . PHE A 1 70  ? -1.256  0.432   8.767   1.00 14.68 ? 418 PHE A C   1 
ATOM   563  O O   . PHE A 1 70  ? -0.738  0.247   7.655   1.00 15.02 ? 418 PHE A O   1 
ATOM   564  C CB  . PHE A 1 70  ? -3.139  -0.951  9.703   1.00 14.58 ? 418 PHE A CB  1 
ATOM   565  C CG  . PHE A 1 70  ? -3.857  -0.687  8.395   1.00 13.47 ? 418 PHE A CG  1 
ATOM   566  C CD1 . PHE A 1 70  ? -3.988  -1.695  7.451   1.00 14.42 ? 418 PHE A CD1 1 
ATOM   567  C CD2 . PHE A 1 70  ? -4.465  0.542   8.153   1.00 14.77 ? 418 PHE A CD2 1 
ATOM   568  C CE1 . PHE A 1 70  ? -4.680  -1.470  6.280   1.00 13.77 ? 418 PHE A CE1 1 
ATOM   569  C CE2 . PHE A 1 70  ? -5.172  0.770   6.994   1.00 14.55 ? 418 PHE A CE2 1 
ATOM   570  C CZ  . PHE A 1 70  ? -5.281  -0.235  6.054   1.00 13.51 ? 418 PHE A CZ  1 
ATOM   571  N N   . GLY A 1 71  ? -1.516  1.653   9.233   1.00 15.01 ? 419 GLY A N   1 
ATOM   572  C CA  . GLY A 1 71  ? -1.201  2.823   8.438   1.00 16.52 ? 419 GLY A CA  1 
ATOM   573  C C   . GLY A 1 71  ? 0.277   2.935   8.113   1.00 15.74 ? 419 GLY A C   1 
ATOM   574  O O   . GLY A 1 71  ? 0.648   3.392   7.028   1.00 16.23 ? 419 GLY A O   1 
ATOM   575  N N   . ALA A 1 72  ? 1.137   2.508   9.031   1.00 16.10 ? 420 ALA A N   1 
ATOM   576  C CA  . ALA A 1 72  ? 2.573   2.574   8.773   1.00 17.65 ? 420 ALA A CA  1 
ATOM   577  C C   . ALA A 1 72  ? 2.966   1.714   7.575   1.00 16.07 ? 420 ALA A C   1 
ATOM   578  O O   . ALA A 1 72  ? 3.816   2.112   6.765   1.00 15.66 ? 420 ALA A O   1 
ATOM   579  C CB  . ALA A 1 72  ? 3.357   2.167   10.021  1.00 20.16 ? 420 ALA A CB  1 
ATOM   580  N N   . ASP A 1 73  ? 2.346   0.541   7.428   1.00 15.45 ? 421 ASP A N   1 
ATOM   581  C CA  . ASP A 1 73  ? 2.641   -0.306  6.274   1.00 14.11 ? 421 ASP A CA  1 
ATOM   582  C C   . ASP A 1 73  ? 2.078   0.283   4.986   1.00 13.06 ? 421 ASP A C   1 
ATOM   583  O O   . ASP A 1 73  ? 2.720   0.196   3.929   1.00 13.00 ? 421 ASP A O   1 
ATOM   584  C CB  . ASP A 1 73  ? 2.109   -1.718  6.494   1.00 13.95 ? 421 ASP A CB  1 
ATOM   585  C CG  . ASP A 1 73  ? 3.158   -2.671  7.041   1.00 14.48 ? 421 ASP A CG  1 
ATOM   586  O OD1 . ASP A 1 73  ? 4.333   -2.266  7.209   1.00 18.54 ? 421 ASP A OD1 1 
ATOM   587  O OD2 . ASP A 1 73  ? 2.824   -3.845  7.267   1.00 13.95 ? 421 ASP A OD2 1 
ATOM   588  N N   . VAL A 1 74  ? 0.894   0.899   5.040   1.00 13.03 ? 422 VAL A N   1 
ATOM   589  C CA  . VAL A 1 74  ? 0.367   1.554   3.845   1.00 12.93 ? 422 VAL A CA  1 
ATOM   590  C C   . VAL A 1 74  ? 1.314   2.654   3.388   1.00 12.76 ? 422 VAL A C   1 
ATOM   591  O O   . VAL A 1 74  ? 1.657   2.762   2.203   1.00 13.15 ? 422 VAL A O   1 
ATOM   592  C CB  . VAL A 1 74  ? -1.050  2.093   4.099   1.00 12.37 ? 422 VAL A CB  1 
ATOM   593  C CG1 . VAL A 1 74  ? -1.507  2.867   2.880   1.00 15.11 ? 422 VAL A CG1 1 
ATOM   594  C CG2 . VAL A 1 74  ? -2.020  0.960   4.405   1.00 13.53 ? 422 VAL A CG2 1 
ATOM   595  N N   . ARG A 1 75  ? 1.779   3.467   4.335   1.00 13.00 ? 423 ARG A N   1 
ATOM   596  C CA  . ARG A 1 75  ? 2.684   4.559   3.984   1.00 14.86 ? 423 ARG A CA  1 
ATOM   597  C C   . ARG A 1 75  ? 4.038   4.042   3.517   1.00 14.09 ? 423 ARG A C   1 
ATOM   598  O O   . ARG A 1 75  ? 4.660   4.650   2.644   1.00 14.38 ? 423 ARG A O   1 
ATOM   599  C CB  . ARG A 1 75  ? 2.863   5.478   5.184   1.00 19.27 ? 423 ARG A CB  1 
ATOM   600  C CG  . ARG A 1 75  ? 1.940   6.650   5.157   1.00 27.21 ? 423 ARG A CG  1 
ATOM   601  C CD  . ARG A 1 75  ? 0.688   6.266   5.857   1.00 22.44 ? 423 ARG A CD  1 
ATOM   602  N NE  . ARG A 1 75  ? -0.135  7.414   6.204   1.00 18.31 ? 423 ARG A NE  1 
ATOM   603  C CZ  . ARG A 1 75  ? -0.481  7.727   7.442   1.00 15.36 ? 423 ARG A CZ  1 
ATOM   604  N NH1 . ARG A 1 75  ? 0.040   7.098   8.475   1.00 16.89 ? 423 ARG A NH1 1 
ATOM   605  N NH2 . ARG A 1 75  ? -1.403  8.663   7.641   1.00 15.61 ? 423 ARG A NH2 1 
ATOM   606  N N   . LEU A 1 76  ? 4.517   2.950   4.107   1.00 13.22 ? 424 LEU A N   1 
ATOM   607  C CA  . LEU A 1 76  ? 5.755   2.333   3.637   1.00 13.77 ? 424 LEU A CA  1 
ATOM   608  C C   . LEU A 1 76  ? 5.640   1.950   2.171   1.00 12.88 ? 424 LEU A C   1 
ATOM   609  O O   . LEU A 1 76  ? 6.550   2.199   1.374   1.00 13.64 ? 424 LEU A O   1 
ATOM   610  C CB  . LEU A 1 76  ? 6.031   1.098   4.484   1.00 14.75 ? 424 LEU A CB  1 
ATOM   611  C CG  . LEU A 1 76  ? 7.182   0.197   4.022   1.00 14.81 ? 424 LEU A CG  1 
ATOM   612  C CD1 . LEU A 1 76  ? 8.504   0.963   3.953   1.00 16.27 ? 424 LEU A CD1 1 
ATOM   613  C CD2 . LEU A 1 76  ? 7.292   -0.992  4.965   1.00 16.21 ? 424 LEU A CD2 1 
ATOM   614  N N   . MET A 1 77  ? 4.508   1.361   1.799   1.00 12.83 ? 425 MET A N   1 
ATOM   615  C CA  . MET A 1 77  ? 4.256   0.997   0.416   1.00 13.27 ? 425 MET A CA  1 
ATOM   616  C C   . MET A 1 77  ? 4.363   2.179   -0.527  1.00 13.34 ? 425 MET A C   1 
ATOM   617  O O   . MET A 1 77  ? 5.049   2.110   -1.556  1.00 12.70 ? 425 MET A O   1 
ATOM   618  C CB  . MET A 1 77  ? 2.973   0.152   0.346   1.00 12.46 ? 425 MET A CB  1 
ATOM   619  C CG  . MET A 1 77  ? 2.504   -0.315  -1.013  1.00 13.83 ? 425 MET A CG  1 
ATOM   620  S SD  . MET A 1 77  ? 0.771   -0.725  -1.080  1.00 13.22 ? 425 MET A SD  1 
ATOM   621  C CE  . MET A 1 77  ? -0.147  0.756   -0.627  1.00 16.21 ? 425 MET A CE  1 
ATOM   622  N N   . PHE A 1 78  ? 3.742   3.297   -0.174  1.00 13.33 ? 426 PHE A N   1 
ATOM   623  C CA  . PHE A 1 78  ? 3.832   4.472   -1.037  1.00 12.41 ? 426 PHE A CA  1 
ATOM   624  C C   . PHE A 1 78  ? 5.241   5.065   -1.038  1.00 12.69 ? 426 PHE A C   1 
ATOM   625  O O   . PHE A 1 78  ? 5.744   5.473   -2.093  1.00 12.85 ? 426 PHE A O   1 
ATOM   626  C CB  . PHE A 1 78  ? 2.793   5.515   -0.626  1.00 12.83 ? 426 PHE A CB  1 
ATOM   627  C CG  . PHE A 1 78  ? 1.365   5.073   -0.879  1.00 12.74 ? 426 PHE A CG  1 
ATOM   628  C CD1 . PHE A 1 78  ? 1.002   4.610   -2.136  1.00 14.52 ? 426 PHE A CD1 1 
ATOM   629  C CD2 . PHE A 1 78  ? 0.411   5.102   0.120   1.00 14.74 ? 426 PHE A CD2 1 
ATOM   630  C CE1 . PHE A 1 78  ? -0.287  4.205   -2.407  1.00 16.84 ? 426 PHE A CE1 1 
ATOM   631  C CE2 . PHE A 1 78  ? -0.903  4.685   -0.146  1.00 15.06 ? 426 PHE A CE2 1 
ATOM   632  C CZ  . PHE A 1 78  ? -1.234  4.231   -1.421  1.00 16.37 ? 426 PHE A CZ  1 
ATOM   633  N N   . SER A 1 79  ? 5.875   5.137   0.137   1.00 12.20 ? 427 SER A N   1 
ATOM   634  C CA  . SER A 1 79  ? 7.226   5.684   0.228   1.00 12.78 ? 427 SER A CA  1 
ATOM   635  C C   . SER A 1 79  ? 8.211   4.884   -0.612  1.00 13.59 ? 427 SER A C   1 
ATOM   636  O O   . SER A 1 79  ? 9.125   5.462   -1.209  1.00 13.50 ? 427 SER A O   1 
ATOM   637  C CB  . SER A 1 79  ? 7.695   5.736   1.686   1.00 13.06 ? 427 SER A CB  1 
ATOM   638  O OG  . SER A 1 79  ? 6.916   6.651   2.441   1.00 13.74 ? 427 SER A OG  1 
ATOM   639  N N   . ASN A 1 80  ? 8.045   3.558   -0.665  1.00 12.62 ? 428 ASN A N   1 
ATOM   640  C CA  . ASN A 1 80  ? 8.930   2.756   -1.507  1.00 13.04 ? 428 ASN A CA  1 
ATOM   641  C C   . ASN A 1 80  ? 8.805   3.177   -2.959  1.00 12.82 ? 428 ASN A C   1 
ATOM   642  O O   . ASN A 1 80  ? 9.809   3.266   -3.681  1.00 13.02 ? 428 ASN A O   1 
ATOM   643  C CB  . ASN A 1 80  ? 8.589   1.275   -1.378  1.00 13.62 ? 428 ASN A CB  1 
ATOM   644  C CG  . ASN A 1 80  ? 8.994   0.691   -0.055  1.00 14.20 ? 428 ASN A CG  1 
ATOM   645  O OD1 . ASN A 1 80  ? 9.848   1.231   0.650   1.00 14.00 ? 428 ASN A OD1 1 
ATOM   646  N ND2 . ASN A 1 80  ? 8.409   -0.443  0.277   1.00 13.77 ? 428 ASN A ND2 1 
ATOM   647  N N   . CYS A 1 81  ? 7.577   3.440   -3.408  1.00 13.18 ? 429 CYS A N   1 
ATOM   648  C CA  . CYS A 1 81  ? 7.355   3.894   -4.774  1.00 15.15 ? 429 CYS A CA  1 
ATOM   649  C C   . CYS A 1 81  ? 8.008   5.251   -5.021  1.00 14.04 ? 429 CYS A C   1 
ATOM   650  O O   . CYS A 1 81  ? 8.661   5.464   -6.058  1.00 14.39 ? 429 CYS A O   1 
ATOM   651  C CB  . CYS A 1 81  ? 5.849   3.952   -5.022  1.00 13.79 ? 429 CYS A CB  1 
ATOM   652  S SG  . CYS A 1 81  ? 5.406   4.355   -6.723  1.00 14.28 ? 429 CYS A SG  1 
ATOM   653  N N   . TYR A 1 82  ? 7.863   6.179   -4.065  1.00 14.21 ? 430 TYR A N   1 
ATOM   654  C CA  . TYR A 1 82  ? 8.464   7.503   -4.209  1.00 14.37 ? 430 TYR A CA  1 
ATOM   655  C C   . TYR A 1 82  ? 9.984   7.450   -4.160  1.00 14.26 ? 430 TYR A C   1 
ATOM   656  O O   . TYR A 1 82  ? 10.652  8.296   -4.766  1.00 16.72 ? 430 TYR A O   1 
ATOM   657  C CB  . TYR A 1 82  ? 7.955   8.445   -3.114  1.00 14.01 ? 430 TYR A CB  1 
ATOM   658  C CG  . TYR A 1 82  ? 6.444   8.578   -3.048  1.00 13.40 ? 430 TYR A CG  1 
ATOM   659  C CD1 . TYR A 1 82  ? 5.669   8.574   -4.192  1.00 14.45 ? 430 TYR A CD1 1 
ATOM   660  C CD2 . TYR A 1 82  ? 5.793   8.723   -1.820  1.00 13.61 ? 430 TYR A CD2 1 
ATOM   661  C CE1 . TYR A 1 82  ? 4.276   8.694   -4.119  1.00 15.37 ? 430 TYR A CE1 1 
ATOM   662  C CE2 . TYR A 1 82  ? 4.406   8.843   -1.738  1.00 14.50 ? 430 TYR A CE2 1 
ATOM   663  C CZ  . TYR A 1 82  ? 3.660   8.832   -2.891  1.00 14.25 ? 430 TYR A CZ  1 
ATOM   664  O OH  . TYR A 1 82  ? 2.285   8.945   -2.846  1.00 16.28 ? 430 TYR A OH  1 
ATOM   665  N N   . LYS A 1 83  ? 10.542  6.482   -3.445  1.00 13.54 ? 431 LYS A N   1 
ATOM   666  C CA  . LYS A 1 83  ? 11.994  6.373   -3.344  1.00 15.12 ? 431 LYS A CA  1 
ATOM   667  C C   . LYS A 1 83  ? 12.609  5.707   -4.567  1.00 14.83 ? 431 LYS A C   1 
ATOM   668  O O   . LYS A 1 83  ? 13.686  6.114   -5.022  1.00 16.36 ? 431 LYS A O   1 
ATOM   669  C CB  . LYS A 1 83  ? 12.352  5.590   -2.088  1.00 14.23 ? 431 LYS A CB  1 
ATOM   670  C CG  . LYS A 1 83  ? 13.844  5.412   -1.884  1.00 17.65 ? 431 LYS A CG  1 
ATOM   671  C CD  . LYS A 1 83  ? 14.117  4.567   -0.666  1.00 16.40 ? 431 LYS A CD  1 
ATOM   672  C CE  . LYS A 1 83  ? 15.617  4.427   -0.441  1.00 21.55 ? 431 LYS A CE  1 
ATOM   673  N NZ  . LYS A 1 83  ? 15.916  3.808   0.867   1.00 26.65 ? 431 LYS A NZ  1 
ATOM   674  N N   . TYR A 1 84  ? 11.938  4.702   -5.124  1.00 14.01 ? 432 TYR A N   1 
ATOM   675  C CA  . TYR A 1 84  ? 12.539  3.890   -6.169  1.00 14.79 ? 432 TYR A CA  1 
ATOM   676  C C   . TYR A 1 84  ? 12.461  4.564   -7.533  1.00 15.49 ? 432 TYR A C   1 
ATOM   677  O O   . TYR A 1 84  ? 13.419  4.492   -8.319  1.00 16.66 ? 432 TYR A O   1 
ATOM   678  C CB  . TYR A 1 84  ? 11.885  2.505   -6.199  1.00 14.38 ? 432 TYR A CB  1 
ATOM   679  C CG  . TYR A 1 84  ? 12.410  1.672   -7.346  1.00 13.57 ? 432 TYR A CG  1 
ATOM   680  C CD1 . TYR A 1 84  ? 13.707  1.170   -7.329  1.00 14.82 ? 432 TYR A CD1 1 
ATOM   681  C CD2 . TYR A 1 84  ? 11.623  1.412   -8.456  1.00 14.75 ? 432 TYR A CD2 1 
ATOM   682  C CE1 . TYR A 1 84  ? 14.204  0.412   -8.404  1.00 15.12 ? 432 TYR A CE1 1 
ATOM   683  C CE2 . TYR A 1 84  ? 12.103  0.662   -9.520  1.00 15.87 ? 432 TYR A CE2 1 
ATOM   684  C CZ  . TYR A 1 84  ? 13.390  0.167   -9.487  1.00 14.70 ? 432 TYR A CZ  1 
ATOM   685  O OH  . TYR A 1 84  ? 13.864  -0.572  -10.553 1.00 17.32 ? 432 TYR A OH  1 
ATOM   686  N N   . ASN A 1 85  ? 11.378  5.221   -7.829  1.00 15.42 ? 433 ASN A N   1 
ATOM   687  C CA  . ASN A 1 85  ? 11.121  5.715   -9.171  1.00 16.76 ? 433 ASN A CA  1 
ATOM   688  C C   . ASN A 1 85  ? 11.462  7.193   -9.311  1.00 17.56 ? 433 ASN A C   1 
ATOM   689  O O   . ASN A 1 85  ? 11.389  7.950   -8.338  1.00 19.97 ? 433 ASN A O   1 
ATOM   690  C CB  . ASN A 1 85  ? 9.643   5.537   -9.515  1.00 16.45 ? 433 ASN A CB  1 
ATOM   691  C CG  . ASN A 1 85  ? 9.222   4.095   -9.508  1.00 15.69 ? 433 ASN A CG  1 
ATOM   692  O OD1 . ASN A 1 85  ? 9.473   3.361   -10.471 1.00 17.22 ? 433 ASN A OD1 1 
ATOM   693  N ND2 . ASN A 1 85  ? 8.578   3.663   -8.423  1.00 15.28 ? 433 ASN A ND2 1 
ATOM   694  N N   . PRO A 1 86  ? 11.832  7.628   -10.516 1.00 19.57 ? 434 PRO A N   1 
ATOM   695  C CA  . PRO A 1 86  ? 11.972  9.058   -10.756 1.00 19.21 ? 434 PRO A CA  1 
ATOM   696  C C   . PRO A 1 86  ? 10.661  9.760   -10.478 1.00 22.64 ? 434 PRO A C   1 
ATOM   697  O O   . PRO A 1 86  ? 9.575   9.171   -10.640 1.00 19.59 ? 434 PRO A O   1 
ATOM   698  C CB  . PRO A 1 86  ? 12.343  9.132   -12.245 1.00 22.66 ? 434 PRO A CB  1 
ATOM   699  C CG  . PRO A 1 86  ? 12.864  7.768   -12.589 1.00 23.90 ? 434 PRO A CG  1 
ATOM   700  C CD  . PRO A 1 86  ? 12.052  6.837   -11.740 1.00 20.48 ? 434 PRO A CD  1 
ATOM   701  N N   . PRO A 1 87  ? 10.707  11.021  -10.044 1.00 20.87 ? 435 PRO A N   1 
ATOM   702  C CA  . PRO A 1 87  ? 9.469   11.698  -9.622  1.00 22.12 ? 435 PRO A CA  1 
ATOM   703  C C   . PRO A 1 87  ? 8.455   11.921  -10.732 1.00 24.54 ? 435 PRO A C   1 
ATOM   704  O O   . PRO A 1 87  ? 7.269   12.105  -10.428 1.00 25.00 ? 435 PRO A O   1 
ATOM   705  C CB  . PRO A 1 87  ? 9.967   13.021  -9.022  1.00 26.51 ? 435 PRO A CB  1 
ATOM   706  C CG  . PRO A 1 87  ? 11.337  13.216  -9.602  1.00 26.21 ? 435 PRO A CG  1 
ATOM   707  C CD  . PRO A 1 87  ? 11.905  11.845  -9.796  1.00 25.20 ? 435 PRO A CD  1 
ATOM   708  N N   . ASP A 1 88  ? 8.869   11.919  -11.999 1.00 22.97 ? 436 ASP A N   1 
ATOM   709  C CA  . ASP A 1 88  ? 7.933   12.098  -13.104 1.00 24.12 ? 436 ASP A CA  1 
ATOM   710  C C   . ASP A 1 88  ? 7.391   10.783  -13.646 1.00 24.92 ? 436 ASP A C   1 
ATOM   711  O O   . ASP A 1 88  ? 6.636   10.798  -14.623 1.00 22.87 ? 436 ASP A O   1 
ATOM   712  C CB  . ASP A 1 88  ? 8.563   12.922  -14.239 1.00 29.16 ? 436 ASP A CB  1 
ATOM   713  C CG  . ASP A 1 88  ? 9.760   12.238  -14.868 1.00 34.02 ? 436 ASP A CG  1 
ATOM   714  O OD1 . ASP A 1 88  ? 10.490  11.531  -14.144 1.00 32.51 ? 436 ASP A OD1 1 
ATOM   715  O OD2 . ASP A 1 88  ? 9.977   12.413  -16.089 1.00 39.40 ? 436 ASP A OD2 1 
ATOM   716  N N   . HIS A 1 89  ? 7.748   9.657   -13.032 1.00 21.08 ? 437 HIS A N   1 
ATOM   717  C CA  . HIS A 1 89  ? 7.274   8.358   -13.488 1.00 21.56 ? 437 HIS A CA  1 
ATOM   718  C C   . HIS A 1 89  ? 5.764   8.239   -13.329 1.00 20.27 ? 437 HIS A C   1 
ATOM   719  O O   . HIS A 1 89  ? 5.183   8.726   -12.358 1.00 19.90 ? 437 HIS A O   1 
ATOM   720  C CB  . HIS A 1 89  ? 7.960   7.259   -12.682 1.00 20.10 ? 437 HIS A CB  1 
ATOM   721  C CG  . HIS A 1 89  ? 7.940   5.913   -13.336 1.00 20.13 ? 437 HIS A CG  1 
ATOM   722  N ND1 . HIS A 1 89  ? 6.795   5.153   -13.443 1.00 20.23 ? 437 HIS A ND1 1 
ATOM   723  C CD2 . HIS A 1 89  ? 8.933   5.179   -13.894 1.00 23.41 ? 437 HIS A CD2 1 
ATOM   724  C CE1 . HIS A 1 89  ? 7.084   4.010   -14.042 1.00 22.90 ? 437 HIS A CE1 1 
ATOM   725  N NE2 . HIS A 1 89  ? 8.374   4.004   -14.328 1.00 21.61 ? 437 HIS A NE2 1 
ATOM   726  N N   . GLU A 1 90  ? 5.132   7.572   -14.292 1.00 19.38 ? 438 GLU A N   1 
ATOM   727  C CA  . GLU A 1 90  ? 3.687   7.382   -14.245 1.00 19.63 ? 438 GLU A CA  1 
ATOM   728  C C   . GLU A 1 90  ? 3.228   6.662   -12.976 1.00 17.40 ? 438 GLU A C   1 
ATOM   729  O O   . GLU A 1 90  ? 2.160   6.982   -12.438 1.00 18.13 ? 438 GLU A O   1 
ATOM   730  C CB  . GLU A 1 90  ? 3.221   6.677   -15.520 1.00 23.39 ? 438 GLU A CB  1 
ATOM   731  C CG  . GLU A 1 90  ? 3.927   5.367   -15.813 1.00 30.82 ? 438 GLU A CG  1 
ATOM   732  C CD  . GLU A 1 90  ? 5.207   5.522   -16.643 1.00 33.06 ? 438 GLU A CD  1 
ATOM   733  O OE1 . GLU A 1 90  ? 5.848   6.602   -16.619 1.00 32.43 ? 438 GLU A OE1 1 
ATOM   734  O OE2 . GLU A 1 90  ? 5.574   4.548   -17.336 1.00 38.75 ? 438 GLU A OE2 1 
ATOM   735  N N   . VAL A 1 91  ? 4.026   5.721   -12.465 1.00 16.18 ? 439 VAL A N   1 
ATOM   736  C CA  . VAL A 1 91  ? 3.607   4.974   -11.281 1.00 15.72 ? 439 VAL A CA  1 
ATOM   737  C C   . VAL A 1 91  ? 3.587   5.866   -10.048 1.00 15.53 ? 439 VAL A C   1 
ATOM   738  O O   . VAL A 1 91  ? 2.819   5.618   -9.105  1.00 14.94 ? 439 VAL A O   1 
ATOM   739  C CB  . VAL A 1 91  ? 4.475   3.712   -11.095 1.00 15.80 ? 439 VAL A CB  1 
ATOM   740  C CG1 . VAL A 1 91  ? 5.845   4.063   -10.537 1.00 17.10 ? 439 VAL A CG1 1 
ATOM   741  C CG2 . VAL A 1 91  ? 3.748   2.707   -10.191 1.00 18.00 ? 439 VAL A CG2 1 
ATOM   742  N N   . VAL A 1 92  ? 4.420   6.907   -10.022 1.00 16.31 ? 440 VAL A N   1 
ATOM   743  C CA  . VAL A 1 92  ? 4.403   7.846   -8.905  1.00 15.57 ? 440 VAL A CA  1 
ATOM   744  C C   . VAL A 1 92  ? 3.101   8.639   -8.885  1.00 16.39 ? 440 VAL A C   1 
ATOM   745  O O   . VAL A 1 92  ? 2.521   8.880   -7.817  1.00 15.98 ? 440 VAL A O   1 
ATOM   746  C CB  . VAL A 1 92  ? 5.655   8.743   -8.943  1.00 16.31 ? 440 VAL A CB  1 
ATOM   747  C CG1 . VAL A 1 92  ? 5.520   9.928   -7.991  1.00 19.52 ? 440 VAL A CG1 1 
ATOM   748  C CG2 . VAL A 1 92  ? 6.906   7.915   -8.640  1.00 17.82 ? 440 VAL A CG2 1 
ATOM   749  N N   . ALA A 1 93  ? 2.613   9.053   -10.057 1.00 17.02 ? 441 ALA A N   1 
ATOM   750  C CA  . ALA A 1 93  ? 1.326   9.739   -10.111 1.00 16.89 ? 441 ALA A CA  1 
ATOM   751  C C   . ALA A 1 93  ? 0.200   8.827   -9.639  1.00 15.09 ? 441 ALA A C   1 
ATOM   752  O O   . ALA A 1 93  ? -0.741  9.276   -8.973  1.00 16.29 ? 441 ALA A O   1 
ATOM   753  C CB  . ALA A 1 93  ? 1.055   10.233  -11.537 1.00 18.71 ? 441 ALA A CB  1 
ATOM   754  N N   . MET A 1 94  ? 0.288   7.541   -9.956  1.00 15.11 ? 442 MET A N   1 
ATOM   755  C CA  . MET A 1 94  ? -0.758  6.605   -9.560  1.00 14.66 ? 442 MET A CA  1 
ATOM   756  C C   . MET A 1 94  ? -0.708  6.403   -8.050  1.00 13.61 ? 442 MET A C   1 
ATOM   757  O O   . MET A 1 94  ? -1.744  6.386   -7.376  1.00 13.77 ? 442 MET A O   1 
ATOM   758  C CB  . MET A 1 94  ? -0.430  5.295   -10.247 1.00 14.57 ? 442 MET A CB  1 
ATOM   759  C CG  . MET A 1 94  ? -0.553  5.467   -11.752 1.00 17.83 ? 442 MET A CG  1 
ATOM   760  S SD  . MET A 1 94  ? 0.128   4.120   -12.740 1.00 23.91 ? 442 MET A SD  1 
ATOM   761  C CE  . MET A 1 94  ? -1.137  2.978   -12.479 1.00 15.54 ? 442 MET A CE  1 
ATOM   762  N N   . ALA A 1 95  ? 0.509   6.286   -7.506  1.00 13.66 ? 443 ALA A N   1 
ATOM   763  C CA  . ALA A 1 95  ? 0.677   6.189   -6.059  1.00 13.77 ? 443 ALA A CA  1 
ATOM   764  C C   . ALA A 1 95  ? 0.060   7.389   -5.355  1.00 13.30 ? 443 ALA A C   1 
ATOM   765  O O   . ALA A 1 95  ? -0.640  7.233   -4.346  1.00 13.85 ? 443 ALA A O   1 
ATOM   766  C CB  . ALA A 1 95  ? 2.161   6.090   -5.711  1.00 14.38 ? 443 ALA A CB  1 
ATOM   767  N N   . ARG A 1 96  ? 0.287   8.596   -5.883  1.00 13.65 ? 444 ARG A N   1 
ATOM   768  C CA  . ARG A 1 96  ? -0.232  9.795   -5.230  1.00 15.11 ? 444 ARG A CA  1 
ATOM   769  C C   . ARG A 1 96  ? -1.757  9.778   -5.189  1.00 13.82 ? 444 ARG A C   1 
ATOM   770  O O   . ARG A 1 96  ? -2.367  10.191  -4.194  1.00 15.25 ? 444 ARG A O   1 
ATOM   771  C CB  . ARG A 1 96  ? 0.249   11.022  -5.998  1.00 18.86 ? 444 ARG A CB  1 
ATOM   772  C CG  . ARG A 1 96  ? 1.695   11.395  -5.777  1.00 23.77 ? 444 ARG A CG  1 
ATOM   773  C CD  . ARG A 1 96  ? 1.903   12.897  -5.952  1.00 28.30 ? 444 ARG A CD  1 
ATOM   774  N NE  . ARG A 1 96  ? 3.244   13.255  -6.414  1.00 33.34 ? 444 ARG A NE  1 
ATOM   775  C CZ  . ARG A 1 96  ? 4.390   12.827  -5.896  1.00 30.99 ? 444 ARG A CZ  1 
ATOM   776  N NH1 . ARG A 1 96  ? 4.427   12.053  -4.822  1.00 30.76 ? 444 ARG A NH1 1 
ATOM   777  N NH2 . ARG A 1 96  ? 5.531   13.249  -6.425  1.00 30.87 ? 444 ARG A NH2 1 
ATOM   778  N N   . LYS A 1 97  ? -2.390  9.309   -6.267  1.00 14.64 ? 445 LYS A N   1 
ATOM   779  C CA  . LYS A 1 97  ? -3.847  9.224   -6.294  1.00 14.28 ? 445 LYS A CA  1 
ATOM   780  C C   . LYS A 1 97  ? -4.357  8.209   -5.282  1.00 14.74 ? 445 LYS A C   1 
ATOM   781  O O   . LYS A 1 97  ? -5.312  8.481   -4.543  1.00 13.85 ? 445 LYS A O   1 
ATOM   782  C CB  . LYS A 1 97  ? -4.319  8.867   -7.704  1.00 16.61 ? 445 LYS A CB  1 
ATOM   783  C CG  . LYS A 1 97  ? -4.105  9.986   -8.710  1.00 16.54 ? 445 LYS A CG  1 
ATOM   784  C CD  . LYS A 1 97  ? -4.450  9.563   -10.137 1.00 17.12 ? 445 LYS A CD  1 
ATOM   785  C CE  . LYS A 1 97  ? -5.910  9.162   -10.272 1.00 16.33 ? 445 LYS A CE  1 
ATOM   786  N NZ  . LYS A 1 97  ? -6.256  8.970   -11.722 1.00 17.60 ? 445 LYS A NZ  1 
ATOM   787  N N   . LEU A 1 98  ? -3.745  7.026   -5.243  1.00 13.49 ? 446 LEU A N   1 
ATOM   788  C CA  . LEU A 1 98  ? -4.191  6.028   -4.280  1.00 13.70 ? 446 LEU A CA  1 
ATOM   789  C C   . LEU A 1 98  ? -3.896  6.473   -2.854  1.00 12.96 ? 446 LEU A C   1 
ATOM   790  O O   . LEU A 1 98  ? -4.684  6.204   -1.940  1.00 13.66 ? 446 LEU A O   1 
ATOM   791  C CB  . LEU A 1 98  ? -3.568  4.665   -4.581  1.00 14.26 ? 446 LEU A CB  1 
ATOM   792  C CG  . LEU A 1 98  ? -4.170  3.508   -3.773  1.00 16.91 ? 446 LEU A CG  1 
ATOM   793  C CD1 . LEU A 1 98  ? -5.635  3.308   -4.120  1.00 17.45 ? 446 LEU A CD1 1 
ATOM   794  C CD2 . LEU A 1 98  ? -3.394  2.229   -3.995  1.00 17.49 ? 446 LEU A CD2 1 
ATOM   795  N N   . GLN A 1 99  ? -2.778  7.167   -2.645  1.00 12.94 ? 447 GLN A N   1 
ATOM   796  C CA  . GLN A 1 99  ? -2.500  7.692   -1.316  1.00 12.84 ? 447 GLN A CA  1 
ATOM   797  C C   . GLN A 1 99  ? -3.552  8.705   -0.887  1.00 13.58 ? 447 GLN A C   1 
ATOM   798  O O   . GLN A 1 99  ? -3.929  8.744   0.286   1.00 12.66 ? 447 GLN A O   1 
ATOM   799  C CB  . GLN A 1 99  ? -1.098  8.288   -1.230  1.00 13.07 ? 447 GLN A CB  1 
ATOM   800  C CG  . GLN A 1 99  ? -0.803  8.696   0.206   1.00 14.89 ? 447 GLN A CG  1 
ATOM   801  C CD  . GLN A 1 99  ? 0.658   8.758   0.551   1.00 15.33 ? 447 GLN A CD  1 
ATOM   802  O OE1 . GLN A 1 99  ? 1.526   8.820   -0.324  1.00 17.49 ? 447 GLN A OE1 1 
ATOM   803  N NE2 . GLN A 1 99  ? 0.949   8.741   1.846   1.00 18.50 ? 447 GLN A NE2 1 
ATOM   804  N N   . ASP A 1 100 ? -4.049  9.525   -1.815  1.00 13.60 ? 448 ASP A N   1 
ATOM   805  C CA  . ASP A 1 100 ? -5.127  10.442  -1.455  1.00 14.33 ? 448 ASP A CA  1 
ATOM   806  C C   . ASP A 1 100 ? -6.382  9.688   -1.033  1.00 14.46 ? 448 ASP A C   1 
ATOM   807  O O   . ASP A 1 100 ? -7.046  10.063  -0.051  1.00 14.83 ? 448 ASP A O   1 
ATOM   808  C CB  . ASP A 1 100 ? -5.467  11.346  -2.627  1.00 16.60 ? 448 ASP A CB  1 
ATOM   809  C CG  . ASP A 1 100 ? -6.562  12.300  -2.270  1.00 20.46 ? 448 ASP A CG  1 
ATOM   810  O OD1 . ASP A 1 100 ? -6.218  13.290  -1.626  1.00 24.33 ? 448 ASP A OD1 1 
ATOM   811  O OD2 . ASP A 1 100 ? -7.756  12.048  -2.557  1.00 20.65 ? 448 ASP A OD2 1 
ATOM   812  N N   . VAL A 1 101 ? -6.741  8.639   -1.778  1.00 13.80 ? 449 VAL A N   1 
ATOM   813  C CA  . VAL A 1 101 ? -7.863  7.794   -1.383  1.00 14.79 ? 449 VAL A CA  1 
ATOM   814  C C   . VAL A 1 101 ? -7.671  7.325   0.047   1.00 13.66 ? 449 VAL A C   1 
ATOM   815  O O   . VAL A 1 101 ? -8.562  7.463   0.900   1.00 13.87 ? 449 VAL A O   1 
ATOM   816  C CB  . VAL A 1 101 ? -8.000  6.598   -2.343  1.00 15.28 ? 449 VAL A CB  1 
ATOM   817  C CG1 . VAL A 1 101 ? -9.083  5.638   -1.841  1.00 15.34 ? 449 VAL A CG1 1 
ATOM   818  C CG2 . VAL A 1 101 ? -8.327  7.069   -3.755  1.00 17.61 ? 449 VAL A CG2 1 
ATOM   819  N N   . PHE A 1 102 ? -6.485  6.782   0.329   1.00 13.28 ? 450 PHE A N   1 
ATOM   820  C CA  . PHE A 1 102 ? -6.187  6.247   1.646   1.00 13.08 ? 450 PHE A CA  1 
ATOM   821  C C   . PHE A 1 102 ? -6.214  7.330   2.718   1.00 12.35 ? 450 PHE A C   1 
ATOM   822  O O   . PHE A 1 102 ? -6.831  7.142   3.768   1.00 12.60 ? 450 PHE A O   1 
ATOM   823  C CB  . PHE A 1 102 ? -4.832  5.534   1.636   1.00 12.64 ? 450 PHE A CB  1 
ATOM   824  C CG  . PHE A 1 102 ? -4.316  5.269   3.006   1.00 12.67 ? 450 PHE A CG  1 
ATOM   825  C CD1 . PHE A 1 102 ? -4.815  4.215   3.736   1.00 13.61 ? 450 PHE A CD1 1 
ATOM   826  C CD2 . PHE A 1 102 ? -3.349  6.082   3.584   1.00 13.40 ? 450 PHE A CD2 1 
ATOM   827  C CE1 . PHE A 1 102 ? -4.368  3.976   5.017   1.00 14.30 ? 450 PHE A CE1 1 
ATOM   828  C CE2 . PHE A 1 102 ? -2.909  5.836   4.859   1.00 15.04 ? 450 PHE A CE2 1 
ATOM   829  C CZ  . PHE A 1 102 ? -3.422  4.792   5.563   1.00 14.92 ? 450 PHE A CZ  1 
ATOM   830  N N   . GLU A 1 103 ? -5.511  8.449   2.504   1.00 12.06 ? 451 GLU A N   1 
ATOM   831  C CA  . GLU A 1 103 ? -5.347  9.402   3.599   1.00 12.19 ? 451 GLU A CA  1 
ATOM   832  C C   . GLU A 1 103 ? -6.672  10.027  3.986   1.00 12.94 ? 451 GLU A C   1 
ATOM   833  O O   . GLU A 1 103 ? -6.924  10.274  5.168   1.00 12.84 ? 451 GLU A O   1 
ATOM   834  C CB  . GLU A 1 103 ? -4.363  10.515  3.256   1.00 13.91 ? 451 GLU A CB  1 
ATOM   835  C CG  . GLU A 1 103 ? -2.942  10.056  2.989   1.00 14.70 ? 451 GLU A CG  1 
ATOM   836  C CD  . GLU A 1 103 ? -2.172  9.641   4.229   1.00 14.53 ? 451 GLU A CD  1 
ATOM   837  O OE1 . GLU A 1 103 ? -2.618  9.895   5.378   1.00 14.54 ? 451 GLU A OE1 1 
ATOM   838  O OE2 . GLU A 1 103 ? -1.081  9.051   4.041   1.00 15.60 ? 451 GLU A OE2 1 
ATOM   839  N N   . MET A 1 104 ? -7.547  10.255  3.013   1.00 12.26 ? 452 MET A N   1 
ATOM   840  C CA  . MET A 1 104 ? -8.838  10.838  3.347   1.00 13.37 ? 452 MET A CA  1 
ATOM   841  C C   . MET A 1 104 ? -9.698  9.863   4.139   1.00 13.78 ? 452 MET A C   1 
ATOM   842  O O   . MET A 1 104 ? -10.403 10.278  5.061   1.00 15.59 ? 452 MET A O   1 
ATOM   843  C CB  . MET A 1 104 ? -9.525  11.412  2.105   1.00 15.74 ? 452 MET A CB  1 
ATOM   844  C CG  . MET A 1 104 ? -8.520  12.279  1.354   1.00 20.51 ? 452 MET A CG  1 
ATOM   845  S SD  . MET A 1 104 ? -8.140  13.823  2.194   1.00 19.32 ? 452 MET A SD  1 
ATOM   846  C CE  . MET A 1 104 ? -9.788  14.118  2.790   1.00 19.34 ? 452 MET A CE  1 
ATOM   847  N N   . ARG A 1 105 ? -9.621  8.565   3.843   1.00 14.19 ? 453 ARG A N   1 
ATOM   848  C CA  . ARG A 1 105 ? -10.329 7.580   4.669   1.00 14.77 ? 453 ARG A CA  1 
ATOM   849  C C   . ARG A 1 105 ? -9.693  7.437   6.045   1.00 15.61 ? 453 ARG A C   1 
ATOM   850  O O   . ARG A 1 105 ? -10.390 7.363   7.067   1.00 16.52 ? 453 ARG A O   1 
ATOM   851  C CB  . ARG A 1 105 ? -10.316 6.217   3.983   1.00 17.77 ? 453 ARG A CB  1 
ATOM   852  C CG  . ARG A 1 105 ? -11.208 6.110   2.790   1.00 16.71 ? 453 ARG A CG  1 
ATOM   853  C CD  . ARG A 1 105 ? -12.622 6.530   3.121   1.00 18.45 ? 453 ARG A CD  1 
ATOM   854  N NE  . ARG A 1 105 ? -13.493 6.135   2.027   1.00 18.59 ? 453 ARG A NE  1 
ATOM   855  C CZ  . ARG A 1 105 ? -14.738 6.553   1.872   1.00 18.65 ? 453 ARG A CZ  1 
ATOM   856  N NH1 . ARG A 1 105 ? -15.301 7.374   2.745   1.00 21.14 ? 453 ARG A NH1 1 
ATOM   857  N NH2 . ARG A 1 105 ? -15.422 6.150   0.809   1.00 19.67 ? 453 ARG A NH2 1 
ATOM   858  N N   . PHE A 1 106 ? -8.368  7.334   6.084   1.00 13.26 ? 454 PHE A N   1 
ATOM   859  C CA  . PHE A 1 106 ? -7.673  7.056   7.334   1.00 14.68 ? 454 PHE A CA  1 
ATOM   860  C C   . PHE A 1 106 ? -7.843  8.196   8.321   1.00 15.34 ? 454 PHE A C   1 
ATOM   861  O O   . PHE A 1 106 ? -7.897  7.967   9.540   1.00 17.56 ? 454 PHE A O   1 
ATOM   862  C CB  . PHE A 1 106 ? -6.193  6.822   7.024   1.00 14.07 ? 454 PHE A CB  1 
ATOM   863  C CG  . PHE A 1 106 ? -5.398  6.222   8.155   1.00 14.50 ? 454 PHE A CG  1 
ATOM   864  C CD1 . PHE A 1 106 ? -5.585  4.899   8.561   1.00 15.49 ? 454 PHE A CD1 1 
ATOM   865  C CD2 . PHE A 1 106 ? -4.421  6.971   8.777   1.00 17.11 ? 454 PHE A CD2 1 
ATOM   866  C CE1 . PHE A 1 106 ? -4.809  4.352   9.582   1.00 16.09 ? 454 PHE A CE1 1 
ATOM   867  C CE2 . PHE A 1 106 ? -3.660  6.429   9.804   1.00 17.96 ? 454 PHE A CE2 1 
ATOM   868  C CZ  . PHE A 1 106 ? -3.855  5.113   10.198  1.00 16.61 ? 454 PHE A CZ  1 
ATOM   869  N N   . ALA A 1 107 ? -7.958  9.421   7.813   1.00 14.75 ? 455 ALA A N   1 
ATOM   870  C CA  . ALA A 1 107 ? -8.167  10.574  8.675   1.00 14.98 ? 455 ALA A CA  1 
ATOM   871  C C   . ALA A 1 107 ? -9.552  10.573  9.306   1.00 18.05 ? 455 ALA A C   1 
ATOM   872  O O   . ALA A 1 107 ? -9.732  11.139  10.391  1.00 22.72 ? 455 ALA A O   1 
ATOM   873  C CB  . ALA A 1 107 ? -8.010  11.851  7.861   1.00 15.27 ? 455 ALA A CB  1 
ATOM   874  N N   . LYS A 1 108 ? -10.536 9.988   8.636   1.00 19.12 ? 456 LYS A N   1 
ATOM   875  C CA  . LYS A 1 108 ? -11.944 10.107  9.023   1.00 23.01 ? 456 LYS A CA  1 
ATOM   876  C C   . LYS A 1 108 ? -12.494 8.760   9.453   1.00 28.52 ? 456 LYS A C   1 
ATOM   877  O O   . LYS A 1 108 ? -13.612 8.394   9.083   1.00 37.47 ? 456 LYS A O   1 
ATOM   878  C CB  . LYS A 1 108 ? -12.775 10.643  7.848   1.00 24.33 ? 456 LYS A CB  1 
ATOM   879  C CG  . LYS A 1 108 ? -12.416 12.049  7.404   1.00 25.99 ? 456 LYS A CG  1 
ATOM   880  C CD  . LYS A 1 108 ? -13.317 12.500  6.270   1.00 27.94 ? 456 LYS A CD  1 
ATOM   881  C CE  . LYS A 1 108 ? -13.172 11.584  5.068   1.00 30.67 ? 456 LYS A CE  1 
ATOM   882  N NZ  . LYS A 1 108 ? -14.038 12.021  3.941   1.00 36.54 ? 456 LYS A NZ  1 
HETATM 883  C C1  . EDO B 2 .   ? -10.685 -8.408  -3.629  1.00 32.90 ? 501 EDO A C1  1 
HETATM 884  O O1  . EDO B 2 .   ? -9.974  -7.910  -4.778  1.00 34.25 ? 501 EDO A O1  1 
HETATM 885  C C2  . EDO B 2 .   ? -11.924 -7.519  -3.571  1.00 35.48 ? 501 EDO A C2  1 
HETATM 886  O O2  . EDO B 2 .   ? -11.747 -6.782  -2.348  1.00 29.52 ? 501 EDO A O2  1 
HETATM 887  C C1  . EDO C 2 .   ? -2.829  -6.395  -12.059 1.00 32.50 ? 502 EDO A C1  1 
HETATM 888  O O1  . EDO C 2 .   ? -4.199  -5.948  -12.072 1.00 34.87 ? 502 EDO A O1  1 
HETATM 889  C C2  . EDO C 2 .   ? -2.274  -5.818  -10.749 1.00 28.63 ? 502 EDO A C2  1 
HETATM 890  O O2  . EDO C 2 .   ? -1.521  -6.908  -10.185 1.00 33.78 ? 502 EDO A O2  1 
HETATM 891  S S   . DMS D 3 .   ? 10.908  4.426   2.963   1.00 42.92 ? 503 DMS A S   1 
HETATM 892  O O   . DMS D 3 .   ? 10.438  3.681   1.791   1.00 29.43 ? 503 DMS A O   1 
HETATM 893  C C1  . DMS D 3 .   ? 9.965   4.225   4.442   1.00 32.10 ? 503 DMS A C1  1 
HETATM 894  C C2  . DMS D 3 .   ? 12.338  5.457   3.095   1.00 32.21 ? 503 DMS A C2  1 
HETATM 895  S S   . DMS E 3 .   ? 6.598   0.230   -8.492  1.00 16.42 ? 504 DMS A S   1 
HETATM 896  O O   . DMS E 3 .   ? 7.208   1.367   -7.779  1.00 17.72 ? 504 DMS A O   1 
HETATM 897  C C1  . DMS E 3 .   ? 7.672   -0.855  -9.352  1.00 27.27 ? 504 DMS A C1  1 
HETATM 898  C C2  . DMS E 3 .   ? 5.020   -0.451  -8.125  1.00 26.45 ? 504 DMS A C2  1 
HETATM 899  C C1  . EDO F 2 .   ? 6.601   2.746   8.406   1.00 26.33 ? 505 EDO A C1  1 
HETATM 900  O O1  . EDO F 2 .   ? 6.080   3.567   7.344   1.00 29.47 ? 505 EDO A O1  1 
HETATM 901  C C2  . EDO F 2 .   ? 7.562   1.804   7.692   1.00 27.24 ? 505 EDO A C2  1 
HETATM 902  O O2  . EDO F 2 .   ? 8.270   2.669   6.785   1.00 35.31 ? 505 EDO A O2  1 
HETATM 903  C C1  . EDO G 2 .   ? 3.891   2.033   -14.950 1.00 30.35 ? 506 EDO A C1  1 
HETATM 904  O O1  . EDO G 2 .   ? 2.600   2.666   -14.892 1.00 34.90 ? 506 EDO A O1  1 
HETATM 905  C C2  . EDO G 2 .   ? 3.569   0.560   -14.734 1.00 35.63 ? 506 EDO A C2  1 
HETATM 906  O O2  . EDO G 2 .   ? 2.722   0.578   -13.571 1.00 35.28 ? 506 EDO A O2  1 
HETATM 907  O O   . HOH H 4 .   ? 11.809  12.791  -12.800 1.00 35.10 ? 601 HOH A O   1 
HETATM 908  O O   . HOH H 4 .   ? 16.657  2.183   -10.757 1.00 30.52 ? 602 HOH A O   1 
HETATM 909  O O   . HOH H 4 .   ? -13.246 14.178  3.576   1.00 26.26 ? 603 HOH A O   1 
HETATM 910  O O   . HOH H 4 .   ? 3.820   12.329  -2.490  1.00 26.16 ? 604 HOH A O   1 
HETATM 911  O O   . HOH H 4 .   ? 17.350  -5.635  -0.324  1.00 36.04 ? 605 HOH A O   1 
HETATM 912  O O   . HOH H 4 .   ? 21.016  -5.189  -8.148  1.00 19.63 ? 606 HOH A O   1 
HETATM 913  O O   . HOH H 4 .   ? -4.188  -14.469 4.631   1.00 33.81 ? 607 HOH A O   1 
HETATM 914  O O   . HOH H 4 .   ? -2.702  -14.758 13.893  1.00 22.97 ? 608 HOH A O   1 
HETATM 915  O O   . HOH H 4 .   ? 16.195  -10.229 -9.371  1.00 34.23 ? 609 HOH A O   1 
HETATM 916  O O   . HOH H 4 .   ? 12.850  11.373  -15.092 1.00 41.98 ? 610 HOH A O   1 
HETATM 917  O O   . HOH H 4 .   ? -4.300  1.898   -15.619 1.00 29.81 ? 611 HOH A O   1 
HETATM 918  O O   . HOH H 4 .   ? 4.041   -4.059  11.875  1.00 29.46 ? 612 HOH A O   1 
HETATM 919  O O   . HOH H 4 .   ? 7.845   0.552   -5.007  1.00 14.12 ? 613 HOH A O   1 
HETATM 920  O O   . HOH H 4 .   ? 1.460   4.922   11.631  1.00 22.31 ? 614 HOH A O   1 
HETATM 921  O O   . HOH H 4 .   ? -8.377  -0.991  -6.946  1.00 14.46 ? 615 HOH A O   1 
HETATM 922  O O   . HOH H 4 .   ? 7.299   9.207   2.121   1.00 15.21 ? 616 HOH A O   1 
HETATM 923  O O   . HOH H 4 .   ? 8.622   1.028   -11.358 1.00 23.34 ? 617 HOH A O   1 
HETATM 924  O O   . HOH H 4 .   ? 16.222  -5.775  -15.599 1.00 19.15 ? 618 HOH A O   1 
HETATM 925  O O   . HOH H 4 .   ? 5.639   -0.451  8.634   1.00 26.33 ? 619 HOH A O   1 
HETATM 926  O O   . HOH H 4 .   ? 5.871   -7.644  7.310   1.00 29.61 ? 620 HOH A O   1 
HETATM 927  O O   . HOH H 4 .   ? 16.239  -5.418  3.876   1.00 34.00 ? 621 HOH A O   1 
HETATM 928  O O   . HOH H 4 .   ? -12.682 -4.434  -3.175  1.00 19.84 ? 622 HOH A O   1 
HETATM 929  O O   . HOH H 4 .   ? -12.707 7.338   -1.629  1.00 23.88 ? 623 HOH A O   1 
HETATM 930  O O   . HOH H 4 .   ? 4.654   -2.009  -3.586  1.00 18.94 ? 624 HOH A O   1 
HETATM 931  O O   . HOH H 4 .   ? -0.483  6.963   11.512  1.00 24.48 ? 625 HOH A O   1 
HETATM 932  O O   . HOH H 4 .   ? 5.859   -6.448  -0.764  1.00 16.48 ? 626 HOH A O   1 
HETATM 933  O O   . HOH H 4 .   ? 14.632  -5.673  -0.636  1.00 28.55 ? 627 HOH A O   1 
HETATM 934  O O   . HOH H 4 .   ? 6.172   -4.022  8.050   1.00 22.26 ? 628 HOH A O   1 
HETATM 935  O O   . HOH H 4 .   ? 4.538   -10.535 8.649   1.00 27.32 ? 629 HOH A O   1 
HETATM 936  O O   . HOH H 4 .   ? 6.610   6.131   5.061   1.00 17.90 ? 630 HOH A O   1 
HETATM 937  O O   . HOH H 4 .   ? 1.041   -11.781 9.365   1.00 20.08 ? 631 HOH A O   1 
HETATM 938  O O   . HOH H 4 .   ? 1.884   -2.550  17.680  1.00 29.30 ? 632 HOH A O   1 
HETATM 939  O O   . HOH H 4 .   ? 10.342  9.980   -6.870  1.00 21.55 ? 633 HOH A O   1 
HETATM 940  O O   . HOH H 4 .   ? -9.448  -10.504 20.533  1.00 19.73 ? 634 HOH A O   1 
HETATM 941  O O   . HOH H 4 .   ? 9.484   1.709   -15.313 1.00 33.30 ? 635 HOH A O   1 
HETATM 942  O O   . HOH H 4 .   ? -18.638 -2.773  -0.033  1.00 25.10 ? 636 HOH A O   1 
HETATM 943  O O   . HOH H 4 .   ? 7.289   -2.373  -2.230  1.00 14.85 ? 637 HOH A O   1 
HETATM 944  O O   . HOH H 4 .   ? 4.218   -7.253  -8.976  1.00 24.63 ? 638 HOH A O   1 
HETATM 945  O O   . HOH H 4 .   ? -9.144  -6.563  10.235  1.00 25.91 ? 639 HOH A O   1 
HETATM 946  O O   . HOH H 4 .   ? -3.488  -11.317 0.725   1.00 25.89 ? 640 HOH A O   1 
HETATM 947  O O   . HOH H 4 .   ? -5.082  -9.496  -2.408  1.00 31.21 ? 641 HOH A O   1 
HETATM 948  O O   . HOH H 4 .   ? -12.189 6.414   -9.074  1.00 27.50 ? 642 HOH A O   1 
HETATM 949  O O   . HOH H 4 .   ? 9.048   -5.683  -16.676 1.00 32.99 ? 643 HOH A O   1 
HETATM 950  O O   . HOH H 4 .   ? -4.618  -7.368  16.413  1.00 23.90 ? 644 HOH A O   1 
HETATM 951  O O   . HOH H 4 .   ? 3.647   -3.445  -5.636  1.00 16.53 ? 645 HOH A O   1 
HETATM 952  O O   . HOH H 4 .   ? 16.083  4.427   -7.588  1.00 30.61 ? 646 HOH A O   1 
HETATM 953  O O   . HOH H 4 .   ? 3.756   -3.081  -9.732  1.00 22.01 ? 647 HOH A O   1 
HETATM 954  O O   . HOH H 4 .   ? 5.167   -10.290 1.199   1.00 23.23 ? 648 HOH A O   1 
HETATM 955  O O   . HOH H 4 .   ? 3.618   -1.398  10.545  1.00 24.55 ? 649 HOH A O   1 
HETATM 956  O O   . HOH H 4 .   ? 11.908  0.354   2.280   1.00 18.44 ? 650 HOH A O   1 
HETATM 957  O O   . HOH H 4 .   ? 9.027   -5.396  4.417   1.00 25.15 ? 651 HOH A O   1 
HETATM 958  O O   . HOH H 4 .   ? -7.103  -7.463  11.825  1.00 17.77 ? 652 HOH A O   1 
HETATM 959  O O   . HOH H 4 .   ? -11.365 9.878   12.248  1.00 34.90 ? 653 HOH A O   1 
HETATM 960  O O   . HOH H 4 .   ? 4.844   -6.100  10.874  1.00 25.60 ? 654 HOH A O   1 
HETATM 961  O O   . HOH H 4 .   ? 12.711  0.333   -12.915 1.00 26.98 ? 655 HOH A O   1 
HETATM 962  O O   . HOH H 4 .   ? -10.915 8.701   0.078   1.00 15.70 ? 656 HOH A O   1 
HETATM 963  O O   . HOH H 4 .   ? 4.695   -7.952  14.192  1.00 17.19 ? 657 HOH A O   1 
HETATM 964  O O   . HOH H 4 .   ? -2.815  -14.225 6.822   1.00 24.49 ? 658 HOH A O   1 
HETATM 965  O O   . HOH H 4 .   ? -14.924 -0.728  1.892   1.00 17.74 ? 659 HOH A O   1 
HETATM 966  O O   . HOH H 4 .   ? -5.033  -5.216  19.418  1.00 30.92 ? 660 HOH A O   1 
HETATM 967  O O   . HOH H 4 .   ? 5.340   0.585   -3.874  1.00 16.69 ? 661 HOH A O   1 
HETATM 968  O O   . HOH H 4 .   ? 0.141   7.861   -14.157 1.00 25.45 ? 662 HOH A O   1 
HETATM 969  O O   . HOH H 4 .   ? -4.397  -6.801  12.387  1.00 16.49 ? 663 HOH A O   1 
HETATM 970  O O   . HOH H 4 .   ? 8.917   -7.250  -3.450  1.00 19.72 ? 664 HOH A O   1 
HETATM 971  O O   . HOH H 4 .   ? -13.134 12.579  1.354   1.00 25.80 ? 665 HOH A O   1 
HETATM 972  O O   . HOH H 4 .   ? 10.491  1.000   7.104   1.00 29.97 ? 666 HOH A O   1 
HETATM 973  O O   . HOH H 4 .   ? -1.354  11.810  -2.148  1.00 29.79 ? 667 HOH A O   1 
HETATM 974  O O   . HOH H 4 .   ? 4.460   -10.733 -6.947  1.00 29.85 ? 668 HOH A O   1 
HETATM 975  O O   . HOH H 4 .   ? 4.722   11.383  -11.557 1.00 24.28 ? 669 HOH A O   1 
HETATM 976  O O   . HOH H 4 .   ? -3.231  -6.858  20.242  1.00 22.05 ? 670 HOH A O   1 
HETATM 977  O O   . HOH H 4 .   ? 0.441   -5.521  -8.407  1.00 22.52 ? 671 HOH A O   1 
HETATM 978  O O   . HOH H 4 .   ? -12.978 6.289   6.760   1.00 26.61 ? 672 HOH A O   1 
HETATM 979  O O   . HOH H 4 .   ? -1.154  12.063  -9.070  1.00 24.15 ? 673 HOH A O   1 
HETATM 980  O O   . HOH H 4 .   ? 6.465   -6.256  -10.227 1.00 23.33 ? 674 HOH A O   1 
HETATM 981  O O   . HOH H 4 .   ? -15.637 5.835   -2.595  1.00 18.68 ? 675 HOH A O   1 
HETATM 982  O O   . HOH H 4 .   ? -7.298  -8.210  16.631  1.00 30.21 ? 676 HOH A O   1 
HETATM 983  O O   . HOH H 4 .   ? -9.027  -7.361  5.531   1.00 28.05 ? 677 HOH A O   1 
HETATM 984  O O   . HOH H 4 .   ? -11.193 -6.526  14.010  1.00 27.63 ? 678 HOH A O   1 
HETATM 985  O O   . HOH H 4 .   ? 16.155  7.261   -4.245  1.00 27.98 ? 679 HOH A O   1 
HETATM 986  O O   . HOH H 4 .   ? 15.863  -6.328  -7.147  1.00 20.99 ? 680 HOH A O   1 
HETATM 987  O O   . HOH H 4 .   ? 15.103  -8.343  -12.527 1.00 20.42 ? 681 HOH A O   1 
HETATM 988  O O   . HOH H 4 .   ? 21.282  -1.117  -13.428 1.00 22.46 ? 682 HOH A O   1 
HETATM 989  O O   . HOH H 4 .   ? -6.414  1.896   16.485  1.00 23.70 ? 683 HOH A O   1 
HETATM 990  O O   . HOH H 4 .   ? -10.154 10.848  -1.572  1.00 19.41 ? 684 HOH A O   1 
HETATM 991  O O   . HOH H 4 .   ? 9.868   -9.215  -17.143 1.00 27.25 ? 685 HOH A O   1 
HETATM 992  O O   . HOH H 4 .   ? -1.039  -11.993 15.319  1.00 16.96 ? 686 HOH A O   1 
HETATM 993  O O   . HOH H 4 .   ? -1.209  12.080  6.584   1.00 16.59 ? 687 HOH A O   1 
HETATM 994  O O   . HOH H 4 .   ? -15.506 6.338   8.421   1.00 38.16 ? 688 HOH A O   1 
HETATM 995  O O   . HOH H 4 .   ? -9.330  -5.699  3.342   1.00 23.84 ? 689 HOH A O   1 
HETATM 996  O O   . HOH H 4 .   ? -15.033 0.821   -14.128 1.00 32.40 ? 690 HOH A O   1 
HETATM 997  O O   . HOH H 4 .   ? 1.165   -12.181 6.687   1.00 22.46 ? 691 HOH A O   1 
HETATM 998  O O   . HOH H 4 .   ? 14.088  3.356   -10.885 1.00 25.39 ? 692 HOH A O   1 
HETATM 999  O O   . HOH H 4 .   ? -6.611  -2.151  -13.441 1.00 24.03 ? 693 HOH A O   1 
HETATM 1000 O O   . HOH H 4 .   ? 14.434  1.482   1.732   1.00 23.91 ? 694 HOH A O   1 
HETATM 1001 O O   . HOH H 4 .   ? -3.848  -2.636  20.601  1.00 32.29 ? 695 HOH A O   1 
HETATM 1002 O O   . HOH H 4 .   ? 0.050   3.126   18.722  1.00 42.97 ? 696 HOH A O   1 
HETATM 1003 O O   . HOH H 4 .   ? -15.987 9.172   -5.575  1.00 35.95 ? 697 HOH A O   1 
HETATM 1004 O O   . HOH H 4 .   ? 4.028   -1.318  -11.800 1.00 28.38 ? 698 HOH A O   1 
HETATM 1005 O O   . HOH H 4 .   ? -15.683 -0.247  -7.010  1.00 19.79 ? 699 HOH A O   1 
HETATM 1006 O O   . HOH H 4 .   ? 11.795  3.134   -12.225 1.00 24.95 ? 700 HOH A O   1 
HETATM 1007 O O   . HOH H 4 .   ? 6.882   -5.178  -2.856  1.00 16.50 ? 701 HOH A O   1 
HETATM 1008 O O   . HOH H 4 .   ? 2.693   -3.131  20.575  1.00 24.84 ? 702 HOH A O   1 
HETATM 1009 O O   . HOH H 4 .   ? 6.137   -9.071  9.458   1.00 35.15 ? 703 HOH A O   1 
HETATM 1010 O O   . HOH H 4 .   ? -3.927  -6.865  22.957  1.00 26.06 ? 704 HOH A O   1 
HETATM 1011 O O   . HOH H 4 .   ? -9.001  -12.536 10.964  1.00 37.65 ? 705 HOH A O   1 
HETATM 1012 O O   . HOH H 4 .   ? -14.518 8.164   5.520   1.00 27.46 ? 706 HOH A O   1 
HETATM 1013 O O   . HOH H 4 .   ? 2.602   5.723   9.256   1.00 20.86 ? 707 HOH A O   1 
HETATM 1014 O O   . HOH H 4 .   ? 10.105  -10.555 -5.964  1.00 28.33 ? 708 HOH A O   1 
HETATM 1015 O O   . HOH H 4 .   ? -9.369  14.172  -3.974  1.00 32.14 ? 709 HOH A O   1 
HETATM 1016 O O   . HOH H 4 .   ? -5.751  8.111   11.662  1.00 35.69 ? 710 HOH A O   1 
HETATM 1017 O O   . HOH H 4 .   ? 6.947   -7.747  2.470   1.00 32.10 ? 711 HOH A O   1 
HETATM 1018 O O   . HOH H 4 .   ? 0.635   -6.132  -12.203 1.00 37.56 ? 712 HOH A O   1 
HETATM 1019 O O   . HOH H 4 .   ? -3.624  -8.613  -8.772  1.00 36.34 ? 713 HOH A O   1 
HETATM 1020 O O   . HOH H 4 .   ? 1.125   1.653   16.697  1.00 32.77 ? 714 HOH A O   1 
HETATM 1021 O O   . HOH H 4 .   ? -4.224  3.355   16.293  1.00 27.56 ? 715 HOH A O   1 
HETATM 1022 O O   . HOH H 4 .   ? 14.073  -13.416 -14.546 1.00 29.29 ? 716 HOH A O   1 
HETATM 1023 O O   . HOH H 4 .   ? 1.464   -11.149 -0.484  1.00 29.30 ? 717 HOH A O   1 
HETATM 1024 O O   . HOH H 4 .   ? 18.691  -6.211  -5.263  1.00 17.83 ? 718 HOH A O   1 
HETATM 1025 O O   . HOH H 4 .   ? -10.124 -6.616  0.418   1.00 22.16 ? 719 HOH A O   1 
HETATM 1026 O O   . HOH H 4 .   ? 10.184  8.507   -15.217 1.00 32.77 ? 720 HOH A O   1 
HETATM 1027 O O   . HOH H 4 .   ? 10.051  -13.958 -8.424  1.00 40.52 ? 721 HOH A O   1 
HETATM 1028 O O   . HOH H 4 .   ? -12.939 9.912   1.662   1.00 22.70 ? 722 HOH A O   1 
HETATM 1029 O O   . HOH H 4 .   ? -2.700  1.303   21.242  1.00 43.95 ? 723 HOH A O   1 
HETATM 1030 O O   . HOH H 4 .   ? 3.711   12.254  -13.862 1.00 34.94 ? 724 HOH A O   1 
HETATM 1031 O O   . HOH H 4 .   ? -7.765  -8.663  -2.269  1.00 30.89 ? 725 HOH A O   1 
HETATM 1032 O O   . HOH H 4 .   ? -4.185  -15.538 8.847   1.00 33.73 ? 726 HOH A O   1 
HETATM 1033 O O   . HOH H 4 .   ? 6.120   0.382   -12.556 1.00 29.88 ? 727 HOH A O   1 
HETATM 1034 O O   . HOH H 4 .   ? 17.009  -4.144  6.609   1.00 41.93 ? 728 HOH A O   1 
HETATM 1035 O O   . HOH H 4 .   ? -8.439  -0.545  -14.871 1.00 30.65 ? 729 HOH A O   1 
HETATM 1036 O O   . HOH H 4 .   ? 11.768  1.573   4.911   1.00 28.58 ? 730 HOH A O   1 
HETATM 1037 O O   . HOH H 4 .   ? -9.247  3.776   12.085  1.00 23.75 ? 731 HOH A O   1 
HETATM 1038 O O   . HOH H 4 .   ? 2.122   3.408   14.928  1.00 36.74 ? 732 HOH A O   1 
HETATM 1039 O O   . HOH H 4 .   ? 9.821   -1.565  8.004   1.00 30.17 ? 733 HOH A O   1 
HETATM 1040 O O   . HOH H 4 .   ? -2.057  8.673   -12.572 1.00 20.30 ? 734 HOH A O   1 
HETATM 1041 O O   . HOH H 4 .   ? -9.927  -10.443 13.225  1.00 31.77 ? 735 HOH A O   1 
HETATM 1042 O O   . HOH H 4 .   ? -1.235  -1.484  20.982  1.00 35.32 ? 736 HOH A O   1 
HETATM 1043 O O   . HOH H 4 .   ? -9.217  -9.075  8.412   1.00 31.35 ? 737 HOH A O   1 
HETATM 1044 O O   . HOH H 4 .   ? -8.799  -7.974  14.021  1.00 23.12 ? 738 HOH A O   1 
HETATM 1045 O O   . HOH H 4 .   ? 7.090   1.057   -16.411 1.00 42.65 ? 739 HOH A O   1 
HETATM 1046 O O   . HOH H 4 .   ? -12.692 -7.634  1.980   1.00 36.47 ? 740 HOH A O   1 
HETATM 1047 O O   . HOH H 4 .   ? 13.636  0.573   -15.651 1.00 35.63 ? 741 HOH A O   1 
HETATM 1048 O O   . HOH H 4 .   ? -10.472 5.771   11.541  1.00 36.29 ? 742 HOH A O   1 
HETATM 1049 O O   . HOH H 4 .   ? 2.684   -5.534  -10.025 1.00 26.92 ? 743 HOH A O   1 
HETATM 1050 O O   . HOH H 4 .   ? -3.984  4.097   18.631  1.00 42.39 ? 744 HOH A O   1 
HETATM 1051 O O   . HOH H 4 .   ? 2.963   4.997   13.594  1.00 29.49 ? 745 HOH A O   1 
HETATM 1052 O O   . HOH H 4 .   ? -15.242 -4.175  4.752   1.00 31.75 ? 746 HOH A O   1 
HETATM 1053 O O   . HOH H 4 .   ? -4.985  -11.762 -1.416  1.00 35.06 ? 747 HOH A O   1 
HETATM 1054 O O   . HOH H 4 .   ? 12.401  4.425   -14.539 1.00 28.15 ? 748 HOH A O   1 
HETATM 1055 O O   . HOH H 4 .   ? 8.779   15.712  -6.423  1.00 27.53 ? 749 HOH A O   1 
HETATM 1056 O O   . HOH H 4 .   ? -2.789  13.152  -7.576  1.00 34.61 ? 750 HOH A O   1 
HETATM 1057 O O   . HOH H 4 .   ? 12.989  -2.194  -18.702 1.00 33.40 ? 751 HOH A O   1 
HETATM 1058 O O   . HOH H 4 .   ? -14.327 11.798  11.236  1.00 30.16 ? 752 HOH A O   1 
HETATM 1059 O O   . HOH H 4 .   ? -0.433  -14.893 6.349   1.00 32.80 ? 753 HOH A O   1 
HETATM 1060 O O   . HOH H 4 .   ? 2.359   1.947   -18.972 1.00 42.22 ? 754 HOH A O   1 
HETATM 1061 O O   . HOH H 4 .   ? 7.011   -8.612  0.421   1.00 26.65 ? 755 HOH A O   1 
HETATM 1062 O O   . HOH H 4 .   ? 14.824  -1.259  -17.676 1.00 27.17 ? 756 HOH A O   1 
HETATM 1063 O O   . HOH H 4 .   ? -1.274  -13.401 0.433   1.00 37.52 ? 757 HOH A O   1 
HETATM 1064 O O   . HOH H 4 .   ? -4.473  -8.734  -6.550  1.00 32.18 ? 758 HOH A O   1 
HETATM 1065 O O   . HOH H 4 .   ? 16.717  -8.852  -6.444  1.00 27.11 ? 759 HOH A O   1 
HETATM 1066 O O   . HOH H 4 .   ? 0.930   -11.821 -2.596  1.00 35.71 ? 760 HOH A O   1 
HETATM 1067 O O   . HOH H 4 .   ? 5.198   -12.389 -0.264  1.00 39.56 ? 761 HOH A O   1 
HETATM 1068 O O   . HOH H 4 .   ? 8.084   -2.374  -14.309 1.00 36.32 ? 762 HOH A O   1 
HETATM 1069 O O   . HOH H 4 .   ? 19.163  4.318   -2.360  1.00 33.99 ? 763 HOH A O   1 
HETATM 1070 O O   . HOH H 4 .   ? 7.887   -1.740  9.987   1.00 35.45 ? 764 HOH A O   1 
HETATM 1071 O O   . HOH H 4 .   ? -8.389  -7.325  -8.995  1.00 34.51 ? 765 HOH A O   1 
HETATM 1072 O O   . HOH H 4 .   ? 11.425  -8.039  -2.666  1.00 28.11 ? 766 HOH A O   1 
HETATM 1073 O O   . HOH H 4 .   ? 5.144   -11.476 3.897   1.00 38.34 ? 767 HOH A O   1 
HETATM 1074 O O   . HOH H 4 .   ? 8.484   -9.301  -1.691  1.00 30.07 ? 768 HOH A O   1 
HETATM 1075 O O   . HOH H 4 .   ? 10.177  -0.142  -13.405 1.00 29.38 ? 769 HOH A O   1 
HETATM 1076 O O   . HOH H 4 .   ? 1.447   -14.400 10.296  1.00 26.27 ? 770 HOH A O   1 
HETATM 1077 O O   . HOH H 4 .   ? 11.407  -10.756 -3.759  1.00 30.26 ? 771 HOH A O   1 
HETATM 1078 O O   . HOH H 4 .   ? 6.379   -3.664  -10.043 1.00 23.07 ? 772 HOH A O   1 
HETATM 1079 O O   . HOH H 4 .   ? 8.682   -3.957  6.799   1.00 28.24 ? 773 HOH A O   1 
HETATM 1080 O O   . HOH H 4 .   ? -20.498 -7.747  2.504   1.00 40.15 ? 774 HOH A O   1 
HETATM 1081 O O   . HOH H 4 .   ? 5.232   0.157   12.522  1.00 35.28 ? 775 HOH A O   1 
HETATM 1082 O O   . HOH H 4 .   ? 4.305   -10.446 6.039   1.00 32.08 ? 776 HOH A O   1 
HETATM 1083 O O   . HOH H 4 .   ? 8.681   -14.690 -6.675  1.00 49.21 ? 777 HOH A O   1 
HETATM 1084 O O   . HOH H 4 .   ? 6.488   2.735   12.151  1.00 35.64 ? 778 HOH A O   1 
HETATM 1085 O O   . HOH H 4 .   ? -17.928 -3.132  21.934  1.00 38.19 ? 779 HOH A O   1 
HETATM 1086 O O   . HOH H 4 .   ? 6.775   -2.049  -12.221 1.00 33.33 ? 780 HOH A O   1 
HETATM 1087 O O   . HOH H 4 .   ? 7.522   -11.572 -2.376  1.00 37.00 ? 781 HOH A O   1 
HETATM 1088 O O   . HOH H 4 .   ? 6.814   -1.623  -16.099 1.00 41.52 ? 782 HOH A O   1 
HETATM 1089 O O   . HOH H 4 .   ? 7.847   -3.180  12.256  1.00 37.93 ? 783 HOH A O   1 
# 
loop_
_pdbx_poly_seq_scheme.asym_id 
_pdbx_poly_seq_scheme.entity_id 
_pdbx_poly_seq_scheme.seq_id 
_pdbx_poly_seq_scheme.mon_id 
_pdbx_poly_seq_scheme.ndb_seq_num 
_pdbx_poly_seq_scheme.pdb_seq_num 
_pdbx_poly_seq_scheme.auth_seq_num 
_pdbx_poly_seq_scheme.pdb_mon_id 
_pdbx_poly_seq_scheme.auth_mon_id 
_pdbx_poly_seq_scheme.pdb_strand_id 
_pdbx_poly_seq_scheme.pdb_ins_code 
_pdbx_poly_seq_scheme.hetero 
A 1 1   GLY 1   349 349 GLY GLY A . n 
A 1 2   PRO 2   350 350 PRO PRO A . n 
A 1 3   MET 3   351 351 MET MET A . n 
A 1 4   GLU 4   352 352 GLU GLU A . n 
A 1 5   GLN 5   353 353 GLN GLN A . n 
A 1 6   LEU 6   354 354 LEU LEU A . n 
A 1 7   LYS 7   355 355 LYS LYS A . n 
A 1 8   CYS 8   356 356 CYS CYS A . n 
A 1 9   CYS 9   357 357 CYS CYS A . n 
A 1 10  SER 10  358 358 SER SER A . n 
A 1 11  GLY 11  359 359 GLY GLY A . n 
A 1 12  ILE 12  360 360 ILE ILE A . n 
A 1 13  LEU 13  361 361 LEU LEU A . n 
A 1 14  LYS 14  362 362 LYS LYS A . n 
A 1 15  GLU 15  363 363 GLU GLU A . n 
A 1 16  MET 16  364 364 MET MET A . n 
A 1 17  PHE 17  365 365 PHE PHE A . n 
A 1 18  ALA 18  366 366 ALA ALA A . n 
A 1 19  LYS 19  367 367 LYS LYS A . n 
A 1 20  LYS 20  368 368 LYS LYS A . n 
A 1 21  HIS 21  369 369 HIS HIS A . n 
A 1 22  ALA 22  370 370 ALA ALA A . n 
A 1 23  ALA 23  371 371 ALA ALA A . n 
A 1 24  TYR 24  372 372 TYR TYR A . n 
A 1 25  ALA 25  373 373 ALA ALA A . n 
A 1 26  TRP 26  374 374 TRP TRP A . n 
A 1 27  PRO 27  375 375 PRO PRO A . n 
A 1 28  PHE 28  376 376 PHE PHE A . n 
A 1 29  TYR 29  377 377 TYR TYR A . n 
A 1 30  LYS 30  378 378 LYS LYS A . n 
A 1 31  PRO 31  379 379 PRO PRO A . n 
A 1 32  VAL 32  380 380 VAL VAL A . n 
A 1 33  ASP 33  381 381 ASP ASP A . n 
A 1 34  VAL 34  382 382 VAL VAL A . n 
A 1 35  GLU 35  383 383 GLU GLU A . n 
A 1 36  ALA 36  384 384 ALA ALA A . n 
A 1 37  LEU 37  385 385 LEU LEU A . n 
A 1 38  GLY 38  386 386 GLY GLY A . n 
A 1 39  LEU 39  387 387 LEU LEU A . n 
A 1 40  HIS 40  388 388 HIS HIS A . n 
A 1 41  ASP 41  389 389 ASP ASP A . n 
A 1 42  TYR 42  390 390 TYR TYR A . n 
A 1 43  CYS 43  391 391 CYS CYS A . n 
A 1 44  ASP 44  392 392 ASP ASP A . n 
A 1 45  ILE 45  393 393 ILE ILE A . n 
A 1 46  ILE 46  394 394 ILE ILE A . n 
A 1 47  LYS 47  395 395 LYS LYS A . n 
A 1 48  HIS 48  396 396 HIS HIS A . n 
A 1 49  PRO 49  397 397 PRO PRO A . n 
A 1 50  MET 50  398 398 MET MET A . n 
A 1 51  ASP 51  399 399 ASP ASP A . n 
A 1 52  MET 52  400 400 MET MET A . n 
A 1 53  SER 53  401 401 SER SER A . n 
A 1 54  THR 54  402 402 THR THR A . n 
A 1 55  ILE 55  403 403 ILE ILE A . n 
A 1 56  LYS 56  404 404 LYS LYS A . n 
A 1 57  SER 57  405 405 SER SER A . n 
A 1 58  LYS 58  406 406 LYS LYS A . n 
A 1 59  LEU 59  407 407 LEU LEU A . n 
A 1 60  GLU 60  408 408 GLU GLU A . n 
A 1 61  ALA 61  409 409 ALA ALA A . n 
A 1 62  ARG 62  410 410 ARG ARG A . n 
A 1 63  GLU 63  411 411 GLU GLU A . n 
A 1 64  TYR 64  412 412 TYR TYR A . n 
A 1 65  ARG 65  413 413 ARG ARG A . n 
A 1 66  ASP 66  414 414 ASP ASP A . n 
A 1 67  ALA 67  415 415 ALA ALA A . n 
A 1 68  GLN 68  416 416 GLN GLN A . n 
A 1 69  GLU 69  417 417 GLU GLU A . n 
A 1 70  PHE 70  418 418 PHE PHE A . n 
A 1 71  GLY 71  419 419 GLY GLY A . n 
A 1 72  ALA 72  420 420 ALA ALA A . n 
A 1 73  ASP 73  421 421 ASP ASP A . n 
A 1 74  VAL 74  422 422 VAL VAL A . n 
A 1 75  ARG 75  423 423 ARG ARG A . n 
A 1 76  LEU 76  424 424 LEU LEU A . n 
A 1 77  MET 77  425 425 MET MET A . n 
A 1 78  PHE 78  426 426 PHE PHE A . n 
A 1 79  SER 79  427 427 SER SER A . n 
A 1 80  ASN 80  428 428 ASN ASN A . n 
A 1 81  CYS 81  429 429 CYS CYS A . n 
A 1 82  TYR 82  430 430 TYR TYR A . n 
A 1 83  LYS 83  431 431 LYS LYS A . n 
A 1 84  TYR 84  432 432 TYR TYR A . n 
A 1 85  ASN 85  433 433 ASN ASN A . n 
A 1 86  PRO 86  434 434 PRO PRO A . n 
A 1 87  PRO 87  435 435 PRO PRO A . n 
A 1 88  ASP 88  436 436 ASP ASP A . n 
A 1 89  HIS 89  437 437 HIS HIS A . n 
A 1 90  GLU 90  438 438 GLU GLU A . n 
A 1 91  VAL 91  439 439 VAL VAL A . n 
A 1 92  VAL 92  440 440 VAL VAL A . n 
A 1 93  ALA 93  441 441 ALA ALA A . n 
A 1 94  MET 94  442 442 MET MET A . n 
A 1 95  ALA 95  443 443 ALA ALA A . n 
A 1 96  ARG 96  444 444 ARG ARG A . n 
A 1 97  LYS 97  445 445 LYS LYS A . n 
A 1 98  LEU 98  446 446 LEU LEU A . n 
A 1 99  GLN 99  447 447 GLN GLN A . n 
A 1 100 ASP 100 448 448 ASP ASP A . n 
A 1 101 VAL 101 449 449 VAL VAL A . n 
A 1 102 PHE 102 450 450 PHE PHE A . n 
A 1 103 GLU 103 451 451 GLU GLU A . n 
A 1 104 MET 104 452 452 MET MET A . n 
A 1 105 ARG 105 453 453 ARG ARG A . n 
A 1 106 PHE 106 454 454 PHE PHE A . n 
A 1 107 ALA 107 455 455 ALA ALA A . n 
A 1 108 LYS 108 456 456 LYS LYS A . n 
A 1 109 MET 109 457 ?   ?   ?   A . n 
# 
_pdbx_contact_author.id                 2 
_pdbx_contact_author.email              don.ronning@unmc.edu 
_pdbx_contact_author.name_first         Donald 
_pdbx_contact_author.name_last          Ronning 
_pdbx_contact_author.name_mi            R 
_pdbx_contact_author.role               'principal investigator/group leader' 
_pdbx_contact_author.identifier_ORCID   0000-0003-2583-8849 
# 
loop_
_pdbx_nonpoly_scheme.asym_id 
_pdbx_nonpoly_scheme.entity_id 
_pdbx_nonpoly_scheme.mon_id 
_pdbx_nonpoly_scheme.ndb_seq_num 
_pdbx_nonpoly_scheme.pdb_seq_num 
_pdbx_nonpoly_scheme.auth_seq_num 
_pdbx_nonpoly_scheme.pdb_mon_id 
_pdbx_nonpoly_scheme.auth_mon_id 
_pdbx_nonpoly_scheme.pdb_strand_id 
_pdbx_nonpoly_scheme.pdb_ins_code 
B 2 EDO 1   501 501 EDO EDO A . 
C 2 EDO 1   502 502 EDO EDO A . 
D 3 DMS 1   503 504 DMS DMS A . 
E 3 DMS 1   504 210 DMS DMS A . 
F 2 EDO 1   505 505 EDO EDO A . 
G 2 EDO 1   506 506 EDO EDO A . 
H 4 HOH 1   601 182 HOH HOH A . 
H 4 HOH 2   602 175 HOH HOH A . 
H 4 HOH 3   603 65  HOH HOH A . 
H 4 HOH 4   604 87  HOH HOH A . 
H 4 HOH 5   605 189 HOH HOH A . 
H 4 HOH 6   606 38  HOH HOH A . 
H 4 HOH 7   607 157 HOH HOH A . 
H 4 HOH 8   608 207 HOH HOH A . 
H 4 HOH 9   609 123 HOH HOH A . 
H 4 HOH 10  610 195 HOH HOH A . 
H 4 HOH 11  611 163 HOH HOH A . 
H 4 HOH 12  612 155 HOH HOH A . 
H 4 HOH 13  613 209 HOH HOH A . 
H 4 HOH 14  614 48  HOH HOH A . 
H 4 HOH 15  615 2   HOH HOH A . 
H 4 HOH 16  616 3   HOH HOH A . 
H 4 HOH 17  617 35  HOH HOH A . 
H 4 HOH 18  618 36  HOH HOH A . 
H 4 HOH 19  619 41  HOH HOH A . 
H 4 HOH 20  620 151 HOH HOH A . 
H 4 HOH 21  621 164 HOH HOH A . 
H 4 HOH 22  622 23  HOH HOH A . 
H 4 HOH 23  623 25  HOH HOH A . 
H 4 HOH 24  624 15  HOH HOH A . 
H 4 HOH 25  625 53  HOH HOH A . 
H 4 HOH 26  626 6   HOH HOH A . 
H 4 HOH 27  627 115 HOH HOH A . 
H 4 HOH 28  628 42  HOH HOH A . 
H 4 HOH 29  629 139 HOH HOH A . 
H 4 HOH 30  630 10  HOH HOH A . 
H 4 HOH 31  631 22  HOH HOH A . 
H 4 HOH 32  632 99  HOH HOH A . 
H 4 HOH 33  633 29  HOH HOH A . 
H 4 HOH 34  634 24  HOH HOH A . 
H 4 HOH 35  635 73  HOH HOH A . 
H 4 HOH 36  636 66  HOH HOH A . 
H 4 HOH 37  637 7   HOH HOH A . 
H 4 HOH 38  638 84  HOH HOH A . 
H 4 HOH 39  639 106 HOH HOH A . 
H 4 HOH 40  640 57  HOH HOH A . 
H 4 HOH 41  641 200 HOH HOH A . 
H 4 HOH 42  642 128 HOH HOH A . 
H 4 HOH 43  643 142 HOH HOH A . 
H 4 HOH 44  644 50  HOH HOH A . 
H 4 HOH 45  645 5   HOH HOH A . 
H 4 HOH 46  646 218 HOH HOH A . 
H 4 HOH 47  647 39  HOH HOH A . 
H 4 HOH 48  648 30  HOH HOH A . 
H 4 HOH 49  649 111 HOH HOH A . 
H 4 HOH 50  650 18  HOH HOH A . 
H 4 HOH 51  651 54  HOH HOH A . 
H 4 HOH 52  652 13  HOH HOH A . 
H 4 HOH 53  653 201 HOH HOH A . 
H 4 HOH 54  654 74  HOH HOH A . 
H 4 HOH 55  655 140 HOH HOH A . 
H 4 HOH 56  656 9   HOH HOH A . 
H 4 HOH 57  657 31  HOH HOH A . 
H 4 HOH 58  658 49  HOH HOH A . 
H 4 HOH 59  659 17  HOH HOH A . 
H 4 HOH 60  660 93  HOH HOH A . 
H 4 HOH 61  661 8   HOH HOH A . 
H 4 HOH 62  662 208 HOH HOH A . 
H 4 HOH 63  663 12  HOH HOH A . 
H 4 HOH 64  664 21  HOH HOH A . 
H 4 HOH 65  665 47  HOH HOH A . 
H 4 HOH 66  666 158 HOH HOH A . 
H 4 HOH 67  667 185 HOH HOH A . 
H 4 HOH 68  668 58  HOH HOH A . 
H 4 HOH 69  669 45  HOH HOH A . 
H 4 HOH 70  670 64  HOH HOH A . 
H 4 HOH 71  671 79  HOH HOH A . 
H 4 HOH 72  672 81  HOH HOH A . 
H 4 HOH 73  673 55  HOH HOH A . 
H 4 HOH 74  674 37  HOH HOH A . 
H 4 HOH 75  675 14  HOH HOH A . 
H 4 HOH 76  676 160 HOH HOH A . 
H 4 HOH 77  677 60  HOH HOH A . 
H 4 HOH 78  678 102 HOH HOH A . 
H 4 HOH 79  679 92  HOH HOH A . 
H 4 HOH 80  680 26  HOH HOH A . 
H 4 HOH 81  681 20  HOH HOH A . 
H 4 HOH 82  682 68  HOH HOH A . 
H 4 HOH 83  683 28  HOH HOH A . 
H 4 HOH 84  684 34  HOH HOH A . 
H 4 HOH 85  685 63  HOH HOH A . 
H 4 HOH 86  686 19  HOH HOH A . 
H 4 HOH 87  687 11  HOH HOH A . 
H 4 HOH 88  688 113 HOH HOH A . 
H 4 HOH 89  689 43  HOH HOH A . 
H 4 HOH 90  690 190 HOH HOH A . 
H 4 HOH 91  691 33  HOH HOH A . 
H 4 HOH 92  692 70  HOH HOH A . 
H 4 HOH 93  693 83  HOH HOH A . 
H 4 HOH 94  694 27  HOH HOH A . 
H 4 HOH 95  695 124 HOH HOH A . 
H 4 HOH 96  696 125 HOH HOH A . 
H 4 HOH 97  697 178 HOH HOH A . 
H 4 HOH 98  698 97  HOH HOH A . 
H 4 HOH 99  699 32  HOH HOH A . 
H 4 HOH 100 700 75  HOH HOH A . 
H 4 HOH 101 701 16  HOH HOH A . 
H 4 HOH 102 702 67  HOH HOH A . 
H 4 HOH 103 703 138 HOH HOH A . 
H 4 HOH 104 704 76  HOH HOH A . 
H 4 HOH 105 705 197 HOH HOH A . 
H 4 HOH 106 706 133 HOH HOH A . 
H 4 HOH 107 707 56  HOH HOH A . 
H 4 HOH 108 708 94  HOH HOH A . 
H 4 HOH 109 709 173 HOH HOH A . 
H 4 HOH 110 710 211 HOH HOH A . 
H 4 HOH 111 711 191 HOH HOH A . 
H 4 HOH 112 712 188 HOH HOH A . 
H 4 HOH 113 713 117 HOH HOH A . 
H 4 HOH 114 714 203 HOH HOH A . 
H 4 HOH 115 715 109 HOH HOH A . 
H 4 HOH 116 716 91  HOH HOH A . 
H 4 HOH 117 717 89  HOH HOH A . 
H 4 HOH 118 718 206 HOH HOH A . 
H 4 HOH 119 719 52  HOH HOH A . 
H 4 HOH 120 720 180 HOH HOH A . 
H 4 HOH 121 721 118 HOH HOH A . 
H 4 HOH 122 722 40  HOH HOH A . 
H 4 HOH 123 723 205 HOH HOH A . 
H 4 HOH 124 724 199 HOH HOH A . 
H 4 HOH 125 725 149 HOH HOH A . 
H 4 HOH 126 726 131 HOH HOH A . 
H 4 HOH 127 727 100 HOH HOH A . 
H 4 HOH 128 728 176 HOH HOH A . 
H 4 HOH 129 729 90  HOH HOH A . 
H 4 HOH 130 730 86  HOH HOH A . 
H 4 HOH 131 731 77  HOH HOH A . 
H 4 HOH 132 732 136 HOH HOH A . 
H 4 HOH 133 733 154 HOH HOH A . 
H 4 HOH 134 734 145 HOH HOH A . 
H 4 HOH 135 735 96  HOH HOH A . 
H 4 HOH 136 736 132 HOH HOH A . 
H 4 HOH 137 737 214 HOH HOH A . 
H 4 HOH 138 738 51  HOH HOH A . 
H 4 HOH 139 739 134 HOH HOH A . 
H 4 HOH 140 740 204 HOH HOH A . 
H 4 HOH 141 741 162 HOH HOH A . 
H 4 HOH 142 742 98  HOH HOH A . 
H 4 HOH 143 743 71  HOH HOH A . 
H 4 HOH 144 744 121 HOH HOH A . 
H 4 HOH 145 745 122 HOH HOH A . 
H 4 HOH 146 746 146 HOH HOH A . 
H 4 HOH 147 747 193 HOH HOH A . 
H 4 HOH 148 748 103 HOH HOH A . 
H 4 HOH 149 749 72  HOH HOH A . 
H 4 HOH 150 750 198 HOH HOH A . 
H 4 HOH 151 751 212 HOH HOH A . 
H 4 HOH 152 752 104 HOH HOH A . 
H 4 HOH 153 753 166 HOH HOH A . 
H 4 HOH 154 754 215 HOH HOH A . 
H 4 HOH 155 755 152 HOH HOH A . 
H 4 HOH 156 756 148 HOH HOH A . 
H 4 HOH 157 757 192 HOH HOH A . 
H 4 HOH 158 758 216 HOH HOH A . 
H 4 HOH 159 759 59  HOH HOH A . 
H 4 HOH 160 760 179 HOH HOH A . 
H 4 HOH 161 761 112 HOH HOH A . 
H 4 HOH 162 762 202 HOH HOH A . 
H 4 HOH 163 763 217 HOH HOH A . 
H 4 HOH 164 764 137 HOH HOH A . 
H 4 HOH 165 765 210 HOH HOH A . 
H 4 HOH 166 766 85  HOH HOH A . 
H 4 HOH 167 767 120 HOH HOH A . 
H 4 HOH 168 768 167 HOH HOH A . 
H 4 HOH 169 769 62  HOH HOH A . 
H 4 HOH 170 770 46  HOH HOH A . 
H 4 HOH 171 771 95  HOH HOH A . 
H 4 HOH 172 772 69  HOH HOH A . 
H 4 HOH 173 773 105 HOH HOH A . 
H 4 HOH 174 774 143 HOH HOH A . 
H 4 HOH 175 775 170 HOH HOH A . 
H 4 HOH 176 776 161 HOH HOH A . 
H 4 HOH 177 777 127 HOH HOH A . 
H 4 HOH 178 778 181 HOH HOH A . 
H 4 HOH 179 779 174 HOH HOH A . 
H 4 HOH 180 780 78  HOH HOH A . 
H 4 HOH 181 781 159 HOH HOH A . 
H 4 HOH 182 782 130 HOH HOH A . 
H 4 HOH 183 783 165 HOH HOH A . 
# 
_pdbx_struct_assembly.id                   1 
_pdbx_struct_assembly.details              author_and_software_defined_assembly 
_pdbx_struct_assembly.method_details       PISA 
_pdbx_struct_assembly.oligomeric_details   monomeric 
_pdbx_struct_assembly.oligomeric_count     1 
# 
_pdbx_struct_assembly_gen.assembly_id       1 
_pdbx_struct_assembly_gen.oper_expression   1 
_pdbx_struct_assembly_gen.asym_id_list      A,B,C,D,E,F,G,H 
# 
_pdbx_struct_oper_list.id                   1 
_pdbx_struct_oper_list.type                 'identity operation' 
_pdbx_struct_oper_list.name                 1_555 
_pdbx_struct_oper_list.symmetry_operation   x,y,z 
_pdbx_struct_oper_list.matrix[1][1]         1.0000000000 
_pdbx_struct_oper_list.matrix[1][2]         0.0000000000 
_pdbx_struct_oper_list.matrix[1][3]         0.0000000000 
_pdbx_struct_oper_list.vector[1]            0.0000000000 
_pdbx_struct_oper_list.matrix[2][1]         0.0000000000 
_pdbx_struct_oper_list.matrix[2][2]         1.0000000000 
_pdbx_struct_oper_list.matrix[2][3]         0.0000000000 
_pdbx_struct_oper_list.vector[2]            0.0000000000 
_pdbx_struct_oper_list.matrix[3][1]         0.0000000000 
_pdbx_struct_oper_list.matrix[3][2]         0.0000000000 
_pdbx_struct_oper_list.matrix[3][3]         1.0000000000 
_pdbx_struct_oper_list.vector[3]            0.0000000000 
# 
loop_
_pdbx_audit_revision_history.ordinal 
_pdbx_audit_revision_history.data_content_type 
_pdbx_audit_revision_history.major_revision 
_pdbx_audit_revision_history.minor_revision 
_pdbx_audit_revision_history.revision_date 
1 'Structure model' 1 0 2023-01-18 
2 'Structure model' 1 1 2023-10-25 
# 
_pdbx_audit_revision_details.ordinal             1 
_pdbx_audit_revision_details.revision_ordinal    1 
_pdbx_audit_revision_details.data_content_type   'Structure model' 
_pdbx_audit_revision_details.provider            repository 
_pdbx_audit_revision_details.type                'Initial release' 
_pdbx_audit_revision_details.description         ? 
_pdbx_audit_revision_details.details             ? 
# 
loop_
_pdbx_audit_revision_group.ordinal 
_pdbx_audit_revision_group.revision_ordinal 
_pdbx_audit_revision_group.data_content_type 
_pdbx_audit_revision_group.group 
1 2 'Structure model' 'Data collection'        
2 2 'Structure model' 'Refinement description' 
# 
loop_
_pdbx_audit_revision_category.ordinal 
_pdbx_audit_revision_category.revision_ordinal 
_pdbx_audit_revision_category.data_content_type 
_pdbx_audit_revision_category.category 
1 2 'Structure model' chem_comp_atom                
2 2 'Structure model' chem_comp_bond                
3 2 'Structure model' pdbx_initial_refinement_model 
# 
loop_
_software.citation_id 
_software.classification 
_software.compiler_name 
_software.compiler_version 
_software.contact_author 
_software.contact_author_email 
_software.date 
_software.description 
_software.dependencies 
_software.hardware 
_software.language 
_software.location 
_software.mods 
_software.name 
_software.os 
_software.os_version 
_software.type 
_software.version 
_software.pdbx_ordinal 
? refinement        ? ? ? ? ? ? ? ? ? ? ? PHENIX      ? ? ? 1.19.1_4122 1 
? 'data extraction' ? ? ? ? ? ? ? ? ? ? ? PDB_EXTRACT ? ? ? 3.27        2 
? 'data reduction'  ? ? ? ? ? ? ? ? ? ? ? HKL-2000    ? ? ? .           3 
? 'data scaling'    ? ? ? ? ? ? ? ? ? ? ? SCALA       ? ? ? .           4 
? phasing           ? ? ? ? ? ? ? ? ? ? ? PHASER      ? ? ? .           5 
# 
_pdbx_entry_details.entry_id                 7USK 
_pdbx_entry_details.has_ligand_of_interest   N 
_pdbx_entry_details.compound_details         ? 
_pdbx_entry_details.source_details           ? 
_pdbx_entry_details.nonpolymer_details       ? 
_pdbx_entry_details.sequence_details         ? 
# 
_pdbx_unobs_or_zero_occ_atoms.id               1 
_pdbx_unobs_or_zero_occ_atoms.PDB_model_num    1 
_pdbx_unobs_or_zero_occ_atoms.polymer_flag     Y 
_pdbx_unobs_or_zero_occ_atoms.occupancy_flag   0 
_pdbx_unobs_or_zero_occ_atoms.auth_asym_id     A 
_pdbx_unobs_or_zero_occ_atoms.auth_comp_id     SER 
_pdbx_unobs_or_zero_occ_atoms.auth_seq_id      358 
_pdbx_unobs_or_zero_occ_atoms.PDB_ins_code     ? 
_pdbx_unobs_or_zero_occ_atoms.auth_atom_id     OG 
_pdbx_unobs_or_zero_occ_atoms.label_alt_id     A 
_pdbx_unobs_or_zero_occ_atoms.label_asym_id    A 
_pdbx_unobs_or_zero_occ_atoms.label_comp_id    SER 
_pdbx_unobs_or_zero_occ_atoms.label_seq_id     10 
_pdbx_unobs_or_zero_occ_atoms.label_atom_id    OG 
# 
_pdbx_unobs_or_zero_occ_residues.id               1 
_pdbx_unobs_or_zero_occ_residues.PDB_model_num    1 
_pdbx_unobs_or_zero_occ_residues.polymer_flag     Y 
_pdbx_unobs_or_zero_occ_residues.occupancy_flag   1 
_pdbx_unobs_or_zero_occ_residues.auth_asym_id     A 
_pdbx_unobs_or_zero_occ_residues.auth_comp_id     MET 
_pdbx_unobs_or_zero_occ_residues.auth_seq_id      457 
_pdbx_unobs_or_zero_occ_residues.PDB_ins_code     ? 
_pdbx_unobs_or_zero_occ_residues.label_asym_id    A 
_pdbx_unobs_or_zero_occ_residues.label_comp_id    MET 
_pdbx_unobs_or_zero_occ_residues.label_seq_id     109 
# 
loop_
_chem_comp_atom.comp_id 
_chem_comp_atom.atom_id 
_chem_comp_atom.type_symbol 
_chem_comp_atom.pdbx_aromatic_flag 
_chem_comp_atom.pdbx_stereo_config 
_chem_comp_atom.pdbx_ordinal 
ALA N    N N N 1   
ALA CA   C N S 2   
ALA C    C N N 3   
ALA O    O N N 4   
ALA CB   C N N 5   
ALA OXT  O N N 6   
ALA H    H N N 7   
ALA H2   H N N 8   
ALA HA   H N N 9   
ALA HB1  H N N 10  
ALA HB2  H N N 11  
ALA HB3  H N N 12  
ALA HXT  H N N 13  
ARG N    N N N 14  
ARG CA   C N S 15  
ARG C    C N N 16  
ARG O    O N N 17  
ARG CB   C N N 18  
ARG CG   C N N 19  
ARG CD   C N N 20  
ARG NE   N N N 21  
ARG CZ   C N N 22  
ARG NH1  N N N 23  
ARG NH2  N N N 24  
ARG OXT  O N N 25  
ARG H    H N N 26  
ARG H2   H N N 27  
ARG HA   H N N 28  
ARG HB2  H N N 29  
ARG HB3  H N N 30  
ARG HG2  H N N 31  
ARG HG3  H N N 32  
ARG HD2  H N N 33  
ARG HD3  H N N 34  
ARG HE   H N N 35  
ARG HH11 H N N 36  
ARG HH12 H N N 37  
ARG HH21 H N N 38  
ARG HH22 H N N 39  
ARG HXT  H N N 40  
ASN N    N N N 41  
ASN CA   C N S 42  
ASN C    C N N 43  
ASN O    O N N 44  
ASN CB   C N N 45  
ASN CG   C N N 46  
ASN OD1  O N N 47  
ASN ND2  N N N 48  
ASN OXT  O N N 49  
ASN H    H N N 50  
ASN H2   H N N 51  
ASN HA   H N N 52  
ASN HB2  H N N 53  
ASN HB3  H N N 54  
ASN HD21 H N N 55  
ASN HD22 H N N 56  
ASN HXT  H N N 57  
ASP N    N N N 58  
ASP CA   C N S 59  
ASP C    C N N 60  
ASP O    O N N 61  
ASP CB   C N N 62  
ASP CG   C N N 63  
ASP OD1  O N N 64  
ASP OD2  O N N 65  
ASP OXT  O N N 66  
ASP H    H N N 67  
ASP H2   H N N 68  
ASP HA   H N N 69  
ASP HB2  H N N 70  
ASP HB3  H N N 71  
ASP HD2  H N N 72  
ASP HXT  H N N 73  
CYS N    N N N 74  
CYS CA   C N R 75  
CYS C    C N N 76  
CYS O    O N N 77  
CYS CB   C N N 78  
CYS SG   S N N 79  
CYS OXT  O N N 80  
CYS H    H N N 81  
CYS H2   H N N 82  
CYS HA   H N N 83  
CYS HB2  H N N 84  
CYS HB3  H N N 85  
CYS HG   H N N 86  
CYS HXT  H N N 87  
DMS S    S N N 88  
DMS O    O N N 89  
DMS C1   C N N 90  
DMS C2   C N N 91  
DMS H11  H N N 92  
DMS H12  H N N 93  
DMS H13  H N N 94  
DMS H21  H N N 95  
DMS H22  H N N 96  
DMS H23  H N N 97  
EDO C1   C N N 98  
EDO O1   O N N 99  
EDO C2   C N N 100 
EDO O2   O N N 101 
EDO H11  H N N 102 
EDO H12  H N N 103 
EDO HO1  H N N 104 
EDO H21  H N N 105 
EDO H22  H N N 106 
EDO HO2  H N N 107 
GLN N    N N N 108 
GLN CA   C N S 109 
GLN C    C N N 110 
GLN O    O N N 111 
GLN CB   C N N 112 
GLN CG   C N N 113 
GLN CD   C N N 114 
GLN OE1  O N N 115 
GLN NE2  N N N 116 
GLN OXT  O N N 117 
GLN H    H N N 118 
GLN H2   H N N 119 
GLN HA   H N N 120 
GLN HB2  H N N 121 
GLN HB3  H N N 122 
GLN HG2  H N N 123 
GLN HG3  H N N 124 
GLN HE21 H N N 125 
GLN HE22 H N N 126 
GLN HXT  H N N 127 
GLU N    N N N 128 
GLU CA   C N S 129 
GLU C    C N N 130 
GLU O    O N N 131 
GLU CB   C N N 132 
GLU CG   C N N 133 
GLU CD   C N N 134 
GLU OE1  O N N 135 
GLU OE2  O N N 136 
GLU OXT  O N N 137 
GLU H    H N N 138 
GLU H2   H N N 139 
GLU HA   H N N 140 
GLU HB2  H N N 141 
GLU HB3  H N N 142 
GLU HG2  H N N 143 
GLU HG3  H N N 144 
GLU HE2  H N N 145 
GLU HXT  H N N 146 
GLY N    N N N 147 
GLY CA   C N N 148 
GLY C    C N N 149 
GLY O    O N N 150 
GLY OXT  O N N 151 
GLY H    H N N 152 
GLY H2   H N N 153 
GLY HA2  H N N 154 
GLY HA3  H N N 155 
GLY HXT  H N N 156 
HIS N    N N N 157 
HIS CA   C N S 158 
HIS C    C N N 159 
HIS O    O N N 160 
HIS CB   C N N 161 
HIS CG   C Y N 162 
HIS ND1  N Y N 163 
HIS CD2  C Y N 164 
HIS CE1  C Y N 165 
HIS NE2  N Y N 166 
HIS OXT  O N N 167 
HIS H    H N N 168 
HIS H2   H N N 169 
HIS HA   H N N 170 
HIS HB2  H N N 171 
HIS HB3  H N N 172 
HIS HD1  H N N 173 
HIS HD2  H N N 174 
HIS HE1  H N N 175 
HIS HE2  H N N 176 
HIS HXT  H N N 177 
HOH O    O N N 178 
HOH H1   H N N 179 
HOH H2   H N N 180 
ILE N    N N N 181 
ILE CA   C N S 182 
ILE C    C N N 183 
ILE O    O N N 184 
ILE CB   C N S 185 
ILE CG1  C N N 186 
ILE CG2  C N N 187 
ILE CD1  C N N 188 
ILE OXT  O N N 189 
ILE H    H N N 190 
ILE H2   H N N 191 
ILE HA   H N N 192 
ILE HB   H N N 193 
ILE HG12 H N N 194 
ILE HG13 H N N 195 
ILE HG21 H N N 196 
ILE HG22 H N N 197 
ILE HG23 H N N 198 
ILE HD11 H N N 199 
ILE HD12 H N N 200 
ILE HD13 H N N 201 
ILE HXT  H N N 202 
LEU N    N N N 203 
LEU CA   C N S 204 
LEU C    C N N 205 
LEU O    O N N 206 
LEU CB   C N N 207 
LEU CG   C N N 208 
LEU CD1  C N N 209 
LEU CD2  C N N 210 
LEU OXT  O N N 211 
LEU H    H N N 212 
LEU H2   H N N 213 
LEU HA   H N N 214 
LEU HB2  H N N 215 
LEU HB3  H N N 216 
LEU HG   H N N 217 
LEU HD11 H N N 218 
LEU HD12 H N N 219 
LEU HD13 H N N 220 
LEU HD21 H N N 221 
LEU HD22 H N N 222 
LEU HD23 H N N 223 
LEU HXT  H N N 224 
LYS N    N N N 225 
LYS CA   C N S 226 
LYS C    C N N 227 
LYS O    O N N 228 
LYS CB   C N N 229 
LYS CG   C N N 230 
LYS CD   C N N 231 
LYS CE   C N N 232 
LYS NZ   N N N 233 
LYS OXT  O N N 234 
LYS H    H N N 235 
LYS H2   H N N 236 
LYS HA   H N N 237 
LYS HB2  H N N 238 
LYS HB3  H N N 239 
LYS HG2  H N N 240 
LYS HG3  H N N 241 
LYS HD2  H N N 242 
LYS HD3  H N N 243 
LYS HE2  H N N 244 
LYS HE3  H N N 245 
LYS HZ1  H N N 246 
LYS HZ2  H N N 247 
LYS HZ3  H N N 248 
LYS HXT  H N N 249 
MET N    N N N 250 
MET CA   C N S 251 
MET C    C N N 252 
MET O    O N N 253 
MET CB   C N N 254 
MET CG   C N N 255 
MET SD   S N N 256 
MET CE   C N N 257 
MET OXT  O N N 258 
MET H    H N N 259 
MET H2   H N N 260 
MET HA   H N N 261 
MET HB2  H N N 262 
MET HB3  H N N 263 
MET HG2  H N N 264 
MET HG3  H N N 265 
MET HE1  H N N 266 
MET HE2  H N N 267 
MET HE3  H N N 268 
MET HXT  H N N 269 
PHE N    N N N 270 
PHE CA   C N S 271 
PHE C    C N N 272 
PHE O    O N N 273 
PHE CB   C N N 274 
PHE CG   C Y N 275 
PHE CD1  C Y N 276 
PHE CD2  C Y N 277 
PHE CE1  C Y N 278 
PHE CE2  C Y N 279 
PHE CZ   C Y N 280 
PHE OXT  O N N 281 
PHE H    H N N 282 
PHE H2   H N N 283 
PHE HA   H N N 284 
PHE HB2  H N N 285 
PHE HB3  H N N 286 
PHE HD1  H N N 287 
PHE HD2  H N N 288 
PHE HE1  H N N 289 
PHE HE2  H N N 290 
PHE HZ   H N N 291 
PHE HXT  H N N 292 
PRO N    N N N 293 
PRO CA   C N S 294 
PRO C    C N N 295 
PRO O    O N N 296 
PRO CB   C N N 297 
PRO CG   C N N 298 
PRO CD   C N N 299 
PRO OXT  O N N 300 
PRO H    H N N 301 
PRO HA   H N N 302 
PRO HB2  H N N 303 
PRO HB3  H N N 304 
PRO HG2  H N N 305 
PRO HG3  H N N 306 
PRO HD2  H N N 307 
PRO HD3  H N N 308 
PRO HXT  H N N 309 
SER N    N N N 310 
SER CA   C N S 311 
SER C    C N N 312 
SER O    O N N 313 
SER CB   C N N 314 
SER OG   O N N 315 
SER OXT  O N N 316 
SER H    H N N 317 
SER H2   H N N 318 
SER HA   H N N 319 
SER HB2  H N N 320 
SER HB3  H N N 321 
SER HG   H N N 322 
SER HXT  H N N 323 
THR N    N N N 324 
THR CA   C N S 325 
THR C    C N N 326 
THR O    O N N 327 
THR CB   C N R 328 
THR OG1  O N N 329 
THR CG2  C N N 330 
THR OXT  O N N 331 
THR H    H N N 332 
THR H2   H N N 333 
THR HA   H N N 334 
THR HB   H N N 335 
THR HG1  H N N 336 
THR HG21 H N N 337 
THR HG22 H N N 338 
THR HG23 H N N 339 
THR HXT  H N N 340 
TRP N    N N N 341 
TRP CA   C N S 342 
TRP C    C N N 343 
TRP O    O N N 344 
TRP CB   C N N 345 
TRP CG   C Y N 346 
TRP CD1  C Y N 347 
TRP CD2  C Y N 348 
TRP NE1  N Y N 349 
TRP CE2  C Y N 350 
TRP CE3  C Y N 351 
TRP CZ2  C Y N 352 
TRP CZ3  C Y N 353 
TRP CH2  C Y N 354 
TRP OXT  O N N 355 
TRP H    H N N 356 
TRP H2   H N N 357 
TRP HA   H N N 358 
TRP HB2  H N N 359 
TRP HB3  H N N 360 
TRP HD1  H N N 361 
TRP HE1  H N N 362 
TRP HE3  H N N 363 
TRP HZ2  H N N 364 
TRP HZ3  H N N 365 
TRP HH2  H N N 366 
TRP HXT  H N N 367 
TYR N    N N N 368 
TYR CA   C N S 369 
TYR C    C N N 370 
TYR O    O N N 371 
TYR CB   C N N 372 
TYR CG   C Y N 373 
TYR CD1  C Y N 374 
TYR CD2  C Y N 375 
TYR CE1  C Y N 376 
TYR CE2  C Y N 377 
TYR CZ   C Y N 378 
TYR OH   O N N 379 
TYR OXT  O N N 380 
TYR H    H N N 381 
TYR H2   H N N 382 
TYR HA   H N N 383 
TYR HB2  H N N 384 
TYR HB3  H N N 385 
TYR HD1  H N N 386 
TYR HD2  H N N 387 
TYR HE1  H N N 388 
TYR HE2  H N N 389 
TYR HH   H N N 390 
TYR HXT  H N N 391 
VAL N    N N N 392 
VAL CA   C N S 393 
VAL C    C N N 394 
VAL O    O N N 395 
VAL CB   C N N 396 
VAL CG1  C N N 397 
VAL CG2  C N N 398 
VAL OXT  O N N 399 
VAL H    H N N 400 
VAL H2   H N N 401 
VAL HA   H N N 402 
VAL HB   H N N 403 
VAL HG11 H N N 404 
VAL HG12 H N N 405 
VAL HG13 H N N 406 
VAL HG21 H N N 407 
VAL HG22 H N N 408 
VAL HG23 H N N 409 
VAL HXT  H N N 410 
# 
loop_
_chem_comp_bond.comp_id 
_chem_comp_bond.atom_id_1 
_chem_comp_bond.atom_id_2 
_chem_comp_bond.value_order 
_chem_comp_bond.pdbx_aromatic_flag 
_chem_comp_bond.pdbx_stereo_config 
_chem_comp_bond.pdbx_ordinal 
ALA N   CA   sing N N 1   
ALA N   H    sing N N 2   
ALA N   H2   sing N N 3   
ALA CA  C    sing N N 4   
ALA CA  CB   sing N N 5   
ALA CA  HA   sing N N 6   
ALA C   O    doub N N 7   
ALA C   OXT  sing N N 8   
ALA CB  HB1  sing N N 9   
ALA CB  HB2  sing N N 10  
ALA CB  HB3  sing N N 11  
ALA OXT HXT  sing N N 12  
ARG N   CA   sing N N 13  
ARG N   H    sing N N 14  
ARG N   H2   sing N N 15  
ARG CA  C    sing N N 16  
ARG CA  CB   sing N N 17  
ARG CA  HA   sing N N 18  
ARG C   O    doub N N 19  
ARG C   OXT  sing N N 20  
ARG CB  CG   sing N N 21  
ARG CB  HB2  sing N N 22  
ARG CB  HB3  sing N N 23  
ARG CG  CD   sing N N 24  
ARG CG  HG2  sing N N 25  
ARG CG  HG3  sing N N 26  
ARG CD  NE   sing N N 27  
ARG CD  HD2  sing N N 28  
ARG CD  HD3  sing N N 29  
ARG NE  CZ   sing N N 30  
ARG NE  HE   sing N N 31  
ARG CZ  NH1  sing N N 32  
ARG CZ  NH2  doub N N 33  
ARG NH1 HH11 sing N N 34  
ARG NH1 HH12 sing N N 35  
ARG NH2 HH21 sing N N 36  
ARG NH2 HH22 sing N N 37  
ARG OXT HXT  sing N N 38  
ASN N   CA   sing N N 39  
ASN N   H    sing N N 40  
ASN N   H2   sing N N 41  
ASN CA  C    sing N N 42  
ASN CA  CB   sing N N 43  
ASN CA  HA   sing N N 44  
ASN C   O    doub N N 45  
ASN C   OXT  sing N N 46  
ASN CB  CG   sing N N 47  
ASN CB  HB2  sing N N 48  
ASN CB  HB3  sing N N 49  
ASN CG  OD1  doub N N 50  
ASN CG  ND2  sing N N 51  
ASN ND2 HD21 sing N N 52  
ASN ND2 HD22 sing N N 53  
ASN OXT HXT  sing N N 54  
ASP N   CA   sing N N 55  
ASP N   H    sing N N 56  
ASP N   H2   sing N N 57  
ASP CA  C    sing N N 58  
ASP CA  CB   sing N N 59  
ASP CA  HA   sing N N 60  
ASP C   O    doub N N 61  
ASP C   OXT  sing N N 62  
ASP CB  CG   sing N N 63  
ASP CB  HB2  sing N N 64  
ASP CB  HB3  sing N N 65  
ASP CG  OD1  doub N N 66  
ASP CG  OD2  sing N N 67  
ASP OD2 HD2  sing N N 68  
ASP OXT HXT  sing N N 69  
CYS N   CA   sing N N 70  
CYS N   H    sing N N 71  
CYS N   H2   sing N N 72  
CYS CA  C    sing N N 73  
CYS CA  CB   sing N N 74  
CYS CA  HA   sing N N 75  
CYS C   O    doub N N 76  
CYS C   OXT  sing N N 77  
CYS CB  SG   sing N N 78  
CYS CB  HB2  sing N N 79  
CYS CB  HB3  sing N N 80  
CYS SG  HG   sing N N 81  
CYS OXT HXT  sing N N 82  
DMS S   O    doub N N 83  
DMS S   C1   sing N N 84  
DMS S   C2   sing N N 85  
DMS C1  H11  sing N N 86  
DMS C1  H12  sing N N 87  
DMS C1  H13  sing N N 88  
DMS C2  H21  sing N N 89  
DMS C2  H22  sing N N 90  
DMS C2  H23  sing N N 91  
EDO C1  O1   sing N N 92  
EDO C1  C2   sing N N 93  
EDO C1  H11  sing N N 94  
EDO C1  H12  sing N N 95  
EDO O1  HO1  sing N N 96  
EDO C2  O2   sing N N 97  
EDO C2  H21  sing N N 98  
EDO C2  H22  sing N N 99  
EDO O2  HO2  sing N N 100 
GLN N   CA   sing N N 101 
GLN N   H    sing N N 102 
GLN N   H2   sing N N 103 
GLN CA  C    sing N N 104 
GLN CA  CB   sing N N 105 
GLN CA  HA   sing N N 106 
GLN C   O    doub N N 107 
GLN C   OXT  sing N N 108 
GLN CB  CG   sing N N 109 
GLN CB  HB2  sing N N 110 
GLN CB  HB3  sing N N 111 
GLN CG  CD   sing N N 112 
GLN CG  HG2  sing N N 113 
GLN CG  HG3  sing N N 114 
GLN CD  OE1  doub N N 115 
GLN CD  NE2  sing N N 116 
GLN NE2 HE21 sing N N 117 
GLN NE2 HE22 sing N N 118 
GLN OXT HXT  sing N N 119 
GLU N   CA   sing N N 120 
GLU N   H    sing N N 121 
GLU N   H2   sing N N 122 
GLU CA  C    sing N N 123 
GLU CA  CB   sing N N 124 
GLU CA  HA   sing N N 125 
GLU C   O    doub N N 126 
GLU C   OXT  sing N N 127 
GLU CB  CG   sing N N 128 
GLU CB  HB2  sing N N 129 
GLU CB  HB3  sing N N 130 
GLU CG  CD   sing N N 131 
GLU CG  HG2  sing N N 132 
GLU CG  HG3  sing N N 133 
GLU CD  OE1  doub N N 134 
GLU CD  OE2  sing N N 135 
GLU OE2 HE2  sing N N 136 
GLU OXT HXT  sing N N 137 
GLY N   CA   sing N N 138 
GLY N   H    sing N N 139 
GLY N   H2   sing N N 140 
GLY CA  C    sing N N 141 
GLY CA  HA2  sing N N 142 
GLY CA  HA3  sing N N 143 
GLY C   O    doub N N 144 
GLY C   OXT  sing N N 145 
GLY OXT HXT  sing N N 146 
HIS N   CA   sing N N 147 
HIS N   H    sing N N 148 
HIS N   H2   sing N N 149 
HIS CA  C    sing N N 150 
HIS CA  CB   sing N N 151 
HIS CA  HA   sing N N 152 
HIS C   O    doub N N 153 
HIS C   OXT  sing N N 154 
HIS CB  CG   sing N N 155 
HIS CB  HB2  sing N N 156 
HIS CB  HB3  sing N N 157 
HIS CG  ND1  sing Y N 158 
HIS CG  CD2  doub Y N 159 
HIS ND1 CE1  doub Y N 160 
HIS ND1 HD1  sing N N 161 
HIS CD2 NE2  sing Y N 162 
HIS CD2 HD2  sing N N 163 
HIS CE1 NE2  sing Y N 164 
HIS CE1 HE1  sing N N 165 
HIS NE2 HE2  sing N N 166 
HIS OXT HXT  sing N N 167 
HOH O   H1   sing N N 168 
HOH O   H2   sing N N 169 
ILE N   CA   sing N N 170 
ILE N   H    sing N N 171 
ILE N   H2   sing N N 172 
ILE CA  C    sing N N 173 
ILE CA  CB   sing N N 174 
ILE CA  HA   sing N N 175 
ILE C   O    doub N N 176 
ILE C   OXT  sing N N 177 
ILE CB  CG1  sing N N 178 
ILE CB  CG2  sing N N 179 
ILE CB  HB   sing N N 180 
ILE CG1 CD1  sing N N 181 
ILE CG1 HG12 sing N N 182 
ILE CG1 HG13 sing N N 183 
ILE CG2 HG21 sing N N 184 
ILE CG2 HG22 sing N N 185 
ILE CG2 HG23 sing N N 186 
ILE CD1 HD11 sing N N 187 
ILE CD1 HD12 sing N N 188 
ILE CD1 HD13 sing N N 189 
ILE OXT HXT  sing N N 190 
LEU N   CA   sing N N 191 
LEU N   H    sing N N 192 
LEU N   H2   sing N N 193 
LEU CA  C    sing N N 194 
LEU CA  CB   sing N N 195 
LEU CA  HA   sing N N 196 
LEU C   O    doub N N 197 
LEU C   OXT  sing N N 198 
LEU CB  CG   sing N N 199 
LEU CB  HB2  sing N N 200 
LEU CB  HB3  sing N N 201 
LEU CG  CD1  sing N N 202 
LEU CG  CD2  sing N N 203 
LEU CG  HG   sing N N 204 
LEU CD1 HD11 sing N N 205 
LEU CD1 HD12 sing N N 206 
LEU CD1 HD13 sing N N 207 
LEU CD2 HD21 sing N N 208 
LEU CD2 HD22 sing N N 209 
LEU CD2 HD23 sing N N 210 
LEU OXT HXT  sing N N 211 
LYS N   CA   sing N N 212 
LYS N   H    sing N N 213 
LYS N   H2   sing N N 214 
LYS CA  C    sing N N 215 
LYS CA  CB   sing N N 216 
LYS CA  HA   sing N N 217 
LYS C   O    doub N N 218 
LYS C   OXT  sing N N 219 
LYS CB  CG   sing N N 220 
LYS CB  HB2  sing N N 221 
LYS CB  HB3  sing N N 222 
LYS CG  CD   sing N N 223 
LYS CG  HG2  sing N N 224 
LYS CG  HG3  sing N N 225 
LYS CD  CE   sing N N 226 
LYS CD  HD2  sing N N 227 
LYS CD  HD3  sing N N 228 
LYS CE  NZ   sing N N 229 
LYS CE  HE2  sing N N 230 
LYS CE  HE3  sing N N 231 
LYS NZ  HZ1  sing N N 232 
LYS NZ  HZ2  sing N N 233 
LYS NZ  HZ3  sing N N 234 
LYS OXT HXT  sing N N 235 
MET N   CA   sing N N 236 
MET N   H    sing N N 237 
MET N   H2   sing N N 238 
MET CA  C    sing N N 239 
MET CA  CB   sing N N 240 
MET CA  HA   sing N N 241 
MET C   O    doub N N 242 
MET C   OXT  sing N N 243 
MET CB  CG   sing N N 244 
MET CB  HB2  sing N N 245 
MET CB  HB3  sing N N 246 
MET CG  SD   sing N N 247 
MET CG  HG2  sing N N 248 
MET CG  HG3  sing N N 249 
MET SD  CE   sing N N 250 
MET CE  HE1  sing N N 251 
MET CE  HE2  sing N N 252 
MET CE  HE3  sing N N 253 
MET OXT HXT  sing N N 254 
PHE N   CA   sing N N 255 
PHE N   H    sing N N 256 
PHE N   H2   sing N N 257 
PHE CA  C    sing N N 258 
PHE CA  CB   sing N N 259 
PHE CA  HA   sing N N 260 
PHE C   O    doub N N 261 
PHE C   OXT  sing N N 262 
PHE CB  CG   sing N N 263 
PHE CB  HB2  sing N N 264 
PHE CB  HB3  sing N N 265 
PHE CG  CD1  doub Y N 266 
PHE CG  CD2  sing Y N 267 
PHE CD1 CE1  sing Y N 268 
PHE CD1 HD1  sing N N 269 
PHE CD2 CE2  doub Y N 270 
PHE CD2 HD2  sing N N 271 
PHE CE1 CZ   doub Y N 272 
PHE CE1 HE1  sing N N 273 
PHE CE2 CZ   sing Y N 274 
PHE CE2 HE2  sing N N 275 
PHE CZ  HZ   sing N N 276 
PHE OXT HXT  sing N N 277 
PRO N   CA   sing N N 278 
PRO N   CD   sing N N 279 
PRO N   H    sing N N 280 
PRO CA  C    sing N N 281 
PRO CA  CB   sing N N 282 
PRO CA  HA   sing N N 283 
PRO C   O    doub N N 284 
PRO C   OXT  sing N N 285 
PRO CB  CG   sing N N 286 
PRO CB  HB2  sing N N 287 
PRO CB  HB3  sing N N 288 
PRO CG  CD   sing N N 289 
PRO CG  HG2  sing N N 290 
PRO CG  HG3  sing N N 291 
PRO CD  HD2  sing N N 292 
PRO CD  HD3  sing N N 293 
PRO OXT HXT  sing N N 294 
SER N   CA   sing N N 295 
SER N   H    sing N N 296 
SER N   H2   sing N N 297 
SER CA  C    sing N N 298 
SER CA  CB   sing N N 299 
SER CA  HA   sing N N 300 
SER C   O    doub N N 301 
SER C   OXT  sing N N 302 
SER CB  OG   sing N N 303 
SER CB  HB2  sing N N 304 
SER CB  HB3  sing N N 305 
SER OG  HG   sing N N 306 
SER OXT HXT  sing N N 307 
THR N   CA   sing N N 308 
THR N   H    sing N N 309 
THR N   H2   sing N N 310 
THR CA  C    sing N N 311 
THR CA  CB   sing N N 312 
THR CA  HA   sing N N 313 
THR C   O    doub N N 314 
THR C   OXT  sing N N 315 
THR CB  OG1  sing N N 316 
THR CB  CG2  sing N N 317 
THR CB  HB   sing N N 318 
THR OG1 HG1  sing N N 319 
THR CG2 HG21 sing N N 320 
THR CG2 HG22 sing N N 321 
THR CG2 HG23 sing N N 322 
THR OXT HXT  sing N N 323 
TRP N   CA   sing N N 324 
TRP N   H    sing N N 325 
TRP N   H2   sing N N 326 
TRP CA  C    sing N N 327 
TRP CA  CB   sing N N 328 
TRP CA  HA   sing N N 329 
TRP C   O    doub N N 330 
TRP C   OXT  sing N N 331 
TRP CB  CG   sing N N 332 
TRP CB  HB2  sing N N 333 
TRP CB  HB3  sing N N 334 
TRP CG  CD1  doub Y N 335 
TRP CG  CD2  sing Y N 336 
TRP CD1 NE1  sing Y N 337 
TRP CD1 HD1  sing N N 338 
TRP CD2 CE2  doub Y N 339 
TRP CD2 CE3  sing Y N 340 
TRP NE1 CE2  sing Y N 341 
TRP NE1 HE1  sing N N 342 
TRP CE2 CZ2  sing Y N 343 
TRP CE3 CZ3  doub Y N 344 
TRP CE3 HE3  sing N N 345 
TRP CZ2 CH2  doub Y N 346 
TRP CZ2 HZ2  sing N N 347 
TRP CZ3 CH2  sing Y N 348 
TRP CZ3 HZ3  sing N N 349 
TRP CH2 HH2  sing N N 350 
TRP OXT HXT  sing N N 351 
TYR N   CA   sing N N 352 
TYR N   H    sing N N 353 
TYR N   H2   sing N N 354 
TYR CA  C    sing N N 355 
TYR CA  CB   sing N N 356 
TYR CA  HA   sing N N 357 
TYR C   O    doub N N 358 
TYR C   OXT  sing N N 359 
TYR CB  CG   sing N N 360 
TYR CB  HB2  sing N N 361 
TYR CB  HB3  sing N N 362 
TYR CG  CD1  doub Y N 363 
TYR CG  CD2  sing Y N 364 
TYR CD1 CE1  sing Y N 365 
TYR CD1 HD1  sing N N 366 
TYR CD2 CE2  doub Y N 367 
TYR CD2 HD2  sing N N 368 
TYR CE1 CZ   doub Y N 369 
TYR CE1 HE1  sing N N 370 
TYR CE2 CZ   sing Y N 371 
TYR CE2 HE2  sing N N 372 
TYR CZ  OH   sing N N 373 
TYR OH  HH   sing N N 374 
TYR OXT HXT  sing N N 375 
VAL N   CA   sing N N 376 
VAL N   H    sing N N 377 
VAL N   H2   sing N N 378 
VAL CA  C    sing N N 379 
VAL CA  CB   sing N N 380 
VAL CA  HA   sing N N 381 
VAL C   O    doub N N 382 
VAL C   OXT  sing N N 383 
VAL CB  CG1  sing N N 384 
VAL CB  CG2  sing N N 385 
VAL CB  HB   sing N N 386 
VAL CG1 HG11 sing N N 387 
VAL CG1 HG12 sing N N 388 
VAL CG1 HG13 sing N N 389 
VAL CG2 HG21 sing N N 390 
VAL CG2 HG22 sing N N 391 
VAL CG2 HG23 sing N N 392 
VAL OXT HXT  sing N N 393 
# 
_pdbx_audit_support.funding_organization   'Not funded' 
_pdbx_audit_support.country                ? 
_pdbx_audit_support.grant_number           ? 
_pdbx_audit_support.ordinal                1 
# 
loop_
_pdbx_entity_nonpoly.entity_id 
_pdbx_entity_nonpoly.name 
_pdbx_entity_nonpoly.comp_id 
2 1,2-ETHANEDIOL       EDO 
3 'DIMETHYL SULFOXIDE' DMS 
4 water                HOH 
# 
_pdbx_initial_refinement_model.id               1 
_pdbx_initial_refinement_model.entity_id_list   ? 
_pdbx_initial_refinement_model.type             'experimental model' 
_pdbx_initial_refinement_model.source_name      PDB 
_pdbx_initial_refinement_model.accession_code   5UF0 
_pdbx_initial_refinement_model.details          ? 
# 
_pdbx_struct_assembly_auth_evidence.id                     1 
_pdbx_struct_assembly_auth_evidence.assembly_id            1 
_pdbx_struct_assembly_auth_evidence.experimental_support   'gel filtration' 
_pdbx_struct_assembly_auth_evidence.details                ? 
# 
